data_8F5U
#
_entry.id   8F5U
#
_cell.length_a   113.131
_cell.length_b   130.198
_cell.length_c   170.282
_cell.angle_alpha   90.00
_cell.angle_beta   90.00
_cell.angle_gamma   90.00
#
_symmetry.space_group_name_H-M   'P 21 21 21'
#
loop_
_entity.id
_entity.type
_entity.pdbx_description
1 polymer 'Pyruvate kinase PKM'
2 non-polymer GLYCEROL
3 non-polymer 1,2-ETHANEDIOL
4 non-polymer 'POTASSIUM ION'
5 non-polymer 'MAGNESIUM ION'
6 non-polymer 'PYRUVIC ACID'
7 non-polymer 2-AMINO-2-HYDROXYMETHYL-PROPANE-1,3-DIOL
8 water water
#
_entity_poly.entity_id   1
_entity_poly.type   'polypeptide(L)'
_entity_poly.pdbx_seq_one_letter_code
;MSKSHSEAGSAFIQTQQLHAAMADTFLEHMCRLDIDSAPITARNTGIICTIGPASRSVETLKEMIKSGMNVARMNFSHGT
HEYHAETIKNVRTATESFASDPILYRPVAVALDTKGPEIRTGLIKGSGTAEVELKKGATLKITLDNAYMEKCDENILWLD
YKNICKVVDVGSKVYVDDGLISLQVKQKGPDFLVTEVENGGFLGSKKGVNLPGAAVDLPAVSEKDIQDLKFGVEQDVDMV
FASFIRKAADVHEVRKILGEKGKNIKIISKIENHEGVRRFDEILEASDGIMVARGDLGIEIPAEKVFLAQKMIIGRCNRA
GKPVICATQMLESMIKKPRPTRAEGSDVANAVLDGADCIMLSGETAKGDYPLEAVRMQHLIAREAEAAMFHRKLFEELAR
ASSHSTDLMEAMAMGSVEASYKCLAAALIVLTESGRSAHQVARYRPRAPIIAVTRNHQTARQAHLYRGIFPVVCKDPVQE
AWAEDVDLRVNLAMNVGKARGFFKKGDVVIVLTGWRPGSGFTNTMRVVPVP
;
_entity_poly.pdbx_strand_id   A,B,C,D
#
loop_
_chem_comp.id
_chem_comp.type
_chem_comp.name
_chem_comp.formula
EDO non-polymer 1,2-ETHANEDIOL 'C2 H6 O2'
GOL non-polymer GLYCEROL 'C3 H8 O3'
K non-polymer 'POTASSIUM ION' 'K 1'
MG non-polymer 'MAGNESIUM ION' 'Mg 2'
PYR non-polymer 'PYRUVIC ACID' 'C3 H4 O3'
TRS non-polymer 2-AMINO-2-HYDROXYMETHYL-PROPANE-1,3-DIOL 'C4 H12 N O3 1'
#
# COMPACT_ATOMS: atom_id res chain seq x y z
N ILE A 13 -15.31 23.09 -4.84
CA ILE A 13 -13.95 22.73 -5.23
C ILE A 13 -12.94 23.00 -4.11
N GLN A 14 -12.47 21.92 -3.48
CA GLN A 14 -11.43 22.06 -2.48
C GLN A 14 -10.18 22.69 -3.09
N THR A 15 -9.52 23.54 -2.31
CA THR A 15 -8.28 24.15 -2.74
C THR A 15 -7.14 23.16 -2.59
N GLN A 16 -5.99 23.50 -3.18
CA GLN A 16 -4.74 22.87 -2.82
C GLN A 16 -4.73 21.38 -3.16
N GLN A 17 -5.52 20.99 -4.17
CA GLN A 17 -5.62 19.58 -4.60
C GLN A 17 -5.95 18.66 -3.43
N LEU A 18 -6.74 19.16 -2.48
CA LEU A 18 -7.03 18.37 -1.29
C LEU A 18 -7.97 17.21 -1.58
N HIS A 19 -8.74 17.28 -2.67
CA HIS A 19 -9.54 16.13 -3.06
C HIS A 19 -8.65 15.01 -3.58
N ALA A 20 -7.71 15.33 -4.48
CA ALA A 20 -6.70 14.36 -4.88
C ALA A 20 -5.95 13.84 -3.66
N ALA A 21 -5.74 14.69 -2.66
CA ALA A 21 -4.98 14.30 -1.48
C ALA A 21 -5.63 13.15 -0.74
N MET A 22 -6.96 13.04 -0.79
CA MET A 22 -7.69 12.00 -0.08
CA MET A 22 -7.73 12.01 -0.09
C MET A 22 -7.77 10.68 -0.83
N ALA A 23 -6.98 10.50 -1.89
CA ALA A 23 -7.09 9.32 -2.73
C ALA A 23 -6.39 8.12 -2.09
N ASP A 24 -6.85 6.93 -2.48
CA ASP A 24 -6.27 5.69 -1.97
CA ASP A 24 -6.29 5.68 -1.98
C ASP A 24 -5.08 5.21 -2.79
N THR A 25 -5.03 5.53 -4.08
CA THR A 25 -3.94 5.07 -4.93
C THR A 25 -3.35 6.25 -5.68
N PHE A 26 -2.13 6.05 -6.19
CA PHE A 26 -1.51 7.05 -7.06
C PHE A 26 -2.39 7.36 -8.26
N LEU A 27 -2.92 6.33 -8.92
CA LEU A 27 -3.75 6.54 -10.09
C LEU A 27 -4.97 7.39 -9.76
N GLU A 28 -5.64 7.10 -8.63
CA GLU A 28 -6.78 7.90 -8.21
C GLU A 28 -6.36 9.34 -7.92
N HIS A 29 -5.18 9.50 -7.31
CA HIS A 29 -4.67 10.84 -7.04
C HIS A 29 -4.49 11.63 -8.34
N MET A 30 -3.85 11.01 -9.34
CA MET A 30 -3.75 11.60 -10.67
C MET A 30 -5.13 11.98 -11.23
N CYS A 31 -6.07 11.04 -11.22
CA CYS A 31 -7.35 11.28 -11.86
C CYS A 31 -8.11 12.44 -11.21
N ARG A 32 -7.74 12.83 -9.99
CA ARG A 32 -8.44 13.88 -9.27
C ARG A 32 -7.76 15.25 -9.38
N LEU A 33 -6.59 15.34 -10.01
CA LEU A 33 -5.93 16.62 -10.17
C LEU A 33 -6.83 17.57 -10.94
N ASP A 34 -7.00 18.77 -10.41
CA ASP A 34 -8.08 19.66 -10.82
C ASP A 34 -7.52 21.05 -11.08
N ILE A 35 -7.62 21.51 -12.34
CA ILE A 35 -7.10 22.81 -12.72
C ILE A 35 -7.90 23.95 -12.11
N ASP A 36 -9.06 23.68 -11.55
CA ASP A 36 -9.86 24.69 -10.89
C ASP A 36 -9.62 24.72 -9.38
N SER A 37 -8.71 23.89 -8.86
CA SER A 37 -8.38 23.87 -7.44
C SER A 37 -7.24 24.83 -7.16
N ALA A 38 -7.52 25.88 -6.37
CA ALA A 38 -6.57 26.96 -6.18
C ALA A 38 -5.41 26.55 -5.28
N PRO A 39 -4.17 26.80 -5.67
CA PRO A 39 -3.04 26.59 -4.75
C PRO A 39 -3.00 27.68 -3.70
N ILE A 40 -2.20 27.44 -2.65
CA ILE A 40 -2.04 28.45 -1.61
C ILE A 40 -1.07 29.53 -2.06
N THR A 41 -0.98 30.60 -1.28
CA THR A 41 -0.11 31.72 -1.64
C THR A 41 1.36 31.34 -1.58
N ALA A 42 1.76 30.66 -0.51
CA ALA A 42 3.17 30.36 -0.28
C ALA A 42 3.69 29.37 -1.32
N ARG A 43 4.90 29.63 -1.81
CA ARG A 43 5.64 28.69 -2.65
C ARG A 43 6.81 28.12 -1.85
N ASN A 44 6.85 26.79 -1.74
CA ASN A 44 7.89 26.13 -0.95
C ASN A 44 9.21 25.93 -1.70
N THR A 45 9.19 25.84 -3.02
CA THR A 45 10.40 25.49 -3.75
C THR A 45 11.26 26.73 -3.97
N GLY A 46 12.51 26.71 -3.51
CA GLY A 46 13.39 27.83 -3.73
C GLY A 46 13.74 28.02 -5.20
N ILE A 47 14.01 29.27 -5.56
CA ILE A 47 14.38 29.61 -6.93
C ILE A 47 15.79 30.21 -6.93
N ILE A 48 16.67 29.62 -7.72
CA ILE A 48 18.06 30.02 -7.83
C ILE A 48 18.25 30.63 -9.21
N CYS A 49 18.68 31.89 -9.25
CA CYS A 49 18.87 32.64 -10.49
C CYS A 49 20.35 32.93 -10.71
N THR A 50 20.84 32.59 -11.90
CA THR A 50 22.17 33.02 -12.31
C THR A 50 22.13 34.49 -12.69
N ILE A 51 23.02 35.26 -12.10
CA ILE A 51 23.08 36.70 -12.36
C ILE A 51 24.10 36.96 -13.46
N GLY A 52 23.78 37.90 -14.35
CA GLY A 52 24.61 38.21 -15.48
C GLY A 52 24.26 39.57 -16.04
N PRO A 53 24.73 39.88 -17.26
CA PRO A 53 24.47 41.20 -17.83
C PRO A 53 22.99 41.57 -17.90
N ALA A 54 22.10 40.60 -18.09
CA ALA A 54 20.67 40.90 -18.14
C ALA A 54 20.05 41.16 -16.77
N SER A 55 20.71 40.77 -15.67
CA SER A 55 20.11 40.78 -14.34
C SER A 55 20.98 41.45 -13.29
N ARG A 56 22.06 42.09 -13.69
CA ARG A 56 23.11 42.52 -12.77
C ARG A 56 22.85 43.88 -12.12
N SER A 57 22.03 44.74 -12.72
CA SER A 57 21.81 46.07 -12.14
C SER A 57 21.02 45.96 -10.85
N VAL A 58 21.23 46.93 -9.96
CA VAL A 58 20.49 46.98 -8.70
C VAL A 58 18.99 47.05 -8.98
N GLU A 59 18.59 47.89 -9.93
CA GLU A 59 17.16 48.03 -10.24
C GLU A 59 16.57 46.73 -10.78
N THR A 60 17.32 46.00 -11.61
CA THR A 60 16.79 44.72 -12.05
C THR A 60 16.75 43.72 -10.89
N LEU A 61 17.80 43.70 -10.06
CA LEU A 61 17.82 42.76 -8.94
C LEU A 61 16.66 42.99 -7.99
N LYS A 62 16.24 44.24 -7.80
CA LYS A 62 15.09 44.49 -6.93
C LYS A 62 13.84 43.81 -7.48
N GLU A 63 13.65 43.87 -8.80
CA GLU A 63 12.52 43.19 -9.42
C GLU A 63 12.71 41.68 -9.37
N MET A 64 13.96 41.21 -9.52
CA MET A 64 14.22 39.78 -9.38
C MET A 64 13.73 39.27 -8.03
N ILE A 65 14.00 40.03 -6.96
CA ILE A 65 13.61 39.62 -5.61
C ILE A 65 12.09 39.64 -5.48
N LYS A 66 11.44 40.69 -6.01
CA LYS A 66 9.99 40.79 -5.95
C LYS A 66 9.34 39.68 -6.75
N SER A 67 10.00 39.21 -7.82
CA SER A 67 9.45 38.14 -8.62
C SER A 67 9.67 36.76 -8.00
N GLY A 68 10.53 36.64 -7.00
CA GLY A 68 10.68 35.39 -6.27
C GLY A 68 12.08 34.84 -6.12
N MET A 69 13.10 35.57 -6.59
CA MET A 69 14.47 35.07 -6.47
C MET A 69 14.84 34.89 -5.00
N ASN A 70 15.30 33.68 -4.66
CA ASN A 70 15.80 33.36 -3.31
C ASN A 70 17.31 33.24 -3.23
N VAL A 71 17.97 32.83 -4.31
CA VAL A 71 19.42 32.65 -4.32
C VAL A 71 19.99 33.25 -5.60
N ALA A 72 21.04 34.06 -5.46
CA ALA A 72 21.76 34.58 -6.61
C ALA A 72 23.01 33.73 -6.86
N ARG A 73 23.10 33.14 -8.05
CA ARG A 73 24.22 32.30 -8.40
C ARG A 73 25.21 33.09 -9.24
N MET A 74 26.47 33.15 -8.78
CA MET A 74 27.58 33.70 -9.56
C MET A 74 28.31 32.55 -10.25
N ASN A 75 28.36 32.58 -11.58
CA ASN A 75 28.97 31.51 -12.34
C ASN A 75 30.42 31.87 -12.64
N PHE A 76 31.37 31.23 -11.93
CA PHE A 76 32.78 31.56 -12.07
C PHE A 76 33.45 30.87 -13.24
N SER A 77 32.66 30.27 -14.15
CA SER A 77 33.23 29.90 -15.44
C SER A 77 33.64 31.12 -16.23
N HIS A 78 33.14 32.30 -15.86
CA HIS A 78 33.46 33.53 -16.57
C HIS A 78 33.57 34.66 -15.56
N GLY A 79 34.27 35.72 -15.97
CA GLY A 79 34.33 36.95 -15.20
C GLY A 79 35.48 36.97 -14.21
N THR A 80 35.95 38.18 -13.92
CA THR A 80 37.01 38.42 -12.95
C THR A 80 36.42 38.53 -11.55
N HIS A 81 37.30 38.48 -10.56
CA HIS A 81 36.87 38.74 -9.19
C HIS A 81 36.22 40.12 -9.06
N GLU A 82 36.82 41.14 -9.67
CA GLU A 82 36.26 42.49 -9.61
C GLU A 82 34.84 42.50 -10.14
N TYR A 83 34.58 41.77 -11.21
CA TYR A 83 33.25 41.72 -11.80
C TYR A 83 32.26 41.05 -10.84
N HIS A 84 32.61 39.87 -10.33
CA HIS A 84 31.69 39.20 -9.41
C HIS A 84 31.53 39.95 -8.10
N ALA A 85 32.59 40.59 -7.62
CA ALA A 85 32.48 41.38 -6.39
C ALA A 85 31.41 42.45 -6.54
N GLU A 86 31.38 43.12 -7.69
CA GLU A 86 30.38 44.14 -7.96
C GLU A 86 28.98 43.54 -8.07
N THR A 87 28.88 42.38 -8.71
CA THR A 87 27.59 41.69 -8.77
C THR A 87 27.08 41.38 -7.36
N ILE A 88 27.95 40.83 -6.50
CA ILE A 88 27.55 40.49 -5.14
C ILE A 88 27.15 41.75 -4.39
N LYS A 89 27.89 42.84 -4.60
CA LYS A 89 27.54 44.10 -3.95
C LYS A 89 26.16 44.58 -4.37
N ASN A 90 25.85 44.48 -5.65
CA ASN A 90 24.53 44.90 -6.12
C ASN A 90 23.44 44.02 -5.55
N VAL A 91 23.65 42.70 -5.53
CA VAL A 91 22.66 41.79 -4.94
C VAL A 91 22.35 42.22 -3.51
N ARG A 92 23.38 42.62 -2.75
CA ARG A 92 23.14 42.99 -1.36
C ARG A 92 22.52 44.38 -1.23
N THR A 93 22.92 45.32 -2.09
CA THR A 93 22.22 46.61 -2.14
C THR A 93 20.74 46.40 -2.43
N ALA A 94 20.42 45.59 -3.45
CA ALA A 94 19.03 45.30 -3.77
C ALA A 94 18.33 44.65 -2.60
N THR A 95 18.96 43.61 -2.02
CA THR A 95 18.31 42.87 -0.94
C THR A 95 17.97 43.79 0.23
N GLU A 96 18.94 44.59 0.66
CA GLU A 96 18.77 45.46 1.82
C GLU A 96 17.88 46.66 1.54
N SER A 97 17.59 46.96 0.27
CA SER A 97 16.64 48.03 0.00
C SER A 97 15.25 47.75 0.60
N PHE A 98 14.98 46.50 0.98
CA PHE A 98 13.70 46.14 1.59
C PHE A 98 13.79 45.97 3.11
N ALA A 99 14.95 46.24 3.71
CA ALA A 99 15.06 46.08 5.16
C ALA A 99 14.30 47.16 5.91
N SER A 100 13.82 48.21 5.23
CA SER A 100 13.07 49.27 5.91
C SER A 100 11.78 48.74 6.52
N ASP A 101 11.17 47.73 5.91
CA ASP A 101 9.96 47.09 6.42
C ASP A 101 10.30 45.67 6.86
N PRO A 102 10.74 45.47 8.11
CA PRO A 102 11.22 44.14 8.53
C PRO A 102 10.21 43.02 8.37
N ILE A 103 8.90 43.30 8.38
CA ILE A 103 7.94 42.20 8.32
C ILE A 103 7.87 41.60 6.92
N LEU A 104 8.23 42.35 5.88
CA LEU A 104 8.19 41.84 4.52
C LEU A 104 9.56 41.55 3.94
N TYR A 105 10.64 41.89 4.64
CA TYR A 105 11.99 41.69 4.13
C TYR A 105 12.27 40.20 3.89
N ARG A 106 12.97 39.91 2.80
CA ARG A 106 13.28 38.54 2.44
C ARG A 106 14.79 38.34 2.32
N PRO A 107 15.39 37.45 3.12
CA PRO A 107 16.80 37.12 2.91
C PRO A 107 17.03 36.60 1.49
N VAL A 108 18.16 37.00 0.91
CA VAL A 108 18.62 36.49 -0.36
C VAL A 108 20.01 35.90 -0.15
N ALA A 109 20.22 34.67 -0.60
CA ALA A 109 21.51 34.02 -0.45
C ALA A 109 22.38 34.26 -1.68
N VAL A 110 23.68 34.13 -1.50
CA VAL A 110 24.67 34.26 -2.57
C VAL A 110 25.40 32.93 -2.70
N ALA A 111 25.45 32.41 -3.92
CA ALA A 111 26.09 31.12 -4.19
C ALA A 111 27.22 31.32 -5.19
N LEU A 112 28.31 30.57 -5.00
CA LEU A 112 29.46 30.60 -5.89
C LEU A 112 29.55 29.28 -6.66
N ASP A 113 29.43 29.34 -7.98
CA ASP A 113 29.49 28.16 -8.84
C ASP A 113 30.87 28.10 -9.47
N THR A 114 31.69 27.12 -9.06
CA THR A 114 33.07 27.05 -9.50
C THR A 114 33.17 26.73 -10.99
N LYS A 115 34.28 27.15 -11.60
CA LYS A 115 34.57 26.69 -12.95
C LYS A 115 34.78 25.18 -12.99
N GLY A 116 35.66 24.67 -12.13
CA GLY A 116 35.96 23.26 -12.10
C GLY A 116 36.82 22.84 -13.27
N PRO A 117 36.92 21.54 -13.50
CA PRO A 117 37.83 21.03 -14.55
C PRO A 117 37.24 21.15 -15.96
N GLU A 118 37.05 22.38 -16.40
CA GLU A 118 36.50 22.64 -17.73
C GLU A 118 37.56 22.51 -18.81
N ILE A 119 37.11 22.12 -20.00
CA ILE A 119 37.93 22.13 -21.21
C ILE A 119 37.31 23.11 -22.19
N ARG A 120 38.11 24.01 -22.72
CA ARG A 120 37.64 25.06 -23.62
C ARG A 120 38.52 25.13 -24.85
N THR A 121 37.93 25.55 -25.96
CA THR A 121 38.68 25.86 -27.17
C THR A 121 39.25 27.28 -27.09
N GLY A 122 40.04 27.65 -28.10
CA GLY A 122 40.63 28.97 -28.18
C GLY A 122 39.76 29.98 -28.91
N LEU A 123 40.41 30.98 -29.50
CA LEU A 123 39.73 32.05 -30.24
C LEU A 123 39.72 31.75 -31.73
N ILE A 124 38.54 31.88 -32.34
CA ILE A 124 38.42 31.82 -33.79
C ILE A 124 39.01 33.09 -34.40
N LYS A 125 40.05 32.92 -35.22
CA LYS A 125 40.64 34.04 -35.95
C LYS A 125 40.89 35.25 -35.04
N GLY A 126 41.41 34.99 -33.83
CA GLY A 126 41.73 36.04 -32.88
C GLY A 126 40.55 36.79 -32.31
N SER A 127 39.32 36.40 -32.63
CA SER A 127 38.14 37.19 -32.32
C SER A 127 37.25 36.44 -31.34
N GLY A 128 36.64 37.19 -30.41
CA GLY A 128 35.69 36.60 -29.49
C GLY A 128 34.36 36.29 -30.13
N THR A 129 34.05 36.90 -31.26
CA THR A 129 32.74 36.78 -31.86
C THR A 129 32.72 36.02 -33.19
N ALA A 130 33.89 35.75 -33.78
CA ALA A 130 33.93 35.06 -35.07
C ALA A 130 33.48 33.61 -34.97
N GLU A 131 33.03 33.07 -36.10
CA GLU A 131 32.62 31.67 -36.21
C GLU A 131 33.07 31.10 -37.55
N VAL A 132 33.33 29.79 -37.56
CA VAL A 132 33.59 29.04 -38.78
C VAL A 132 32.58 27.90 -38.85
N GLU A 133 32.41 27.34 -40.04
CA GLU A 133 31.49 26.22 -40.27
C GLU A 133 32.26 24.90 -40.40
N LEU A 134 31.95 23.93 -39.53
CA LEU A 134 32.54 22.59 -39.63
C LEU A 134 31.55 21.67 -40.34
N LYS A 135 31.91 21.21 -41.53
CA LYS A 135 31.04 20.38 -42.37
C LYS A 135 31.29 18.90 -42.09
N LYS A 136 30.20 18.11 -42.10
CA LYS A 136 30.31 16.69 -41.82
C LYS A 136 31.29 15.99 -42.74
N GLY A 137 32.23 15.24 -42.16
CA GLY A 137 33.21 14.51 -42.91
C GLY A 137 34.52 15.25 -43.11
N ALA A 138 34.57 16.54 -42.81
CA ALA A 138 35.80 17.29 -42.98
C ALA A 138 36.84 16.84 -41.97
N THR A 139 38.09 17.19 -42.25
CA THR A 139 39.16 16.94 -41.31
C THR A 139 39.34 18.16 -40.40
N LEU A 140 39.75 17.91 -39.17
CA LEU A 140 39.98 18.96 -38.20
C LEU A 140 41.04 18.49 -37.24
N LYS A 141 42.09 19.30 -37.06
CA LYS A 141 43.21 18.96 -36.21
C LYS A 141 43.09 19.73 -34.89
N ILE A 142 43.22 19.02 -33.78
CA ILE A 142 43.26 19.62 -32.45
C ILE A 142 44.72 19.74 -32.04
N THR A 143 45.16 20.96 -31.74
CA THR A 143 46.51 21.18 -31.26
C THR A 143 46.48 21.69 -29.82
N LEU A 144 47.58 21.47 -29.13
CA LEU A 144 47.84 22.05 -27.82
C LEU A 144 48.84 23.19 -27.88
N ASP A 145 49.56 23.32 -29.00
CA ASP A 145 50.50 24.39 -29.28
C ASP A 145 49.91 25.77 -29.02
N ASN A 146 50.31 26.41 -27.92
CA ASN A 146 49.76 27.72 -27.57
C ASN A 146 49.91 28.76 -28.67
N ALA A 147 50.73 28.50 -29.70
CA ALA A 147 50.80 29.43 -30.81
C ALA A 147 49.46 29.60 -31.51
N TYR A 148 48.58 28.60 -31.38
CA TYR A 148 47.31 28.58 -32.08
C TYR A 148 46.12 28.89 -31.18
N MET A 149 46.35 29.22 -29.91
CA MET A 149 45.21 29.38 -29.00
C MET A 149 44.33 30.56 -29.40
N GLU A 150 44.84 31.49 -30.21
CA GLU A 150 44.02 32.56 -30.78
C GLU A 150 44.01 32.49 -32.30
N LYS A 151 44.20 31.30 -32.86
CA LYS A 151 44.22 31.13 -34.31
C LYS A 151 43.46 29.86 -34.70
N CYS A 152 42.28 29.67 -34.12
CA CYS A 152 41.43 28.57 -34.54
C CYS A 152 40.69 28.95 -35.82
N ASP A 153 40.49 27.95 -36.67
CA ASP A 153 39.68 28.10 -37.89
C ASP A 153 39.08 26.75 -38.24
N GLU A 154 38.54 26.62 -39.44
CA GLU A 154 37.90 25.35 -39.80
C GLU A 154 38.89 24.23 -40.03
N ASN A 155 40.18 24.49 -40.02
CA ASN A 155 41.17 23.44 -40.20
C ASN A 155 41.90 23.06 -38.93
N ILE A 156 42.02 23.97 -37.99
CA ILE A 156 42.87 23.77 -36.83
C ILE A 156 42.17 24.36 -35.61
N LEU A 157 42.09 23.58 -34.54
CA LEU A 157 41.37 23.97 -33.34
C LEU A 157 42.25 23.70 -32.13
N TRP A 158 42.47 24.72 -31.33
CA TRP A 158 43.22 24.62 -30.09
C TRP A 158 42.27 24.42 -28.92
N LEU A 159 42.72 23.67 -27.91
CA LEU A 159 42.00 23.53 -26.65
C LEU A 159 43.02 23.46 -25.52
N ASP A 160 42.53 23.64 -24.29
CA ASP A 160 43.40 23.95 -23.16
C ASP A 160 43.68 22.75 -22.26
N TYR A 161 43.28 21.55 -22.64
CA TYR A 161 43.49 20.36 -21.81
C TYR A 161 44.83 19.74 -22.22
N LYS A 162 45.88 20.11 -21.47
CA LYS A 162 47.25 19.77 -21.88
C LYS A 162 47.46 18.27 -22.02
N ASN A 163 46.83 17.47 -21.16
CA ASN A 163 47.02 16.02 -21.15
C ASN A 163 46.02 15.28 -22.03
N ILE A 164 45.31 15.98 -22.90
CA ILE A 164 44.24 15.32 -23.65
C ILE A 164 44.76 14.16 -24.47
N CYS A 165 45.99 14.25 -24.97
CA CYS A 165 46.53 13.13 -25.74
C CYS A 165 46.66 11.87 -24.88
N LYS A 166 47.00 12.03 -23.60
CA LYS A 166 47.15 10.86 -22.73
C LYS A 166 45.84 10.10 -22.57
N VAL A 167 44.71 10.80 -22.43
CA VAL A 167 43.48 10.17 -21.96
C VAL A 167 42.50 9.82 -23.08
N VAL A 168 42.86 10.05 -24.34
CA VAL A 168 41.96 9.69 -25.42
C VAL A 168 42.68 8.74 -26.36
N ASP A 169 41.90 7.95 -27.08
CA ASP A 169 42.40 6.93 -27.98
C ASP A 169 41.85 7.20 -29.38
N VAL A 170 42.54 6.65 -30.38
CA VAL A 170 41.97 6.62 -31.72
C VAL A 170 40.56 6.03 -31.63
N GLY A 171 39.62 6.63 -32.35
CA GLY A 171 38.22 6.26 -32.27
C GLY A 171 37.41 7.02 -31.24
N SER A 172 38.05 7.58 -30.22
CA SER A 172 37.33 8.33 -29.20
C SER A 172 36.57 9.50 -29.82
N LYS A 173 35.37 9.75 -29.30
CA LYS A 173 34.53 10.86 -29.77
C LYS A 173 34.80 12.11 -28.94
N VAL A 174 34.75 13.27 -29.59
CA VAL A 174 35.00 14.56 -28.97
C VAL A 174 33.79 15.47 -29.23
N TYR A 175 33.25 16.07 -28.18
CA TYR A 175 32.08 16.94 -28.31
C TYR A 175 32.43 18.39 -27.99
N VAL A 176 31.86 19.30 -28.78
CA VAL A 176 32.20 20.72 -28.73
C VAL A 176 30.92 21.55 -28.70
N ASP A 177 30.95 22.60 -27.89
CA ASP A 177 29.91 23.63 -27.80
C ASP A 177 28.56 23.03 -27.35
N ASP A 178 28.50 22.74 -26.06
CA ASP A 178 27.32 22.12 -25.44
C ASP A 178 26.90 20.88 -26.21
N GLY A 179 27.88 20.09 -26.64
CA GLY A 179 27.63 18.84 -27.32
C GLY A 179 26.97 18.94 -28.68
N LEU A 180 26.87 20.16 -29.25
CA LEU A 180 26.22 20.30 -30.54
C LEU A 180 27.07 19.84 -31.71
N ILE A 181 28.39 19.79 -31.56
CA ILE A 181 29.31 19.37 -32.61
C ILE A 181 30.08 18.17 -32.10
N SER A 182 30.34 17.20 -32.97
CA SER A 182 31.07 16.01 -32.56
C SER A 182 32.17 15.66 -33.54
N LEU A 183 33.29 15.21 -33.00
CA LEU A 183 34.47 14.80 -33.76
C LEU A 183 34.92 13.42 -33.29
N GLN A 184 35.59 12.70 -34.18
CA GLN A 184 36.11 11.38 -33.87
C GLN A 184 37.60 11.34 -34.17
N VAL A 185 38.41 11.04 -33.14
CA VAL A 185 39.85 11.01 -33.32
C VAL A 185 40.24 9.94 -34.34
N LYS A 186 41.15 10.30 -35.26
CA LYS A 186 41.69 9.36 -36.23
C LYS A 186 43.19 9.14 -36.09
N GLN A 187 43.92 10.03 -35.44
CA GLN A 187 45.34 9.84 -35.25
C GLN A 187 45.81 10.68 -34.07
N LYS A 188 46.69 10.12 -33.26
CA LYS A 188 47.27 10.81 -32.13
C LYS A 188 48.68 11.32 -32.45
N GLY A 189 49.14 12.26 -31.63
CA GLY A 189 50.46 12.84 -31.76
C GLY A 189 50.92 13.38 -30.42
N PRO A 190 52.19 13.76 -30.31
CA PRO A 190 52.66 14.27 -29.02
C PRO A 190 51.84 15.43 -28.48
N ASP A 191 51.41 16.37 -29.33
CA ASP A 191 50.65 17.51 -28.87
C ASP A 191 49.57 17.89 -29.88
N PHE A 192 48.99 16.89 -30.54
CA PHE A 192 47.89 17.16 -31.47
C PHE A 192 47.06 15.90 -31.61
N LEU A 193 45.87 16.07 -32.18
CA LEU A 193 44.97 14.98 -32.53
C LEU A 193 44.31 15.33 -33.85
N VAL A 194 44.40 14.42 -34.80
CA VAL A 194 43.73 14.58 -36.09
C VAL A 194 42.38 13.90 -35.99
N THR A 195 41.31 14.63 -36.34
CA THR A 195 39.97 14.11 -36.16
C THR A 195 39.12 14.37 -37.40
N GLU A 196 37.96 13.74 -37.43
CA GLU A 196 36.99 13.92 -38.49
C GLU A 196 35.69 14.44 -37.91
N VAL A 197 35.10 15.41 -38.59
CA VAL A 197 33.85 16.00 -38.14
C VAL A 197 32.72 15.02 -38.39
N GLU A 198 32.04 14.60 -37.32
CA GLU A 198 30.89 13.71 -37.39
C GLU A 198 29.58 14.49 -37.44
N ASN A 199 29.27 15.24 -36.38
CA ASN A 199 28.15 16.17 -36.38
C ASN A 199 28.72 17.57 -36.57
N GLY A 200 28.42 18.19 -37.71
CA GLY A 200 28.95 19.50 -38.03
C GLY A 200 28.16 20.62 -37.37
N GLY A 201 28.60 21.84 -37.63
CA GLY A 201 27.91 23.01 -37.15
C GLY A 201 28.83 24.22 -37.16
N PHE A 202 28.26 25.36 -36.75
CA PHE A 202 29.04 26.59 -36.63
C PHE A 202 29.73 26.64 -35.27
N LEU A 203 31.04 26.86 -35.29
CA LEU A 203 31.90 26.79 -34.12
C LEU A 203 32.42 28.19 -33.79
N GLY A 204 32.12 28.66 -32.58
CA GLY A 204 32.59 29.94 -32.09
C GLY A 204 33.82 29.81 -31.21
N SER A 205 34.11 30.87 -30.47
CA SER A 205 35.32 30.97 -29.66
C SER A 205 35.08 30.50 -28.23
N LYS A 206 36.12 29.89 -27.64
CA LYS A 206 36.13 29.52 -26.21
C LYS A 206 34.93 28.67 -25.82
N LYS A 207 34.69 27.61 -26.59
CA LYS A 207 33.54 26.75 -26.35
C LYS A 207 33.94 25.54 -25.50
N GLY A 208 32.95 24.98 -24.81
CA GLY A 208 33.20 23.84 -23.94
C GLY A 208 33.41 22.55 -24.72
N VAL A 209 34.28 21.70 -24.20
CA VAL A 209 34.60 20.41 -24.81
C VAL A 209 34.26 19.32 -23.80
N ASN A 210 33.60 18.26 -24.27
CA ASN A 210 33.26 17.11 -23.43
C ASN A 210 33.87 15.86 -24.03
N LEU A 211 34.41 14.99 -23.17
CA LEU A 211 35.09 13.75 -23.57
C LEU A 211 34.40 12.60 -22.86
N PRO A 212 33.25 12.15 -23.34
CA PRO A 212 32.53 11.09 -22.62
C PRO A 212 33.34 9.79 -22.68
N GLY A 213 33.34 9.07 -21.57
CA GLY A 213 34.14 7.87 -21.49
C GLY A 213 35.60 8.16 -21.74
N ALA A 214 36.18 8.99 -20.88
CA ALA A 214 37.62 9.25 -20.92
C ALA A 214 38.06 9.58 -19.51
N ALA A 215 39.21 9.03 -19.11
CA ALA A 215 39.72 9.20 -17.75
C ALA A 215 40.38 10.58 -17.65
N VAL A 216 39.53 11.60 -17.64
CA VAL A 216 40.02 12.97 -17.54
C VAL A 216 40.71 13.15 -16.19
N ASP A 217 41.98 13.56 -16.23
CA ASP A 217 42.78 13.64 -15.02
C ASP A 217 42.96 15.06 -14.51
N LEU A 218 42.09 15.99 -14.92
CA LEU A 218 42.16 17.34 -14.39
C LEU A 218 41.78 17.36 -12.91
N PRO A 219 42.44 18.20 -12.11
CA PRO A 219 42.07 18.29 -10.70
C PRO A 219 40.62 18.72 -10.54
N ALA A 220 39.98 18.20 -9.49
CA ALA A 220 38.63 18.67 -9.15
C ALA A 220 38.66 20.12 -8.73
N VAL A 221 39.71 20.52 -8.01
CA VAL A 221 39.84 21.87 -7.47
C VAL A 221 41.18 22.39 -7.96
N SER A 222 41.15 23.17 -9.03
CA SER A 222 42.35 23.69 -9.69
C SER A 222 42.94 24.86 -8.91
N GLU A 223 44.07 25.35 -9.41
CA GLU A 223 44.66 26.56 -8.86
C GLU A 223 43.71 27.73 -8.99
N LYS A 224 43.03 27.86 -10.14
CA LYS A 224 42.02 28.90 -10.28
C LYS A 224 40.87 28.70 -9.28
N ASP A 225 40.38 27.46 -9.15
CA ASP A 225 39.30 27.20 -8.20
C ASP A 225 39.68 27.63 -6.80
N ILE A 226 40.91 27.30 -6.37
CA ILE A 226 41.36 27.68 -5.03
C ILE A 226 41.28 29.19 -4.85
N GLN A 227 41.74 29.95 -5.85
CA GLN A 227 41.59 31.40 -5.77
C GLN A 227 40.12 31.80 -5.63
N ASP A 228 39.25 31.21 -6.45
CA ASP A 228 37.84 31.59 -6.39
C ASP A 228 37.20 31.21 -5.07
N LEU A 229 37.53 30.02 -4.54
CA LEU A 229 36.96 29.59 -3.28
C LEU A 229 37.36 30.54 -2.14
N LYS A 230 38.63 30.96 -2.11
CA LYS A 230 39.07 31.89 -1.07
C LYS A 230 38.45 33.27 -1.26
N PHE A 231 38.25 33.68 -2.50
CA PHE A 231 37.46 34.88 -2.76
C PHE A 231 36.04 34.74 -2.22
N GLY A 232 35.46 33.54 -2.33
CA GLY A 232 34.13 33.32 -1.77
C GLY A 232 34.11 33.48 -0.26
N VAL A 233 35.14 32.99 0.42
CA VAL A 233 35.20 33.13 1.86
C VAL A 233 35.26 34.61 2.23
N GLU A 234 36.12 35.36 1.55
CA GLU A 234 36.24 36.80 1.79
C GLU A 234 34.92 37.51 1.56
N GLN A 235 34.17 37.09 0.55
CA GLN A 235 32.91 37.76 0.23
C GLN A 235 31.75 37.27 1.08
N ASP A 236 32.00 36.35 2.02
CA ASP A 236 30.96 35.86 2.91
C ASP A 236 29.80 35.23 2.14
N VAL A 237 30.13 34.43 1.12
CA VAL A 237 29.07 33.73 0.40
C VAL A 237 28.45 32.66 1.30
N ASP A 238 27.23 32.26 0.93
CA ASP A 238 26.47 31.33 1.73
C ASP A 238 26.68 29.88 1.32
N MET A 239 27.05 29.64 0.05
CA MET A 239 27.12 28.28 -0.43
C MET A 239 28.03 28.24 -1.65
N VAL A 240 28.58 27.07 -1.90
CA VAL A 240 29.42 26.80 -3.06
C VAL A 240 28.77 25.67 -3.85
N PHE A 241 28.60 25.88 -5.16
CA PHE A 241 28.21 24.82 -6.09
C PHE A 241 29.51 24.35 -6.74
N ALA A 242 29.94 23.14 -6.39
CA ALA A 242 31.21 22.60 -6.88
C ALA A 242 31.00 21.81 -8.18
N SER A 243 31.65 22.25 -9.24
CA SER A 243 31.44 21.66 -10.56
C SER A 243 32.18 20.34 -10.74
N PHE A 244 31.53 19.39 -11.42
CA PHE A 244 32.12 18.13 -11.89
C PHE A 244 32.63 17.26 -10.73
N ILE A 245 31.91 17.23 -9.61
CA ILE A 245 32.33 16.38 -8.50
C ILE A 245 32.22 14.92 -8.91
N ARG A 246 33.33 14.18 -8.76
CA ARG A 246 33.43 12.79 -9.20
C ARG A 246 33.46 11.78 -8.05
N LYS A 247 33.82 12.21 -6.85
CA LYS A 247 34.02 11.29 -5.73
C LYS A 247 34.06 12.09 -4.44
N ALA A 248 33.91 11.36 -3.32
CA ALA A 248 33.84 12.03 -2.02
C ALA A 248 35.11 12.82 -1.72
N ALA A 249 36.28 12.32 -2.15
CA ALA A 249 37.51 13.07 -1.90
C ALA A 249 37.50 14.44 -2.58
N ASP A 250 36.76 14.58 -3.68
CA ASP A 250 36.62 15.90 -4.31
C ASP A 250 35.94 16.88 -3.36
N VAL A 251 34.85 16.44 -2.73
CA VAL A 251 34.19 17.27 -1.73
C VAL A 251 35.16 17.61 -0.61
N HIS A 252 35.87 16.61 -0.10
CA HIS A 252 36.83 16.87 0.98
C HIS A 252 37.82 17.93 0.55
N GLU A 253 38.31 17.88 -0.69
CA GLU A 253 39.25 18.90 -1.14
C GLU A 253 38.62 20.29 -1.08
N VAL A 254 37.35 20.41 -1.51
CA VAL A 254 36.66 21.71 -1.43
C VAL A 254 36.51 22.16 0.02
N ARG A 255 36.03 21.26 0.88
CA ARG A 255 35.89 21.59 2.30
C ARG A 255 37.22 22.01 2.91
N LYS A 256 38.32 21.41 2.45
CA LYS A 256 39.63 21.77 2.97
C LYS A 256 40.02 23.20 2.58
N ILE A 257 39.82 23.56 1.31
CA ILE A 257 40.17 24.92 0.88
C ILE A 257 39.32 25.94 1.63
N LEU A 258 38.03 25.69 1.78
CA LEU A 258 37.19 26.63 2.52
C LEU A 258 37.69 26.79 3.95
N GLY A 259 38.30 25.75 4.51
CA GLY A 259 39.00 25.88 5.77
C GLY A 259 38.09 26.18 6.96
N GLU A 260 38.74 26.55 8.07
CA GLU A 260 38.02 26.89 9.29
C GLU A 260 37.21 28.17 9.10
N LYS A 261 37.77 29.15 8.40
CA LYS A 261 37.06 30.39 8.16
C LYS A 261 35.79 30.14 7.37
N GLY A 262 35.79 29.15 6.49
CA GLY A 262 34.61 28.88 5.67
C GLY A 262 33.84 27.63 6.07
N LYS A 263 34.01 27.19 7.31
CA LYS A 263 33.44 25.90 7.69
C LYS A 263 31.91 25.89 7.64
N ASN A 264 31.26 27.06 7.77
CA ASN A 264 29.80 27.12 7.76
C ASN A 264 29.20 27.33 6.37
N ILE A 265 30.02 27.36 5.34
CA ILE A 265 29.55 27.52 3.96
C ILE A 265 29.12 26.15 3.44
N LYS A 266 27.89 26.03 2.97
CA LYS A 266 27.40 24.76 2.48
C LYS A 266 28.04 24.41 1.14
N ILE A 267 28.47 23.16 1.00
CA ILE A 267 29.02 22.65 -0.25
C ILE A 267 27.94 21.85 -0.96
N ILE A 268 27.57 22.31 -2.14
CA ILE A 268 26.64 21.59 -3.01
C ILE A 268 27.47 20.97 -4.11
N SER A 269 27.42 19.65 -4.23
CA SER A 269 28.16 18.94 -5.26
C SER A 269 27.31 18.83 -6.51
N LYS A 270 27.87 19.24 -7.65
CA LYS A 270 27.15 19.15 -8.91
C LYS A 270 27.47 17.81 -9.59
N ILE A 271 26.42 17.06 -9.91
CA ILE A 271 26.57 15.76 -10.56
C ILE A 271 26.42 16.01 -12.06
N GLU A 272 27.52 15.84 -12.80
CA GLU A 272 27.43 16.13 -14.23
C GLU A 272 28.28 15.20 -15.09
N ASN A 273 28.64 14.01 -14.60
CA ASN A 273 29.25 13.02 -15.45
C ASN A 273 28.95 11.62 -14.91
N HIS A 274 29.41 10.63 -15.68
CA HIS A 274 29.08 9.24 -15.39
C HIS A 274 29.62 8.82 -14.02
N GLU A 275 30.88 9.15 -13.73
CA GLU A 275 31.44 8.74 -12.44
C GLU A 275 30.68 9.36 -11.27
N GLY A 276 30.31 10.65 -11.37
CA GLY A 276 29.51 11.25 -10.32
C GLY A 276 28.24 10.49 -10.03
N VAL A 277 27.61 9.95 -11.08
CA VAL A 277 26.41 9.15 -10.88
C VAL A 277 26.76 7.82 -10.22
N ARG A 278 27.84 7.18 -10.65
CA ARG A 278 28.19 5.86 -10.11
C ARG A 278 28.61 5.97 -8.65
N ARG A 279 29.25 7.07 -8.27
CA ARG A 279 29.73 7.26 -6.92
C ARG A 279 28.82 8.14 -6.09
N PHE A 280 27.55 8.24 -6.50
CA PHE A 280 26.69 9.26 -5.91
C PHE A 280 26.56 9.08 -4.40
N ASP A 281 26.44 7.83 -3.93
CA ASP A 281 26.20 7.62 -2.51
C ASP A 281 27.29 8.23 -1.65
N GLU A 282 28.57 8.02 -2.04
CA GLU A 282 29.67 8.60 -1.26
C GLU A 282 29.72 10.11 -1.41
N ILE A 283 29.33 10.63 -2.57
CA ILE A 283 29.27 12.08 -2.74
C ILE A 283 28.19 12.68 -1.86
N LEU A 284 27.00 12.06 -1.81
CA LEU A 284 25.94 12.59 -0.96
C LEU A 284 26.38 12.63 0.49
N GLU A 285 26.94 11.53 0.96
CA GLU A 285 27.39 11.44 2.35
C GLU A 285 28.37 12.55 2.70
N ALA A 286 29.25 12.92 1.78
CA ALA A 286 30.24 13.96 2.06
C ALA A 286 29.74 15.37 1.79
N SER A 287 28.64 15.56 1.08
CA SER A 287 28.18 16.88 0.66
C SER A 287 27.12 17.44 1.62
N ASP A 288 26.93 18.76 1.58
CA ASP A 288 25.77 19.34 2.25
C ASP A 288 24.53 19.31 1.39
N GLY A 289 24.69 19.17 0.07
CA GLY A 289 23.58 19.13 -0.86
C GLY A 289 24.10 18.74 -2.22
N ILE A 290 23.16 18.64 -3.16
CA ILE A 290 23.45 18.10 -4.48
C ILE A 290 22.75 18.97 -5.52
N MET A 291 23.41 19.17 -6.66
CA MET A 291 22.78 19.77 -7.83
C MET A 291 22.82 18.76 -8.97
N VAL A 292 21.65 18.45 -9.53
CA VAL A 292 21.57 17.69 -10.77
C VAL A 292 21.94 18.67 -11.89
N ALA A 293 23.16 18.56 -12.41
CA ALA A 293 23.68 19.53 -13.38
C ALA A 293 23.47 18.97 -14.78
N ARG A 294 22.26 19.17 -15.31
CA ARG A 294 21.80 18.36 -16.43
C ARG A 294 22.45 18.75 -17.75
N GLY A 295 22.98 19.96 -17.86
CA GLY A 295 23.64 20.36 -19.08
C GLY A 295 24.78 19.42 -19.43
N ASP A 296 25.84 19.46 -18.62
CA ASP A 296 26.96 18.56 -18.85
C ASP A 296 26.53 17.09 -18.75
N LEU A 297 25.64 16.77 -17.80
CA LEU A 297 25.21 15.39 -17.63
C LEU A 297 24.68 14.80 -18.93
N GLY A 298 23.78 15.52 -19.62
CA GLY A 298 23.21 15.02 -20.85
C GLY A 298 24.15 15.01 -22.02
N ILE A 299 25.36 15.51 -21.84
CA ILE A 299 26.44 15.34 -22.80
C ILE A 299 27.34 14.18 -22.42
N GLU A 300 27.59 14.02 -21.11
CA GLU A 300 28.47 12.96 -20.65
C GLU A 300 27.81 11.58 -20.73
N ILE A 301 26.50 11.51 -20.53
CA ILE A 301 25.75 10.26 -20.70
C ILE A 301 24.68 10.51 -21.74
N PRO A 302 24.09 9.46 -22.29
CA PRO A 302 23.03 9.64 -23.30
C PRO A 302 21.88 10.48 -22.75
N ALA A 303 21.52 11.52 -23.49
CA ALA A 303 20.56 12.49 -23.00
C ALA A 303 19.23 11.85 -22.63
N GLU A 304 18.85 10.76 -23.30
CA GLU A 304 17.60 10.08 -22.97
C GLU A 304 17.66 9.37 -21.62
N LYS A 305 18.83 9.31 -20.98
CA LYS A 305 18.98 8.70 -19.67
C LYS A 305 18.96 9.70 -18.53
N VAL A 306 19.00 11.00 -18.83
CA VAL A 306 19.17 12.01 -17.79
C VAL A 306 18.02 11.97 -16.78
N PHE A 307 16.79 11.79 -17.26
CA PHE A 307 15.67 11.75 -16.34
C PHE A 307 15.83 10.64 -15.30
N LEU A 308 16.49 9.54 -15.69
CA LEU A 308 16.75 8.45 -14.75
C LEU A 308 17.64 8.90 -13.61
N ALA A 309 18.73 9.61 -13.93
CA ALA A 309 19.63 10.05 -12.87
C ALA A 309 19.01 11.19 -12.06
N GLN A 310 18.22 12.05 -12.71
CA GLN A 310 17.52 13.09 -11.98
C GLN A 310 16.62 12.48 -10.92
N LYS A 311 15.75 11.55 -11.32
CA LYS A 311 14.82 10.97 -10.36
C LYS A 311 15.56 10.17 -9.28
N MET A 312 16.63 9.46 -9.67
CA MET A 312 17.38 8.70 -8.69
C MET A 312 18.04 9.63 -7.67
N ILE A 313 18.61 10.74 -8.15
CA ILE A 313 19.33 11.64 -7.26
C ILE A 313 18.37 12.37 -6.35
N ILE A 314 17.25 12.83 -6.88
CA ILE A 314 16.29 13.56 -6.04
C ILE A 314 15.76 12.63 -4.97
N GLY A 315 15.35 11.42 -5.36
CA GLY A 315 14.86 10.46 -4.39
C GLY A 315 15.85 10.19 -3.26
N ARG A 316 17.11 9.95 -3.61
CA ARG A 316 18.11 9.65 -2.59
C ARG A 316 18.44 10.86 -1.72
N CYS A 317 18.41 12.07 -2.30
CA CYS A 317 18.55 13.26 -1.48
C CYS A 317 17.37 13.42 -0.52
N ASN A 318 16.14 13.24 -1.03
CA ASN A 318 14.96 13.33 -0.17
C ASN A 318 15.08 12.36 0.99
N ARG A 319 15.46 11.12 0.69
CA ARG A 319 15.70 10.11 1.72
C ARG A 319 16.65 10.60 2.80
N ALA A 320 17.78 11.20 2.39
CA ALA A 320 18.79 11.63 3.34
C ALA A 320 18.44 12.94 4.04
N GLY A 321 17.38 13.62 3.60
CA GLY A 321 17.13 14.96 4.10
C GLY A 321 18.14 15.99 3.65
N LYS A 322 18.81 15.77 2.52
CA LYS A 322 19.74 16.80 2.11
C LYS A 322 19.22 17.55 0.88
N PRO A 323 19.49 18.85 0.81
CA PRO A 323 18.91 19.68 -0.26
C PRO A 323 19.35 19.21 -1.64
N VAL A 324 18.42 19.24 -2.59
CA VAL A 324 18.75 18.87 -3.97
C VAL A 324 18.18 19.91 -4.91
N ILE A 325 19.00 20.30 -5.89
CA ILE A 325 18.66 21.34 -6.87
C ILE A 325 18.56 20.71 -8.25
N CYS A 326 17.49 21.00 -8.95
CA CYS A 326 17.37 20.64 -10.35
C CYS A 326 17.72 21.85 -11.21
N ALA A 327 18.59 21.67 -12.20
CA ALA A 327 19.13 22.82 -12.93
C ALA A 327 19.24 22.55 -14.43
N THR A 328 19.19 23.65 -15.17
CA THR A 328 19.71 23.76 -16.54
C THR A 328 18.65 23.48 -17.59
N GLN A 329 18.36 24.51 -18.41
CA GLN A 329 17.44 24.48 -19.55
C GLN A 329 15.98 24.23 -19.14
N MET A 330 15.64 24.55 -17.90
CA MET A 330 14.26 24.34 -17.45
C MET A 330 13.28 25.22 -18.22
N LEU A 331 13.67 26.46 -18.55
CA LEU A 331 12.82 27.38 -19.28
C LEU A 331 13.59 27.98 -20.45
N GLU A 332 14.37 27.14 -21.13
CA GLU A 332 15.41 27.65 -22.03
C GLU A 332 14.85 28.55 -23.11
N SER A 333 13.65 28.26 -23.66
CA SER A 333 13.14 29.10 -24.74
C SER A 333 12.92 30.54 -24.30
N MET A 334 12.69 30.77 -23.01
CA MET A 334 12.45 32.12 -22.51
C MET A 334 13.71 32.99 -22.55
N ILE A 335 14.86 32.46 -22.95
CA ILE A 335 15.97 33.36 -23.26
C ILE A 335 15.56 34.32 -24.36
N LYS A 336 14.66 33.91 -25.26
CA LYS A 336 14.29 34.68 -26.44
C LYS A 336 12.81 34.95 -26.56
N LYS A 337 11.96 34.29 -25.78
CA LYS A 337 10.52 34.39 -25.88
C LYS A 337 9.91 34.66 -24.51
N PRO A 338 8.80 35.40 -24.46
CA PRO A 338 8.23 35.82 -23.18
C PRO A 338 7.39 34.76 -22.48
N ARG A 339 7.22 33.59 -23.07
CA ARG A 339 6.51 32.52 -22.39
C ARG A 339 7.15 31.19 -22.78
N PRO A 340 7.11 30.19 -21.91
CA PRO A 340 7.85 28.94 -22.17
C PRO A 340 7.05 27.99 -23.06
N THR A 341 7.75 26.96 -23.53
CA THR A 341 7.09 25.88 -24.26
C THR A 341 6.33 24.98 -23.29
N ARG A 342 5.55 24.05 -23.86
CA ARG A 342 4.82 23.14 -22.99
C ARG A 342 5.75 22.14 -22.32
N ALA A 343 6.84 21.74 -23.00
CA ALA A 343 7.80 20.85 -22.37
C ALA A 343 8.47 21.53 -21.19
N GLU A 344 8.77 22.82 -21.32
CA GLU A 344 9.41 23.54 -20.22
C GLU A 344 8.47 23.68 -19.02
N GLY A 345 7.20 24.01 -19.24
CA GLY A 345 6.24 23.98 -18.15
C GLY A 345 6.17 22.63 -17.48
N SER A 346 6.14 21.56 -18.28
CA SER A 346 6.06 20.22 -17.71
C SER A 346 7.33 19.86 -16.95
N ASP A 347 8.49 20.30 -17.46
CA ASP A 347 9.77 19.99 -16.81
C ASP A 347 9.83 20.58 -15.41
N VAL A 348 9.50 21.86 -15.27
CA VAL A 348 9.53 22.48 -13.95
C VAL A 348 8.57 21.76 -13.00
N ALA A 349 7.35 21.51 -13.46
CA ALA A 349 6.36 20.86 -12.58
C ALA A 349 6.83 19.49 -12.14
N ASN A 350 7.45 18.72 -13.05
CA ASN A 350 7.85 17.36 -12.71
C ASN A 350 9.05 17.35 -11.78
N ALA A 351 9.96 18.33 -11.91
CA ALA A 351 11.04 18.45 -10.94
C ALA A 351 10.51 18.70 -9.54
N VAL A 352 9.51 19.56 -9.41
CA VAL A 352 8.91 19.79 -8.09
C VAL A 352 8.24 18.50 -7.59
N LEU A 353 7.47 17.84 -8.47
CA LEU A 353 6.84 16.58 -8.08
C LEU A 353 7.87 15.50 -7.75
N ASP A 354 9.03 15.50 -8.42
CA ASP A 354 10.05 14.50 -8.07
C ASP A 354 10.53 14.67 -6.64
N GLY A 355 10.54 15.91 -6.14
CA GLY A 355 10.99 16.23 -4.79
C GLY A 355 12.12 17.25 -4.71
N ALA A 356 12.41 17.95 -5.80
CA ALA A 356 13.52 18.92 -5.80
C ALA A 356 13.26 20.03 -4.78
N ASP A 357 14.28 20.34 -3.96
CA ASP A 357 14.14 21.44 -3.00
C ASP A 357 14.16 22.79 -3.70
N CYS A 358 14.93 22.90 -4.77
CA CYS A 358 15.15 24.15 -5.48
C CYS A 358 15.16 23.88 -6.97
N ILE A 359 14.75 24.87 -7.73
CA ILE A 359 14.93 24.85 -9.16
C ILE A 359 15.77 26.05 -9.53
N MET A 360 16.40 26.00 -10.70
CA MET A 360 17.41 26.96 -11.06
C MET A 360 17.14 27.55 -12.44
N LEU A 361 17.61 28.78 -12.65
CA LEU A 361 17.65 29.41 -13.96
C LEU A 361 19.07 29.84 -14.28
N SER A 362 19.50 29.59 -15.51
CA SER A 362 20.87 29.93 -15.88
C SER A 362 20.87 31.00 -16.94
N GLY A 363 20.90 30.62 -18.22
CA GLY A 363 20.83 31.61 -19.28
C GLY A 363 19.56 32.43 -19.22
N GLU A 364 18.47 31.86 -18.71
CA GLU A 364 17.20 32.57 -18.67
C GLU A 364 17.30 33.89 -17.90
N THR A 365 18.14 33.96 -16.88
CA THR A 365 18.30 35.19 -16.10
C THR A 365 19.66 35.85 -16.28
N ALA A 366 20.71 35.10 -16.61
CA ALA A 366 22.03 35.71 -16.75
C ALA A 366 22.11 36.59 -17.99
N LYS A 367 21.46 36.17 -19.09
CA LYS A 367 21.64 36.87 -20.35
C LYS A 367 20.38 36.99 -21.21
N GLY A 368 19.23 36.47 -20.77
CA GLY A 368 18.07 36.44 -21.63
C GLY A 368 17.36 37.77 -21.74
N ASP A 369 16.40 37.84 -22.66
CA ASP A 369 15.58 39.04 -22.81
C ASP A 369 14.42 39.10 -21.83
N TYR A 370 14.15 38.02 -21.08
CA TYR A 370 13.00 38.00 -20.19
C TYR A 370 13.34 37.39 -18.84
N PRO A 371 14.37 37.90 -18.15
CA PRO A 371 14.72 37.34 -16.83
C PRO A 371 13.58 37.39 -15.83
N LEU A 372 12.86 38.53 -15.72
CA LEU A 372 11.77 38.63 -14.77
C LEU A 372 10.66 37.63 -15.10
N GLU A 373 10.29 37.53 -16.38
CA GLU A 373 9.23 36.62 -16.75
C GLU A 373 9.60 35.18 -16.42
N ALA A 374 10.88 34.82 -16.60
CA ALA A 374 11.31 33.46 -16.29
C ALA A 374 11.17 33.17 -14.80
N VAL A 375 11.58 34.11 -13.95
CA VAL A 375 11.45 33.91 -12.51
C VAL A 375 9.99 33.77 -12.11
N ARG A 376 9.14 34.66 -12.62
CA ARG A 376 7.72 34.59 -12.28
C ARG A 376 7.10 33.27 -12.72
N MET A 377 7.53 32.74 -13.86
CA MET A 377 6.96 31.48 -14.34
C MET A 377 7.36 30.33 -13.42
N GLN A 378 8.66 30.23 -13.07
CA GLN A 378 9.05 29.21 -12.10
C GLN A 378 8.20 29.31 -10.84
N HIS A 379 7.97 30.53 -10.34
CA HIS A 379 7.16 30.72 -9.14
C HIS A 379 5.75 30.15 -9.32
N LEU A 380 5.12 30.45 -10.46
CA LEU A 380 3.75 30.00 -10.66
C LEU A 380 3.68 28.49 -10.77
N ILE A 381 4.58 27.89 -11.55
CA ILE A 381 4.50 26.44 -11.76
C ILE A 381 4.76 25.71 -10.46
N ALA A 382 5.75 26.18 -9.68
CA ALA A 382 6.10 25.51 -8.43
C ALA A 382 4.92 25.42 -7.49
N ARG A 383 4.19 26.52 -7.33
CA ARG A 383 3.03 26.52 -6.44
C ARG A 383 2.01 25.47 -6.86
N GLU A 384 1.73 25.41 -8.17
CA GLU A 384 0.77 24.42 -8.67
C GLU A 384 1.26 23.00 -8.39
N ALA A 385 2.55 22.75 -8.61
CA ALA A 385 3.09 21.39 -8.47
C ALA A 385 3.22 20.99 -7.01
N GLU A 386 3.47 21.95 -6.12
CA GLU A 386 3.61 21.62 -4.71
C GLU A 386 2.29 21.10 -4.11
N ALA A 387 1.15 21.68 -4.53
CA ALA A 387 -0.14 21.14 -4.08
C ALA A 387 -0.42 19.78 -4.68
N ALA A 388 0.03 19.54 -5.92
CA ALA A 388 -0.25 18.30 -6.61
C ALA A 388 0.62 17.14 -6.12
N MET A 389 1.47 17.35 -5.12
CA MET A 389 2.17 16.20 -4.55
C MET A 389 1.18 15.31 -3.81
N PHE A 390 1.57 14.05 -3.67
CA PHE A 390 0.77 13.06 -2.93
C PHE A 390 1.37 12.94 -1.53
N HIS A 391 1.00 13.90 -0.67
CA HIS A 391 1.70 14.11 0.59
C HIS A 391 1.61 12.89 1.52
N ARG A 392 0.43 12.27 1.62
CA ARG A 392 0.26 11.15 2.55
C ARG A 392 1.17 9.98 2.18
N LYS A 393 1.24 9.63 0.90
CA LYS A 393 2.13 8.54 0.50
C LYS A 393 3.60 8.94 0.64
N LEU A 394 3.92 10.18 0.25
CA LEU A 394 5.31 10.63 0.37
C LEU A 394 5.77 10.53 1.82
N PHE A 395 4.93 10.97 2.76
CA PHE A 395 5.32 10.92 4.17
C PHE A 395 5.54 9.49 4.62
N GLU A 396 4.60 8.58 4.30
CA GLU A 396 4.76 7.17 4.69
C GLU A 396 6.06 6.59 4.16
N GLU A 397 6.41 6.90 2.90
CA GLU A 397 7.57 6.27 2.31
C GLU A 397 8.85 6.91 2.82
N LEU A 398 8.84 8.22 3.02
CA LEU A 398 9.96 8.87 3.69
C LEU A 398 10.19 8.25 5.07
N ALA A 399 9.11 8.05 5.83
CA ALA A 399 9.22 7.48 7.16
C ALA A 399 9.73 6.05 7.10
N ARG A 400 9.22 5.28 6.14
CA ARG A 400 9.72 3.92 5.97
C ARG A 400 11.21 3.91 5.66
N ALA A 401 11.65 4.81 4.77
CA ALA A 401 13.06 4.76 4.34
C ALA A 401 14.02 5.09 5.48
N SER A 402 13.58 5.84 6.49
CA SER A 402 14.48 6.26 7.57
C SER A 402 14.16 5.60 8.90
N SER A 403 13.39 4.50 8.89
CA SER A 403 12.91 3.90 10.14
C SER A 403 14.01 3.23 10.95
N HIS A 404 15.17 2.96 10.35
CA HIS A 404 16.32 2.49 11.12
C HIS A 404 16.81 3.52 12.13
N SER A 405 16.52 4.81 11.91
CA SER A 405 16.93 5.87 12.80
C SER A 405 15.87 6.10 13.87
N THR A 406 16.32 6.32 15.11
CA THR A 406 15.45 6.67 16.22
C THR A 406 15.73 8.08 16.75
N ASP A 407 16.37 8.92 15.93
CA ASP A 407 16.77 10.26 16.35
C ASP A 407 15.59 11.06 16.91
N LEU A 408 15.82 11.74 18.03
CA LEU A 408 14.74 12.43 18.73
C LEU A 408 14.17 13.59 17.92
N MET A 409 15.02 14.30 17.16
CA MET A 409 14.51 15.44 16.40
C MET A 409 13.68 14.95 15.21
N GLU A 410 14.09 13.84 14.58
CA GLU A 410 13.24 13.25 13.56
C GLU A 410 11.88 12.88 14.14
N ALA A 411 11.86 12.35 15.36
CA ALA A 411 10.59 12.04 16.00
C ALA A 411 9.73 13.30 16.14
N MET A 412 10.31 14.39 16.61
CA MET A 412 9.56 15.65 16.70
C MET A 412 9.09 16.11 15.32
N ALA A 413 9.97 16.01 14.31
CA ALA A 413 9.62 16.48 12.98
C ALA A 413 8.48 15.65 12.39
N MET A 414 8.57 14.32 12.49
CA MET A 414 7.52 13.47 11.97
C MET A 414 6.21 13.67 12.71
N GLY A 415 6.26 13.77 14.03
CA GLY A 415 5.05 14.07 14.78
C GLY A 415 4.45 15.40 14.39
N SER A 416 5.29 16.43 14.23
CA SER A 416 4.78 17.75 13.88
C SER A 416 4.18 17.75 12.48
N VAL A 417 4.83 17.09 11.52
CA VAL A 417 4.26 17.02 10.17
C VAL A 417 2.95 16.26 10.20
N GLU A 418 2.94 15.11 10.86
CA GLU A 418 1.73 14.31 10.98
C GLU A 418 0.60 15.13 11.57
N ALA A 419 0.89 15.85 12.66
CA ALA A 419 -0.10 16.72 13.26
C ALA A 419 -0.57 17.78 12.28
N SER A 420 0.35 18.32 11.47
CA SER A 420 -0.02 19.39 10.55
C SER A 420 -0.92 18.85 9.44
N TYR A 421 -0.67 17.62 8.99
CA TYR A 421 -1.61 16.97 8.06
C TYR A 421 -2.99 16.82 8.69
N LYS A 422 -3.03 16.32 9.93
CA LYS A 422 -4.29 15.94 10.56
C LYS A 422 -5.23 17.15 10.70
N CYS A 423 -4.71 18.27 11.21
CA CYS A 423 -5.56 19.43 11.45
C CYS A 423 -5.48 20.47 10.35
N LEU A 424 -4.85 20.15 9.22
CA LEU A 424 -4.72 21.07 8.09
C LEU A 424 -4.16 22.41 8.57
N ALA A 425 -3.05 22.33 9.30
CA ALA A 425 -2.41 23.52 9.83
C ALA A 425 -2.01 24.46 8.70
N ALA A 426 -2.10 25.77 8.95
CA ALA A 426 -1.70 26.73 7.95
C ALA A 426 -0.18 26.85 7.84
N ALA A 427 0.55 26.53 8.91
CA ALA A 427 1.99 26.62 8.88
C ALA A 427 2.57 25.83 10.04
N LEU A 428 3.86 25.59 9.96
CA LEU A 428 4.66 25.18 11.11
C LEU A 428 5.63 26.30 11.42
N ILE A 429 5.69 26.69 12.69
CA ILE A 429 6.64 27.69 13.15
C ILE A 429 7.78 26.97 13.89
N VAL A 430 9.02 27.21 13.48
CA VAL A 430 10.18 26.53 14.04
C VAL A 430 11.23 27.56 14.49
N LEU A 431 11.58 27.52 15.77
CA LEU A 431 12.65 28.38 16.31
C LEU A 431 13.96 27.62 16.25
N THR A 432 14.96 28.20 15.58
CA THR A 432 16.21 27.49 15.39
C THR A 432 17.33 28.50 15.12
N GLU A 433 18.52 28.20 15.64
CA GLU A 433 19.67 29.04 15.37
C GLU A 433 20.58 28.44 14.30
N SER A 434 20.77 27.13 14.32
CA SER A 434 21.54 26.44 13.30
C SER A 434 20.72 26.11 12.06
N GLY A 435 19.39 26.11 12.16
CA GLY A 435 18.54 25.60 11.12
C GLY A 435 18.20 24.13 11.22
N ARG A 436 18.97 23.36 12.00
CA ARG A 436 18.83 21.91 12.04
C ARG A 436 17.38 21.48 12.25
N SER A 437 16.74 21.98 13.32
CA SER A 437 15.38 21.53 13.62
C SER A 437 14.43 21.82 12.46
N ALA A 438 14.59 22.98 11.80
CA ALA A 438 13.73 23.30 10.66
C ALA A 438 14.03 22.38 9.49
N HIS A 439 15.31 22.08 9.24
CA HIS A 439 15.66 21.16 8.16
C HIS A 439 15.04 19.78 8.38
N GLN A 440 14.95 19.34 9.63
CA GLN A 440 14.38 18.01 9.89
C GLN A 440 12.88 18.01 9.66
N VAL A 441 12.21 19.15 9.88
CA VAL A 441 10.80 19.25 9.50
C VAL A 441 10.65 19.27 7.98
N ALA A 442 11.44 20.10 7.29
CA ALA A 442 11.37 20.19 5.82
C ALA A 442 11.48 18.81 5.19
N ARG A 443 12.36 17.98 5.75
CA ARG A 443 12.68 16.68 5.19
C ARG A 443 11.46 15.76 5.09
N TYR A 444 10.49 15.92 5.99
CA TYR A 444 9.31 15.05 5.96
C TYR A 444 8.14 15.69 5.22
N ARG A 445 8.38 16.76 4.48
CA ARG A 445 7.52 17.27 3.42
C ARG A 445 6.12 17.61 3.90
N PRO A 446 5.99 18.56 4.82
CA PRO A 446 4.66 19.08 5.13
C PRO A 446 4.08 19.79 3.92
N ARG A 447 2.76 19.86 3.90
CA ARG A 447 2.09 20.69 2.92
C ARG A 447 2.23 22.17 3.29
N ALA A 448 2.17 22.48 4.56
CA ALA A 448 2.15 23.87 4.95
C ALA A 448 3.56 24.46 5.01
N PRO A 449 3.71 25.77 4.82
CA PRO A 449 5.03 26.39 4.90
C PRO A 449 5.63 26.30 6.30
N ILE A 450 6.96 26.27 6.34
CA ILE A 450 7.72 26.21 7.59
C ILE A 450 8.32 27.59 7.81
N ILE A 451 7.83 28.31 8.82
CA ILE A 451 8.37 29.62 9.16
C ILE A 451 9.46 29.41 10.19
N ALA A 452 10.73 29.56 9.77
CA ALA A 452 11.88 29.37 10.65
C ALA A 452 12.34 30.74 11.17
N VAL A 453 12.16 30.97 12.47
CA VAL A 453 12.62 32.20 13.10
C VAL A 453 14.03 31.95 13.65
N THR A 454 14.99 32.78 13.24
CA THR A 454 16.36 32.64 13.70
C THR A 454 16.96 34.03 13.92
N ARG A 455 17.96 34.09 14.80
CA ARG A 455 18.77 35.29 14.97
C ARG A 455 20.08 35.21 14.20
N ASN A 456 20.39 34.06 13.59
CA ASN A 456 21.60 33.88 12.79
C ASN A 456 21.28 34.23 11.34
N HIS A 457 21.88 35.31 10.83
CA HIS A 457 21.57 35.76 9.47
C HIS A 457 21.97 34.72 8.43
N GLN A 458 23.09 34.05 8.62
CA GLN A 458 23.53 33.06 7.63
C GLN A 458 22.60 31.85 7.61
N THR A 459 22.17 31.39 8.79
CA THR A 459 21.20 30.31 8.83
C THR A 459 19.95 30.66 8.03
N ALA A 460 19.53 31.93 8.10
CA ALA A 460 18.37 32.39 7.34
C ALA A 460 18.63 32.35 5.83
N ARG A 461 19.82 32.77 5.40
CA ARG A 461 20.10 32.77 3.96
C ARG A 461 20.20 31.35 3.43
N GLN A 462 20.84 30.46 4.19
CA GLN A 462 21.00 29.08 3.76
C GLN A 462 19.69 28.31 3.81
N ALA A 463 18.68 28.81 4.52
CA ALA A 463 17.42 28.08 4.62
C ALA A 463 16.72 27.94 3.28
N HIS A 464 17.04 28.80 2.32
CA HIS A 464 16.41 28.71 1.01
C HIS A 464 16.76 27.41 0.29
N LEU A 465 17.77 26.68 0.75
CA LEU A 465 18.09 25.40 0.14
C LEU A 465 17.08 24.31 0.45
N TYR A 466 16.20 24.51 1.44
CA TYR A 466 15.32 23.45 1.91
C TYR A 466 13.90 23.75 1.49
N ARG A 467 13.23 22.75 0.92
CA ARG A 467 11.84 22.90 0.54
C ARG A 467 11.00 23.42 1.70
N GLY A 468 10.30 24.53 1.46
CA GLY A 468 9.25 24.98 2.37
C GLY A 468 9.68 25.76 3.59
N ILE A 469 10.96 26.09 3.73
CA ILE A 469 11.40 26.89 4.87
C ILE A 469 11.43 28.36 4.48
N PHE A 470 10.57 29.14 5.12
CA PHE A 470 10.56 30.59 4.95
C PHE A 470 11.31 31.20 6.11
N PRO A 471 12.54 31.68 5.91
CA PRO A 471 13.35 32.18 7.02
C PRO A 471 12.89 33.56 7.47
N VAL A 472 12.92 33.78 8.77
CA VAL A 472 12.65 35.09 9.35
C VAL A 472 13.74 35.41 10.37
N VAL A 473 14.34 36.58 10.23
CA VAL A 473 15.44 37.00 11.09
C VAL A 473 14.86 37.82 12.24
N CYS A 474 15.08 37.33 13.46
CA CYS A 474 14.75 38.10 14.65
C CYS A 474 15.92 39.02 14.98
N LYS A 475 15.65 40.31 15.06
CA LYS A 475 16.69 41.28 15.38
C LYS A 475 16.55 41.84 16.79
N ASP A 476 15.57 41.35 17.56
CA ASP A 476 15.43 41.76 18.95
C ASP A 476 16.48 41.05 19.82
N PRO A 477 16.92 41.69 20.91
CA PRO A 477 17.86 41.02 21.82
C PRO A 477 17.20 39.89 22.61
N VAL A 478 18.04 38.98 23.08
CA VAL A 478 17.58 37.79 23.80
C VAL A 478 16.93 38.22 25.11
N GLN A 479 15.68 37.84 25.31
CA GLN A 479 14.98 38.19 26.53
C GLN A 479 15.54 37.39 27.71
N GLU A 480 15.64 38.04 28.88
CA GLU A 480 16.32 37.40 30.00
C GLU A 480 15.58 36.15 30.45
N ALA A 481 14.25 36.17 30.40
CA ALA A 481 13.43 34.99 30.68
C ALA A 481 13.22 34.20 29.40
N TRP A 482 13.55 32.91 29.43
CA TRP A 482 13.47 32.07 28.23
C TRP A 482 12.05 32.04 27.69
N ALA A 483 11.05 31.84 28.56
CA ALA A 483 9.67 31.78 28.10
C ALA A 483 9.31 33.02 27.28
N GLU A 484 9.78 34.19 27.70
CA GLU A 484 9.46 35.39 26.95
C GLU A 484 10.28 35.51 25.67
N ASP A 485 11.51 35.00 25.65
CA ASP A 485 12.24 35.03 24.40
C ASP A 485 11.56 34.14 23.37
N VAL A 486 11.03 32.99 23.80
CA VAL A 486 10.30 32.10 22.90
C VAL A 486 9.03 32.79 22.40
N ASP A 487 8.26 33.38 23.33
CA ASP A 487 7.03 34.04 22.93
C ASP A 487 7.29 35.17 21.95
N LEU A 488 8.31 35.99 22.22
CA LEU A 488 8.68 37.06 21.29
C LEU A 488 8.93 36.52 19.89
N ARG A 489 9.63 35.40 19.78
CA ARG A 489 9.97 34.89 18.46
C ARG A 489 8.78 34.22 17.77
N VAL A 490 7.93 33.54 18.55
CA VAL A 490 6.72 32.94 17.98
C VAL A 490 5.76 34.03 17.51
N ASN A 491 5.60 35.08 18.29
CA ASN A 491 4.74 36.19 17.87
C ASN A 491 5.29 36.88 16.63
N LEU A 492 6.62 36.97 16.49
CA LEU A 492 7.19 37.51 15.27
C LEU A 492 6.75 36.69 14.05
N ALA A 493 6.79 35.35 14.16
CA ALA A 493 6.36 34.51 13.05
C ALA A 493 4.88 34.68 12.76
N MET A 494 4.06 34.85 13.81
CA MET A 494 2.63 35.12 13.62
C MET A 494 2.42 36.38 12.78
N ASN A 495 3.15 37.45 13.10
CA ASN A 495 2.95 38.71 12.39
C ASN A 495 3.45 38.63 10.96
N VAL A 496 4.57 37.96 10.75
CA VAL A 496 5.10 37.79 9.41
C VAL A 496 4.15 36.92 8.59
N GLY A 497 3.66 35.83 9.17
CA GLY A 497 2.72 34.99 8.46
C GLY A 497 1.47 35.71 8.06
N LYS A 498 0.91 36.51 8.98
CA LYS A 498 -0.29 37.30 8.66
C LYS A 498 0.01 38.33 7.58
N ALA A 499 1.11 39.08 7.73
CA ALA A 499 1.42 40.13 6.76
C ALA A 499 1.61 39.56 5.37
N ARG A 500 2.16 38.36 5.26
CA ARG A 500 2.37 37.73 3.97
C ARG A 500 1.17 36.90 3.50
N GLY A 501 0.13 36.80 4.32
CA GLY A 501 -1.05 36.07 3.90
C GLY A 501 -0.92 34.56 3.92
N PHE A 502 -0.04 34.02 4.75
CA PHE A 502 0.01 32.57 4.95
C PHE A 502 -1.11 32.09 5.86
N PHE A 503 -1.65 32.96 6.70
CA PHE A 503 -2.75 32.57 7.57
C PHE A 503 -3.39 33.83 8.12
N LYS A 504 -4.52 33.63 8.79
CA LYS A 504 -5.27 34.68 9.46
C LYS A 504 -5.58 34.22 10.87
N LYS A 505 -5.95 35.20 11.70
CA LYS A 505 -6.48 34.96 13.03
C LYS A 505 -7.48 33.82 13.02
N GLY A 506 -7.33 32.89 13.96
CA GLY A 506 -8.19 31.74 14.05
C GLY A 506 -7.73 30.51 13.28
N ASP A 507 -6.84 30.69 12.29
CA ASP A 507 -6.16 29.53 11.73
C ASP A 507 -5.34 28.84 12.82
N VAL A 508 -4.85 27.65 12.49
CA VAL A 508 -4.07 26.85 13.42
C VAL A 508 -2.68 26.62 12.82
N VAL A 509 -1.66 26.66 13.68
CA VAL A 509 -0.29 26.36 13.28
C VAL A 509 0.34 25.44 14.32
N ILE A 510 1.30 24.65 13.86
CA ILE A 510 2.16 23.86 14.72
C ILE A 510 3.38 24.71 15.07
N VAL A 511 3.76 24.72 16.36
CA VAL A 511 4.88 25.52 16.84
C VAL A 511 5.88 24.60 17.51
N LEU A 512 7.12 24.62 17.02
CA LEU A 512 8.22 23.80 17.53
C LEU A 512 9.23 24.69 18.23
N THR A 513 9.47 24.43 19.52
CA THR A 513 10.35 25.25 20.35
C THR A 513 11.16 24.36 21.29
N GLY A 514 12.20 24.95 21.88
CA GLY A 514 12.99 24.29 22.90
C GLY A 514 12.40 24.58 24.26
N TRP A 515 12.25 23.52 25.07
CA TRP A 515 11.67 23.70 26.40
C TRP A 515 12.54 24.59 27.28
N ARG A 516 13.86 24.52 27.13
CA ARG A 516 14.76 25.32 27.95
C ARG A 516 15.82 25.93 27.06
N PRO A 517 16.61 26.87 27.58
CA PRO A 517 17.71 27.42 26.77
C PRO A 517 18.69 26.37 26.31
N GLY A 518 19.00 25.39 27.15
CA GLY A 518 19.97 24.36 26.83
C GLY A 518 19.47 23.19 26.01
N SER A 519 18.19 23.16 25.65
CA SER A 519 17.73 22.12 24.75
C SER A 519 18.47 22.27 23.43
N GLY A 520 18.96 21.15 22.90
CA GLY A 520 19.74 21.22 21.68
C GLY A 520 18.94 21.12 20.40
N PHE A 521 17.61 21.08 20.50
CA PHE A 521 16.72 20.91 19.36
C PHE A 521 15.32 21.22 19.85
N THR A 522 14.39 21.35 18.92
CA THR A 522 13.02 21.70 19.29
C THR A 522 12.33 20.46 19.84
N ASN A 523 12.37 20.30 21.16
CA ASN A 523 11.78 19.15 21.84
C ASN A 523 10.34 19.43 22.29
N THR A 524 9.78 20.57 21.93
CA THR A 524 8.44 20.94 22.35
C THR A 524 7.61 21.30 21.12
N MET A 525 6.41 20.75 21.05
CA MET A 525 5.51 21.00 19.95
C MET A 525 4.13 21.36 20.48
N ARG A 526 3.53 22.39 19.91
CA ARG A 526 2.17 22.78 20.29
C ARG A 526 1.33 22.98 19.05
N VAL A 527 0.04 22.74 19.17
CA VAL A 527 -0.94 23.25 18.22
C VAL A 527 -1.46 24.55 18.81
N VAL A 528 -1.45 25.61 18.02
CA VAL A 528 -1.71 26.95 18.52
C VAL A 528 -2.60 27.71 17.54
N PRO A 529 -3.62 28.42 18.00
CA PRO A 529 -4.41 29.25 17.09
C PRO A 529 -3.70 30.57 16.83
N VAL A 530 -3.79 31.02 15.58
CA VAL A 530 -3.21 32.32 15.21
C VAL A 530 -4.00 33.42 15.88
N PRO A 531 -3.37 34.35 16.61
CA PRO A 531 -4.04 35.46 17.29
C PRO A 531 -4.37 36.64 16.37
N ILE B 13 24.44 -6.01 -13.40
CA ILE B 13 23.40 -4.99 -13.39
C ILE B 13 22.16 -5.48 -14.15
N GLN B 14 21.07 -5.67 -13.41
CA GLN B 14 19.83 -6.09 -14.04
C GLN B 14 19.43 -5.11 -15.14
N THR B 15 18.88 -5.66 -16.22
CA THR B 15 18.39 -4.87 -17.33
C THR B 15 17.00 -4.33 -17.01
N GLN B 16 16.53 -3.39 -17.85
CA GLN B 16 15.11 -3.06 -17.88
C GLN B 16 14.61 -2.52 -16.54
N GLN B 17 15.48 -1.86 -15.77
CA GLN B 17 15.13 -1.34 -14.44
C GLN B 17 14.45 -2.38 -13.57
N LEU B 18 14.90 -3.64 -13.66
CA LEU B 18 14.23 -4.71 -12.91
C LEU B 18 14.57 -4.69 -11.42
N HIS B 19 15.73 -4.16 -11.04
CA HIS B 19 15.99 -3.91 -9.62
C HIS B 19 14.98 -2.93 -9.06
N ALA B 20 14.78 -1.81 -9.74
CA ALA B 20 13.76 -0.85 -9.30
C ALA B 20 12.38 -1.49 -9.30
N ALA B 21 12.13 -2.42 -10.23
CA ALA B 21 10.83 -3.07 -10.30
C ALA B 21 10.48 -3.84 -9.02
N MET B 22 11.49 -4.28 -8.28
CA MET B 22 11.31 -5.08 -7.08
C MET B 22 11.15 -4.25 -5.81
N ALA B 23 11.08 -2.92 -5.93
CA ALA B 23 11.02 -2.08 -4.76
C ALA B 23 9.65 -2.23 -4.06
N ASP B 24 9.62 -1.86 -2.78
CA ASP B 24 8.41 -1.87 -1.98
C ASP B 24 7.62 -0.56 -2.07
N THR B 25 8.29 0.56 -2.30
CA THR B 25 7.62 1.85 -2.34
C THR B 25 8.01 2.61 -3.60
N PHE B 26 7.17 3.57 -3.97
CA PHE B 26 7.50 4.49 -5.07
C PHE B 26 8.85 5.17 -4.84
N LEU B 27 9.11 5.63 -3.60
CA LEU B 27 10.37 6.30 -3.31
C LEU B 27 11.55 5.37 -3.53
N GLU B 28 11.46 4.14 -3.03
CA GLU B 28 12.54 3.18 -3.23
C GLU B 28 12.70 2.84 -4.72
N HIS B 29 11.60 2.73 -5.45
CA HIS B 29 11.66 2.49 -6.88
C HIS B 29 12.44 3.59 -7.58
N MET B 30 12.12 4.84 -7.25
CA MET B 30 12.84 6.00 -7.78
C MET B 30 14.33 5.92 -7.45
N CYS B 31 14.66 5.65 -6.19
CA CYS B 31 16.05 5.59 -5.74
C CYS B 31 16.85 4.49 -6.41
N ARG B 32 16.17 3.52 -7.05
CA ARG B 32 16.84 2.38 -7.69
C ARG B 32 17.03 2.56 -9.18
N LEU B 33 16.43 3.60 -9.77
CA LEU B 33 16.59 3.85 -11.20
C LEU B 33 18.07 3.98 -11.55
N ASP B 34 18.49 3.31 -12.62
CA ASP B 34 19.91 3.05 -12.90
C ASP B 34 20.22 3.35 -14.36
N ILE B 35 21.07 4.36 -14.61
CA ILE B 35 21.43 4.72 -15.98
C ILE B 35 22.17 3.59 -16.70
N ASP B 36 22.71 2.62 -15.97
CA ASP B 36 23.41 1.51 -16.58
C ASP B 36 22.56 0.24 -16.67
N SER B 37 21.25 0.35 -16.43
CA SER B 37 20.32 -0.74 -16.68
C SER B 37 19.78 -0.59 -18.10
N ALA B 38 20.17 -1.49 -18.99
CA ALA B 38 19.85 -1.33 -20.40
C ALA B 38 18.37 -1.64 -20.63
N PRO B 39 17.70 -0.86 -21.48
CA PRO B 39 16.30 -1.16 -21.84
C PRO B 39 16.24 -2.29 -22.85
N ILE B 40 15.04 -2.84 -23.05
CA ILE B 40 14.86 -3.90 -24.04
C ILE B 40 14.78 -3.29 -25.43
N THR B 41 14.67 -4.15 -26.44
CA THR B 41 14.67 -3.67 -27.83
C THR B 41 13.33 -3.06 -28.22
N ALA B 42 12.22 -3.64 -27.78
CA ALA B 42 10.91 -3.19 -28.20
C ALA B 42 10.54 -1.88 -27.53
N ARG B 43 9.91 -0.99 -28.30
CA ARG B 43 9.40 0.29 -27.80
C ARG B 43 7.88 0.23 -27.85
N ASN B 44 7.23 0.44 -26.70
CA ASN B 44 5.79 0.30 -26.59
C ASN B 44 5.02 1.58 -26.92
N THR B 45 5.59 2.76 -26.69
CA THR B 45 4.83 3.99 -26.90
C THR B 45 4.83 4.34 -28.38
N GLY B 46 3.64 4.58 -28.93
CA GLY B 46 3.53 4.93 -30.32
C GLY B 46 4.01 6.35 -30.61
N ILE B 47 4.54 6.54 -31.81
CA ILE B 47 5.10 7.82 -32.25
C ILE B 47 4.28 8.31 -33.43
N ILE B 48 3.66 9.47 -33.28
CA ILE B 48 2.85 10.11 -34.30
C ILE B 48 3.62 11.32 -34.83
N CYS B 49 3.79 11.39 -36.15
CA CYS B 49 4.56 12.45 -36.80
C CYS B 49 3.67 13.24 -37.74
N THR B 50 3.67 14.56 -37.57
CA THR B 50 2.96 15.45 -38.46
C THR B 50 3.81 15.60 -39.72
N ILE B 51 3.24 15.25 -40.88
CA ILE B 51 3.96 15.31 -42.14
C ILE B 51 3.73 16.69 -42.75
N GLY B 52 4.78 17.24 -43.34
CA GLY B 52 4.73 18.56 -43.92
C GLY B 52 5.86 18.74 -44.91
N PRO B 53 6.12 19.98 -45.30
CA PRO B 53 7.16 20.22 -46.31
C PRO B 53 8.50 19.62 -45.94
N ALA B 54 8.79 19.42 -44.66
CA ALA B 54 10.10 18.87 -44.32
C ALA B 54 10.15 17.35 -44.43
N SER B 55 8.99 16.69 -44.56
CA SER B 55 9.01 15.23 -44.44
C SER B 55 8.02 14.51 -45.36
N ARG B 56 7.51 15.12 -46.42
CA ARG B 56 6.46 14.50 -47.22
C ARG B 56 6.98 13.82 -48.48
N SER B 57 8.27 13.87 -48.76
CA SER B 57 8.80 13.13 -49.89
C SER B 57 8.91 11.65 -49.55
N VAL B 58 8.81 10.81 -50.59
CA VAL B 58 8.85 9.37 -50.37
C VAL B 58 10.17 8.95 -49.73
N GLU B 59 11.27 9.56 -50.18
CA GLU B 59 12.58 9.22 -49.64
C GLU B 59 12.66 9.51 -48.15
N THR B 60 12.11 10.65 -47.72
CA THR B 60 12.16 11.01 -46.32
C THR B 60 11.16 10.20 -45.51
N LEU B 61 9.98 9.92 -46.07
CA LEU B 61 8.99 9.12 -45.36
C LEU B 61 9.53 7.72 -45.07
N LYS B 62 10.28 7.14 -46.02
CA LYS B 62 10.89 5.84 -45.75
C LYS B 62 11.80 5.92 -44.52
N GLU B 63 12.62 6.96 -44.44
CA GLU B 63 13.49 7.10 -43.27
C GLU B 63 12.68 7.38 -42.01
N MET B 64 11.64 8.20 -42.12
CA MET B 64 10.71 8.40 -41.00
C MET B 64 10.24 7.06 -40.44
N ILE B 65 9.84 6.14 -41.33
CA ILE B 65 9.36 4.83 -40.88
C ILE B 65 10.48 4.07 -40.18
N LYS B 66 11.65 3.96 -40.83
CA LYS B 66 12.77 3.25 -40.23
C LYS B 66 13.18 3.86 -38.91
N SER B 67 12.96 5.17 -38.74
CA SER B 67 13.32 5.82 -37.48
C SER B 67 12.30 5.55 -36.39
N GLY B 68 11.10 5.10 -36.73
CA GLY B 68 10.14 4.70 -35.70
C GLY B 68 8.74 5.30 -35.79
N MET B 69 8.46 6.09 -36.83
CA MET B 69 7.12 6.63 -36.98
C MET B 69 6.09 5.52 -37.13
N ASN B 70 5.00 5.64 -36.38
CA ASN B 70 3.88 4.70 -36.45
C ASN B 70 2.62 5.28 -37.10
N VAL B 71 2.39 6.58 -36.99
CA VAL B 71 1.17 7.21 -37.49
C VAL B 71 1.57 8.53 -38.14
N ALA B 72 1.04 8.78 -39.34
CA ALA B 72 1.29 10.03 -40.06
C ALA B 72 0.07 10.94 -39.88
N ARG B 73 0.29 12.10 -39.28
CA ARG B 73 -0.76 13.08 -39.01
C ARG B 73 -0.82 14.09 -40.14
N MET B 74 -2.02 14.26 -40.71
CA MET B 74 -2.28 15.29 -41.73
C MET B 74 -3.05 16.41 -41.06
N ASN B 75 -2.45 17.61 -41.03
CA ASN B 75 -3.02 18.74 -40.32
C ASN B 75 -3.85 19.57 -41.30
N PHE B 76 -5.17 19.49 -41.20
CA PHE B 76 -6.03 20.18 -42.15
C PHE B 76 -6.28 21.64 -41.78
N SER B 77 -5.55 22.19 -40.81
CA SER B 77 -5.57 23.63 -40.60
C SER B 77 -5.01 24.36 -41.80
N HIS B 78 -4.17 23.71 -42.60
CA HIS B 78 -3.62 24.28 -43.81
C HIS B 78 -3.67 23.23 -44.90
N GLY B 79 -3.49 23.67 -46.14
CA GLY B 79 -3.40 22.73 -47.25
C GLY B 79 -4.71 22.44 -47.94
N THR B 80 -4.65 22.26 -49.25
CA THR B 80 -5.77 21.81 -50.05
C THR B 80 -5.90 20.29 -50.01
N HIS B 81 -7.07 19.80 -50.41
CA HIS B 81 -7.24 18.35 -50.51
C HIS B 81 -6.22 17.72 -51.44
N GLU B 82 -5.91 18.38 -52.55
CA GLU B 82 -4.91 17.85 -53.47
C GLU B 82 -3.56 17.68 -52.80
N TYR B 83 -3.15 18.67 -52.01
CA TYR B 83 -1.89 18.61 -51.28
C TYR B 83 -1.87 17.43 -50.32
N HIS B 84 -2.94 17.26 -49.55
CA HIS B 84 -2.99 16.17 -48.58
C HIS B 84 -3.14 14.82 -49.25
N ALA B 85 -3.87 14.76 -50.37
CA ALA B 85 -3.96 13.51 -51.09
C ALA B 85 -2.58 13.06 -51.55
N GLU B 86 -1.76 14.01 -52.00
CA GLU B 86 -0.42 13.64 -52.42
C GLU B 86 0.43 13.21 -51.23
N THR B 87 0.35 13.92 -50.12
CA THR B 87 1.07 13.49 -48.92
C THR B 87 0.66 12.08 -48.53
N ILE B 88 -0.64 11.81 -48.48
CA ILE B 88 -1.11 10.47 -48.13
C ILE B 88 -0.58 9.44 -49.11
N LYS B 89 -0.63 9.76 -50.41
CA LYS B 89 -0.09 8.83 -51.41
C LYS B 89 1.37 8.51 -51.14
N ASN B 90 2.16 9.53 -50.75
CA ASN B 90 3.58 9.32 -50.48
C ASN B 90 3.80 8.48 -49.23
N VAL B 91 2.97 8.66 -48.20
CA VAL B 91 3.08 7.82 -47.01
C VAL B 91 2.85 6.37 -47.38
N ARG B 92 1.76 6.09 -48.08
CA ARG B 92 1.46 4.72 -48.48
C ARG B 92 2.55 4.15 -49.38
N THR B 93 3.08 4.97 -50.29
CA THR B 93 4.18 4.49 -51.12
C THR B 93 5.37 4.11 -50.27
N ALA B 94 5.75 4.99 -49.34
CA ALA B 94 6.87 4.70 -48.45
C ALA B 94 6.62 3.44 -47.63
N THR B 95 5.39 3.29 -47.12
CA THR B 95 5.07 2.15 -46.27
C THR B 95 5.12 0.85 -47.05
N GLU B 96 4.59 0.85 -48.27
CA GLU B 96 4.52 -0.39 -49.02
C GLU B 96 5.85 -0.76 -49.66
N SER B 97 6.79 0.18 -49.74
CA SER B 97 8.13 -0.18 -50.20
C SER B 97 8.78 -1.23 -49.29
N PHE B 98 8.16 -1.54 -48.15
CA PHE B 98 8.65 -2.51 -47.19
C PHE B 98 7.85 -3.81 -47.18
N ALA B 99 6.79 -3.91 -47.98
CA ALA B 99 5.98 -5.11 -47.99
C ALA B 99 6.66 -6.27 -48.71
N SER B 100 7.82 -6.01 -49.33
CA SER B 100 8.62 -7.10 -49.90
C SER B 100 8.88 -8.19 -48.86
N ASP B 101 9.27 -7.80 -47.66
CA ASP B 101 9.58 -8.72 -46.57
C ASP B 101 8.39 -8.78 -45.61
N PRO B 102 7.53 -9.79 -45.70
CA PRO B 102 6.33 -9.80 -44.84
C PRO B 102 6.64 -9.80 -43.35
N ILE B 103 7.74 -10.45 -42.94
CA ILE B 103 8.04 -10.55 -41.52
C ILE B 103 8.48 -9.20 -40.96
N LEU B 104 9.12 -8.35 -41.75
CA LEU B 104 9.65 -7.09 -41.26
C LEU B 104 8.75 -5.88 -41.52
N TYR B 105 7.75 -6.05 -42.39
CA TYR B 105 6.81 -4.97 -42.70
C TYR B 105 6.25 -4.34 -41.43
N ARG B 106 6.18 -3.02 -41.42
CA ARG B 106 5.55 -2.27 -40.33
C ARG B 106 4.35 -1.54 -40.90
N PRO B 107 3.15 -1.77 -40.39
CA PRO B 107 2.01 -0.95 -40.84
C PRO B 107 2.19 0.48 -40.35
N VAL B 108 1.62 1.42 -41.10
CA VAL B 108 1.68 2.83 -40.76
C VAL B 108 0.26 3.39 -40.89
N ALA B 109 -0.21 4.03 -39.83
CA ALA B 109 -1.56 4.58 -39.80
C ALA B 109 -1.57 6.01 -40.32
N VAL B 110 -2.75 6.45 -40.76
CA VAL B 110 -2.96 7.78 -41.31
C VAL B 110 -4.03 8.48 -40.50
N ALA B 111 -3.69 9.64 -39.92
CA ALA B 111 -4.60 10.42 -39.11
C ALA B 111 -4.91 11.75 -39.78
N LEU B 112 -6.19 12.15 -39.71
CA LEU B 112 -6.63 13.46 -40.19
C LEU B 112 -6.94 14.34 -38.97
N ASP B 113 -6.31 15.51 -38.91
CA ASP B 113 -6.46 16.44 -37.80
C ASP B 113 -7.27 17.63 -38.33
N THR B 114 -8.47 17.81 -37.81
CA THR B 114 -9.37 18.83 -38.35
C THR B 114 -8.91 20.23 -37.98
N LYS B 115 -9.27 21.20 -38.83
CA LYS B 115 -9.12 22.59 -38.47
C LYS B 115 -9.99 22.95 -37.26
N GLY B 116 -11.27 22.65 -37.33
CA GLY B 116 -12.18 23.01 -36.26
C GLY B 116 -12.39 24.51 -36.18
N PRO B 117 -12.96 24.97 -35.08
CA PRO B 117 -13.33 26.41 -34.94
C PRO B 117 -12.16 27.33 -34.65
N GLU B 118 -11.30 27.55 -35.64
CA GLU B 118 -10.15 28.42 -35.48
C GLU B 118 -10.52 29.87 -35.78
N ILE B 119 -9.85 30.79 -35.08
CA ILE B 119 -9.92 32.21 -35.36
C ILE B 119 -8.55 32.64 -35.85
N ARG B 120 -8.50 33.38 -36.96
CA ARG B 120 -7.24 33.84 -37.50
CA ARG B 120 -7.25 33.82 -37.55
C ARG B 120 -7.33 35.30 -37.91
N THR B 121 -6.18 35.92 -38.04
CA THR B 121 -6.04 37.28 -38.53
C THR B 121 -5.88 37.27 -40.04
N GLY B 122 -5.99 38.44 -40.65
CA GLY B 122 -5.81 38.61 -42.07
C GLY B 122 -4.35 38.79 -42.44
N LEU B 123 -4.14 39.33 -43.64
CA LEU B 123 -2.80 39.55 -44.16
C LEU B 123 -2.30 40.93 -43.76
N ILE B 124 -1.03 40.99 -43.35
CA ILE B 124 -0.40 42.28 -43.10
C ILE B 124 -0.34 43.05 -44.42
N LYS B 125 -0.65 44.34 -44.36
CA LYS B 125 -0.54 45.17 -45.54
C LYS B 125 0.88 45.12 -46.10
N GLY B 126 1.00 45.38 -47.39
CA GLY B 126 2.30 45.26 -48.04
C GLY B 126 2.43 43.93 -48.75
N SER B 127 3.65 43.41 -48.85
CA SER B 127 3.92 42.20 -49.62
C SER B 127 4.22 41.03 -48.68
N GLY B 128 3.19 40.22 -48.41
CA GLY B 128 3.31 38.86 -47.90
C GLY B 128 4.25 38.55 -46.74
N THR B 129 5.47 39.06 -46.78
CA THR B 129 6.46 38.78 -45.75
C THR B 129 6.41 39.75 -44.58
N ALA B 130 5.55 40.77 -44.64
CA ALA B 130 5.62 41.91 -43.73
C ALA B 130 5.19 41.53 -42.31
N GLU B 131 5.77 42.23 -41.34
CA GLU B 131 5.42 42.11 -39.92
C GLU B 131 5.39 43.49 -39.29
N VAL B 132 4.46 43.70 -38.36
CA VAL B 132 4.35 44.97 -37.66
C VAL B 132 4.61 44.72 -36.18
N GLU B 133 5.18 45.73 -35.52
CA GLU B 133 5.50 45.61 -34.10
C GLU B 133 4.34 46.14 -33.27
N LEU B 134 3.73 45.26 -32.49
CA LEU B 134 2.72 45.68 -31.52
C LEU B 134 3.45 46.06 -30.23
N LYS B 135 3.47 47.35 -29.92
CA LYS B 135 4.19 47.86 -28.76
C LYS B 135 3.31 47.86 -27.51
N LYS B 136 3.91 47.51 -26.38
CA LYS B 136 3.19 47.46 -25.11
C LYS B 136 2.54 48.80 -24.79
N GLY B 137 1.28 48.77 -24.39
CA GLY B 137 0.54 49.98 -24.09
C GLY B 137 0.00 50.72 -25.29
N ALA B 138 0.53 50.48 -26.48
CA ALA B 138 -0.12 51.01 -27.66
C ALA B 138 -1.52 50.42 -27.78
N THR B 139 -2.36 51.11 -28.52
CA THR B 139 -3.72 50.64 -28.76
C THR B 139 -3.81 50.05 -30.16
N LEU B 140 -4.81 49.19 -30.35
CA LEU B 140 -4.98 48.47 -31.60
C LEU B 140 -6.46 48.21 -31.80
N LYS B 141 -6.98 48.58 -32.96
CA LYS B 141 -8.38 48.31 -33.26
C LYS B 141 -8.52 46.96 -33.95
N ILE B 142 -9.47 46.15 -33.48
CA ILE B 142 -9.87 44.92 -34.14
C ILE B 142 -11.14 45.19 -34.90
N THR B 143 -11.13 44.97 -36.21
CA THR B 143 -12.31 45.17 -37.04
C THR B 143 -12.75 43.86 -37.69
N LEU B 144 -14.03 43.79 -38.01
CA LEU B 144 -14.60 42.67 -38.75
C LEU B 144 -14.90 43.04 -40.19
N ASP B 145 -14.59 44.27 -40.58
CA ASP B 145 -14.91 44.81 -41.91
C ASP B 145 -13.95 44.22 -42.94
N ASN B 146 -14.46 43.33 -43.79
CA ASN B 146 -13.64 42.63 -44.78
C ASN B 146 -12.84 43.59 -45.64
N ALA B 147 -13.14 44.88 -45.57
CA ALA B 147 -12.35 45.86 -46.30
C ALA B 147 -10.89 45.82 -45.87
N TYR B 148 -10.61 45.42 -44.63
CA TYR B 148 -9.24 45.40 -44.12
C TYR B 148 -8.62 44.01 -44.14
N MET B 149 -9.34 43.01 -44.66
CA MET B 149 -8.87 41.64 -44.76
C MET B 149 -7.39 41.52 -45.07
N GLU B 150 -6.88 42.34 -45.99
CA GLU B 150 -5.53 42.20 -46.49
C GLU B 150 -4.69 43.45 -46.26
N LYS B 151 -5.09 44.31 -45.33
CA LYS B 151 -4.25 45.43 -44.95
C LYS B 151 -4.23 45.60 -43.43
N CYS B 152 -3.95 44.50 -42.73
CA CYS B 152 -3.69 44.59 -41.30
C CYS B 152 -2.37 45.31 -41.04
N ASP B 153 -2.32 46.05 -39.94
CA ASP B 153 -1.08 46.66 -39.49
C ASP B 153 -1.20 46.88 -37.98
N GLU B 154 -0.25 47.62 -37.42
CA GLU B 154 -0.22 47.85 -35.98
C GLU B 154 -1.32 48.78 -35.49
N ASN B 155 -2.13 49.36 -36.38
CA ASN B 155 -3.24 50.19 -35.94
C ASN B 155 -4.59 49.52 -36.09
N ILE B 156 -4.76 48.65 -37.08
CA ILE B 156 -6.04 47.99 -37.31
C ILE B 156 -5.76 46.54 -37.70
N LEU B 157 -6.44 45.62 -37.03
CA LEU B 157 -6.26 44.20 -37.25
C LEU B 157 -7.61 43.58 -37.58
N TRP B 158 -7.69 42.90 -38.73
CA TRP B 158 -8.86 42.14 -39.12
C TRP B 158 -8.73 40.68 -38.68
N LEU B 159 -9.86 40.08 -38.30
CA LEU B 159 -9.89 38.65 -38.07
C LEU B 159 -11.23 38.10 -38.56
N ASP B 160 -11.31 36.78 -38.63
CA ASP B 160 -12.36 36.09 -39.38
C ASP B 160 -13.48 35.55 -38.50
N TYR B 161 -13.52 35.90 -37.23
CA TYR B 161 -14.61 35.49 -36.33
C TYR B 161 -15.61 36.64 -36.27
N LYS B 162 -16.61 36.59 -37.16
CA LYS B 162 -17.52 37.72 -37.31
C LYS B 162 -18.33 38.02 -36.05
N ASN B 163 -18.41 37.08 -35.10
CA ASN B 163 -19.24 37.26 -33.92
C ASN B 163 -18.44 37.59 -32.67
N ILE B 164 -17.15 37.92 -32.82
CA ILE B 164 -16.29 38.10 -31.64
C ILE B 164 -16.90 39.10 -30.67
N CYS B 165 -17.49 40.18 -31.19
CA CYS B 165 -18.02 41.23 -30.32
C CYS B 165 -19.12 40.72 -29.40
N LYS B 166 -19.80 39.63 -29.77
CA LYS B 166 -20.88 39.10 -28.93
C LYS B 166 -20.36 38.36 -27.70
N VAL B 167 -19.15 37.84 -27.73
CA VAL B 167 -18.68 36.89 -26.71
C VAL B 167 -17.55 37.45 -25.87
N VAL B 168 -17.08 38.67 -26.15
CA VAL B 168 -16.06 39.32 -25.33
C VAL B 168 -16.68 40.59 -24.74
N ASP B 169 -16.21 40.94 -23.56
CA ASP B 169 -16.59 42.20 -22.95
CA ASP B 169 -16.58 42.15 -22.85
C ASP B 169 -15.36 43.05 -22.69
N VAL B 170 -15.59 44.25 -22.16
CA VAL B 170 -14.46 45.08 -21.75
C VAL B 170 -13.71 44.31 -20.68
N GLY B 171 -12.38 44.37 -20.71
CA GLY B 171 -11.56 43.57 -19.82
C GLY B 171 -11.11 42.23 -20.37
N SER B 172 -11.80 41.68 -21.37
CA SER B 172 -11.43 40.38 -21.92
C SER B 172 -10.03 40.41 -22.52
N LYS B 173 -9.35 39.28 -22.44
CA LYS B 173 -8.04 39.12 -23.05
C LYS B 173 -8.16 38.48 -24.42
N VAL B 174 -7.41 39.00 -25.38
CA VAL B 174 -7.25 38.41 -26.69
C VAL B 174 -5.79 38.02 -26.86
N TYR B 175 -5.53 36.75 -27.19
CA TYR B 175 -4.19 36.27 -27.45
C TYR B 175 -4.01 36.00 -28.93
N VAL B 176 -2.83 36.36 -29.45
CA VAL B 176 -2.55 36.28 -30.87
C VAL B 176 -1.19 35.61 -31.09
N ASP B 177 -1.13 34.77 -32.13
CA ASP B 177 0.10 34.11 -32.57
C ASP B 177 0.64 33.15 -31.51
N ASP B 178 -0.03 32.02 -31.35
CA ASP B 178 0.37 31.01 -30.36
C ASP B 178 0.52 31.63 -28.96
N GLY B 179 -0.28 32.64 -28.66
CA GLY B 179 -0.31 33.19 -27.32
C GLY B 179 0.81 34.14 -26.98
N LEU B 180 1.64 34.51 -27.96
CA LEU B 180 2.81 35.35 -27.69
C LEU B 180 2.43 36.80 -27.46
N ILE B 181 1.36 37.26 -28.08
CA ILE B 181 0.88 38.64 -28.00
C ILE B 181 -0.44 38.62 -27.28
N SER B 182 -0.62 39.49 -26.30
CA SER B 182 -1.87 39.56 -25.54
C SER B 182 -2.40 40.98 -25.59
N LEU B 183 -3.68 41.11 -25.87
CA LEU B 183 -4.38 42.38 -25.91
C LEU B 183 -5.53 42.37 -24.92
N GLN B 184 -5.84 43.53 -24.36
CA GLN B 184 -6.99 43.69 -23.48
C GLN B 184 -8.02 44.57 -24.18
N VAL B 185 -9.28 44.11 -24.20
CA VAL B 185 -10.37 44.90 -24.74
C VAL B 185 -10.63 46.08 -23.81
N LYS B 186 -10.50 47.30 -24.34
CA LYS B 186 -10.79 48.52 -23.59
C LYS B 186 -12.16 49.08 -23.89
N GLN B 187 -12.58 49.01 -25.15
CA GLN B 187 -13.86 49.54 -25.59
C GLN B 187 -14.46 48.57 -26.60
N LYS B 188 -15.81 48.54 -26.66
CA LYS B 188 -16.50 47.61 -27.53
C LYS B 188 -17.28 48.30 -28.64
N GLY B 189 -18.59 48.12 -28.65
CA GLY B 189 -19.41 48.48 -29.78
C GLY B 189 -19.49 47.34 -30.77
N PRO B 190 -20.48 47.34 -31.64
CA PRO B 190 -20.55 46.30 -32.67
C PRO B 190 -19.70 46.67 -33.88
N ASP B 191 -19.15 45.64 -34.50
CA ASP B 191 -18.31 45.70 -35.70
C ASP B 191 -16.85 45.97 -35.38
N PHE B 192 -16.49 46.28 -34.13
CA PHE B 192 -15.08 46.55 -33.82
C PHE B 192 -14.82 46.47 -32.33
N LEU B 193 -13.54 46.35 -32.00
CA LEU B 193 -13.04 46.34 -30.63
C LEU B 193 -11.80 47.23 -30.55
N VAL B 194 -11.70 47.99 -29.47
CA VAL B 194 -10.50 48.76 -29.18
C VAL B 194 -9.75 48.04 -28.07
N THR B 195 -8.47 47.74 -28.31
CA THR B 195 -7.70 46.96 -27.37
C THR B 195 -6.41 47.69 -27.05
N GLU B 196 -5.81 47.29 -25.94
CA GLU B 196 -4.50 47.78 -25.53
C GLU B 196 -3.55 46.60 -25.52
N VAL B 197 -2.37 46.79 -26.11
CA VAL B 197 -1.35 45.76 -26.09
C VAL B 197 -0.80 45.66 -24.68
N GLU B 198 -0.93 44.47 -24.07
CA GLU B 198 -0.31 44.18 -22.78
C GLU B 198 1.07 43.55 -22.98
N ASN B 199 1.15 42.45 -23.71
CA ASN B 199 2.42 41.87 -24.12
C ASN B 199 2.58 42.07 -25.62
N GLY B 200 3.59 42.86 -26.01
CA GLY B 200 3.85 43.16 -27.39
C GLY B 200 4.67 42.09 -28.09
N GLY B 201 5.01 42.39 -29.33
CA GLY B 201 5.70 41.43 -30.19
C GLY B 201 5.49 41.84 -31.63
N PHE B 202 6.07 41.05 -32.53
CA PHE B 202 5.90 41.27 -33.95
C PHE B 202 4.78 40.38 -34.48
N LEU B 203 3.90 40.97 -35.29
CA LEU B 203 2.73 40.27 -35.80
C LEU B 203 2.85 40.12 -37.31
N GLY B 204 2.69 38.89 -37.80
CA GLY B 204 2.59 38.61 -39.22
C GLY B 204 1.18 38.28 -39.65
N SER B 205 1.07 37.65 -40.82
CA SER B 205 -0.21 37.39 -41.44
C SER B 205 -0.80 36.07 -40.98
N LYS B 206 -2.13 36.01 -40.96
CA LYS B 206 -2.90 34.80 -40.71
C LYS B 206 -2.42 34.06 -39.45
N LYS B 207 -2.37 34.79 -38.35
CA LYS B 207 -1.99 34.19 -37.07
C LYS B 207 -3.21 33.75 -36.28
N GLY B 208 -3.02 32.73 -35.44
CA GLY B 208 -4.11 32.21 -34.64
C GLY B 208 -4.46 33.09 -33.45
N VAL B 209 -5.75 33.07 -33.09
CA VAL B 209 -6.30 33.91 -32.03
C VAL B 209 -7.01 33.02 -31.01
N ASN B 210 -6.81 33.32 -29.74
CA ASN B 210 -7.51 32.61 -28.67
C ASN B 210 -8.23 33.61 -27.80
N LEU B 211 -9.40 33.20 -27.31
CA LEU B 211 -10.26 34.03 -26.47
C LEU B 211 -10.54 33.24 -25.20
N PRO B 212 -9.58 33.18 -24.28
CA PRO B 212 -9.78 32.36 -23.08
C PRO B 212 -10.94 32.92 -22.25
N GLY B 213 -11.74 32.00 -21.71
CA GLY B 213 -12.85 32.44 -20.88
C GLY B 213 -14.06 32.93 -21.65
N ALA B 214 -13.86 33.35 -22.90
CA ALA B 214 -15.00 33.63 -23.76
C ALA B 214 -15.73 32.34 -24.13
N ALA B 215 -17.01 32.47 -24.44
CA ALA B 215 -17.83 31.36 -24.92
C ALA B 215 -17.93 31.47 -26.44
N VAL B 216 -16.93 30.93 -27.12
CA VAL B 216 -16.90 31.02 -28.58
C VAL B 216 -18.07 30.22 -29.15
N ASP B 217 -18.80 30.82 -30.09
CA ASP B 217 -20.00 30.18 -30.63
C ASP B 217 -19.80 29.70 -32.06
N LEU B 218 -18.58 29.44 -32.46
CA LEU B 218 -18.37 28.80 -33.75
C LEU B 218 -18.73 27.31 -33.64
N PRO B 219 -19.16 26.72 -34.75
CA PRO B 219 -19.60 25.31 -34.71
C PRO B 219 -18.44 24.36 -34.53
N ALA B 220 -18.66 23.31 -33.74
CA ALA B 220 -17.64 22.29 -33.59
C ALA B 220 -17.25 21.70 -34.95
N VAL B 221 -18.22 21.43 -35.80
CA VAL B 221 -17.96 20.91 -37.13
C VAL B 221 -18.52 21.91 -38.12
N SER B 222 -17.64 22.54 -38.88
CA SER B 222 -18.00 23.57 -39.84
C SER B 222 -18.17 22.97 -41.23
N GLU B 223 -18.65 23.80 -42.15
CA GLU B 223 -18.77 23.36 -43.54
C GLU B 223 -17.44 22.83 -44.06
N LYS B 224 -16.34 23.54 -43.77
CA LYS B 224 -15.03 23.08 -44.19
C LYS B 224 -14.68 21.74 -43.56
N ASP B 225 -14.98 21.58 -42.26
CA ASP B 225 -14.70 20.33 -41.57
C ASP B 225 -15.47 19.17 -42.19
N ILE B 226 -16.73 19.39 -42.54
CA ILE B 226 -17.53 18.32 -43.15
C ILE B 226 -16.86 17.85 -44.43
N GLN B 227 -16.44 18.79 -45.28
CA GLN B 227 -15.75 18.43 -46.51
C GLN B 227 -14.46 17.67 -46.22
N ASP B 228 -13.68 18.14 -45.23
CA ASP B 228 -12.44 17.44 -44.89
C ASP B 228 -12.72 16.05 -44.33
N LEU B 229 -13.77 15.94 -43.51
CA LEU B 229 -14.13 14.63 -42.95
C LEU B 229 -14.61 13.68 -44.04
N LYS B 230 -15.44 14.15 -44.96
CA LYS B 230 -15.83 13.33 -46.09
C LYS B 230 -14.62 12.92 -46.91
N PHE B 231 -13.70 13.87 -47.13
CA PHE B 231 -12.46 13.56 -47.83
C PHE B 231 -11.68 12.47 -47.10
N GLY B 232 -11.70 12.51 -45.77
CA GLY B 232 -10.99 11.49 -45.00
C GLY B 232 -11.56 10.10 -45.22
N VAL B 233 -12.89 9.98 -45.27
CA VAL B 233 -13.50 8.69 -45.58
C VAL B 233 -13.09 8.23 -46.97
N GLU B 234 -13.14 9.14 -47.95
N GLU B 234 -13.19 9.13 -47.96
CA GLU B 234 -12.76 8.72 -49.30
CA GLU B 234 -12.74 8.81 -49.30
C GLU B 234 -11.29 8.33 -49.38
C GLU B 234 -11.33 8.26 -49.29
N GLN B 235 -10.45 8.88 -48.52
CA GLN B 235 -9.04 8.51 -48.49
C GLN B 235 -8.75 7.32 -47.60
N ASP B 236 -9.76 6.74 -46.96
CA ASP B 236 -9.58 5.54 -46.15
C ASP B 236 -8.64 5.79 -44.96
N VAL B 237 -8.72 6.98 -44.35
CA VAL B 237 -7.88 7.23 -43.18
C VAL B 237 -8.31 6.32 -42.03
N ASP B 238 -7.41 6.18 -41.06
CA ASP B 238 -7.62 5.30 -39.92
C ASP B 238 -8.24 6.00 -38.71
N MET B 239 -7.97 7.29 -38.54
CA MET B 239 -8.43 7.99 -37.35
C MET B 239 -8.53 9.47 -37.65
N VAL B 240 -9.35 10.14 -36.84
CA VAL B 240 -9.56 11.58 -36.92
C VAL B 240 -9.19 12.16 -35.56
N PHE B 241 -8.36 13.20 -35.57
CA PHE B 241 -8.09 14.03 -34.39
C PHE B 241 -8.98 15.27 -34.48
N ALA B 242 -10.01 15.33 -33.65
CA ALA B 242 -11.05 16.34 -33.77
C ALA B 242 -10.71 17.53 -32.89
N SER B 243 -10.54 18.69 -33.50
CA SER B 243 -10.05 19.86 -32.79
C SER B 243 -11.14 20.52 -31.95
N PHE B 244 -10.74 21.00 -30.77
CA PHE B 244 -11.58 21.84 -29.92
C PHE B 244 -12.89 21.16 -29.53
N ILE B 245 -12.82 19.87 -29.19
CA ILE B 245 -13.97 19.17 -28.65
C ILE B 245 -14.32 19.75 -27.29
N ARG B 246 -15.55 20.25 -27.14
CA ARG B 246 -16.00 20.86 -25.90
C ARG B 246 -17.04 20.05 -25.14
N LYS B 247 -17.74 19.15 -25.81
CA LYS B 247 -18.77 18.38 -25.14
C LYS B 247 -19.06 17.12 -25.94
N ALA B 248 -19.64 16.13 -25.27
CA ALA B 248 -19.98 14.87 -25.93
C ALA B 248 -20.72 15.10 -27.25
N ALA B 249 -21.69 16.02 -27.26
CA ALA B 249 -22.43 16.30 -28.48
C ALA B 249 -21.51 16.67 -29.64
N ASP B 250 -20.40 17.35 -29.34
CA ASP B 250 -19.41 17.63 -30.39
C ASP B 250 -18.90 16.32 -31.00
N VAL B 251 -18.59 15.33 -30.15
CA VAL B 251 -18.09 14.05 -30.66
C VAL B 251 -19.17 13.36 -31.50
N HIS B 252 -20.42 13.38 -31.02
CA HIS B 252 -21.50 12.73 -31.77
C HIS B 252 -21.63 13.33 -33.17
N GLU B 253 -21.48 14.64 -33.29
CA GLU B 253 -21.52 15.27 -34.60
C GLU B 253 -20.46 14.70 -35.53
N VAL B 254 -19.23 14.59 -35.05
CA VAL B 254 -18.16 14.05 -35.90
C VAL B 254 -18.52 12.63 -36.34
N ARG B 255 -19.05 11.81 -35.43
CA ARG B 255 -19.37 10.44 -35.81
C ARG B 255 -20.50 10.38 -36.83
N LYS B 256 -21.46 11.31 -36.73
CA LYS B 256 -22.53 11.35 -37.73
C LYS B 256 -21.98 11.68 -39.11
N ILE B 257 -21.07 12.64 -39.20
CA ILE B 257 -20.53 13.01 -40.51
C ILE B 257 -19.76 11.86 -41.13
N LEU B 258 -18.95 11.15 -40.33
CA LEU B 258 -18.26 9.96 -40.84
C LEU B 258 -19.24 8.88 -41.29
N GLY B 259 -20.45 8.88 -40.73
CA GLY B 259 -21.56 8.06 -41.14
C GLY B 259 -21.29 6.56 -41.16
N GLU B 260 -22.13 5.87 -41.95
CA GLU B 260 -22.02 4.42 -42.07
C GLU B 260 -20.68 4.02 -42.68
N LYS B 261 -20.28 4.69 -43.76
CA LYS B 261 -19.04 4.29 -44.44
C LYS B 261 -17.80 4.55 -43.59
N GLY B 262 -17.86 5.49 -42.64
CA GLY B 262 -16.72 5.78 -41.81
C GLY B 262 -16.85 5.29 -40.38
N LYS B 263 -17.77 4.35 -40.15
CA LYS B 263 -18.08 3.94 -38.77
C LYS B 263 -16.91 3.25 -38.09
N ASN B 264 -15.90 2.79 -38.82
CA ASN B 264 -14.77 2.10 -38.19
C ASN B 264 -13.57 3.00 -38.00
N ILE B 265 -13.63 4.24 -38.46
CA ILE B 265 -12.58 5.20 -38.20
C ILE B 265 -12.67 5.67 -36.74
N LYS B 266 -11.55 5.61 -36.03
CA LYS B 266 -11.55 6.02 -34.62
C LYS B 266 -11.53 7.53 -34.53
N ILE B 267 -12.31 8.06 -33.59
CA ILE B 267 -12.36 9.49 -33.29
C ILE B 267 -11.56 9.72 -32.01
N ILE B 268 -10.47 10.48 -32.15
CA ILE B 268 -9.69 10.96 -31.02
C ILE B 268 -10.08 12.40 -30.77
N SER B 269 -10.61 12.68 -29.58
CA SER B 269 -10.99 14.05 -29.26
C SER B 269 -9.82 14.81 -28.65
N LYS B 270 -9.52 15.97 -29.23
CA LYS B 270 -8.47 16.84 -28.73
C LYS B 270 -9.04 17.73 -27.64
N ILE B 271 -8.48 17.65 -26.44
CA ILE B 271 -8.85 18.53 -25.34
C ILE B 271 -7.90 19.73 -25.35
N GLU B 272 -8.45 20.91 -25.61
CA GLU B 272 -7.57 22.08 -25.73
C GLU B 272 -8.23 23.37 -25.24
N ASN B 273 -9.24 23.29 -24.38
CA ASN B 273 -9.82 24.47 -23.77
C ASN B 273 -10.46 24.07 -22.45
N HIS B 274 -10.87 25.09 -21.70
CA HIS B 274 -11.34 24.89 -20.33
C HIS B 274 -12.58 24.00 -20.32
N GLU B 275 -13.56 24.32 -21.17
CA GLU B 275 -14.78 23.51 -21.19
C GLU B 275 -14.46 22.06 -21.48
N GLY B 276 -13.59 21.81 -22.46
CA GLY B 276 -13.13 20.45 -22.71
C GLY B 276 -12.65 19.73 -21.46
N VAL B 277 -11.91 20.43 -20.61
CA VAL B 277 -11.46 19.78 -19.38
C VAL B 277 -12.63 19.57 -18.43
N ARG B 278 -13.51 20.57 -18.31
CA ARG B 278 -14.64 20.49 -17.39
C ARG B 278 -15.57 19.35 -17.77
N ARG B 279 -15.81 19.14 -19.06
CA ARG B 279 -16.71 18.10 -19.50
C ARG B 279 -15.96 16.85 -19.97
N PHE B 280 -14.77 16.64 -19.43
CA PHE B 280 -13.91 15.58 -19.94
C PHE B 280 -14.59 14.22 -19.88
N ASP B 281 -15.23 13.89 -18.75
CA ASP B 281 -15.76 12.53 -18.56
C ASP B 281 -16.71 12.16 -19.69
N GLU B 282 -17.62 13.07 -20.05
CA GLU B 282 -18.60 12.74 -21.08
C GLU B 282 -17.97 12.72 -22.46
N ILE B 283 -16.92 13.52 -22.67
CA ILE B 283 -16.22 13.48 -23.95
C ILE B 283 -15.47 12.16 -24.11
N LEU B 284 -14.85 11.67 -23.03
CA LEU B 284 -14.15 10.39 -23.10
C LEU B 284 -15.12 9.26 -23.39
N GLU B 285 -16.26 9.23 -22.69
CA GLU B 285 -17.26 8.20 -22.91
C GLU B 285 -17.64 8.10 -24.38
N ALA B 286 -17.78 9.25 -25.05
CA ALA B 286 -18.23 9.28 -26.43
C ALA B 286 -17.10 9.04 -27.44
N SER B 287 -15.85 9.12 -27.03
CA SER B 287 -14.74 9.08 -27.96
C SER B 287 -14.09 7.69 -27.98
N ASP B 288 -13.36 7.42 -29.05
CA ASP B 288 -12.46 6.27 -29.07
C ASP B 288 -11.14 6.57 -28.39
N GLY B 289 -10.76 7.83 -28.27
CA GLY B 289 -9.52 8.18 -27.60
C GLY B 289 -9.44 9.67 -27.39
N ILE B 290 -8.30 10.10 -26.85
CA ILE B 290 -8.12 11.48 -26.39
C ILE B 290 -6.72 11.95 -26.73
N MET B 291 -6.62 13.19 -27.19
CA MET B 291 -5.32 13.85 -27.33
C MET B 291 -5.27 15.01 -26.33
N VAL B 292 -4.21 15.07 -25.55
CA VAL B 292 -3.91 16.25 -24.74
C VAL B 292 -3.25 17.26 -25.68
N ALA B 293 -4.03 18.22 -26.17
CA ALA B 293 -3.56 19.15 -27.20
C ALA B 293 -2.97 20.37 -26.50
N ARG B 294 -1.73 20.20 -26.03
CA ARG B 294 -1.19 21.14 -25.04
C ARG B 294 -1.00 22.55 -25.59
N GLY B 295 -0.76 22.70 -26.90
CA GLY B 295 -0.56 24.02 -27.47
C GLY B 295 -1.68 25.00 -27.17
N ASP B 296 -2.86 24.76 -27.76
CA ASP B 296 -4.00 25.62 -27.45
C ASP B 296 -4.33 25.55 -25.96
N LEU B 297 -4.18 24.38 -25.34
CA LEU B 297 -4.62 24.26 -23.96
C LEU B 297 -3.86 25.21 -23.05
N GLY B 298 -2.57 25.40 -23.31
CA GLY B 298 -1.75 26.28 -22.49
C GLY B 298 -1.96 27.75 -22.76
N ILE B 299 -2.73 28.10 -23.79
CA ILE B 299 -3.17 29.47 -23.98
C ILE B 299 -4.53 29.68 -23.31
N GLU B 300 -5.42 28.71 -23.49
CA GLU B 300 -6.78 28.79 -22.97
C GLU B 300 -6.81 28.82 -21.45
N ILE B 301 -5.99 28.00 -20.80
CA ILE B 301 -5.87 28.01 -19.34
C ILE B 301 -4.45 28.41 -19.01
N PRO B 302 -4.20 28.84 -17.78
CA PRO B 302 -2.84 29.28 -17.40
C PRO B 302 -1.83 28.16 -17.65
N ALA B 303 -0.75 28.51 -18.35
CA ALA B 303 0.26 27.52 -18.74
C ALA B 303 0.74 26.68 -17.56
N GLU B 304 0.82 27.29 -16.37
CA GLU B 304 1.34 26.57 -15.21
C GLU B 304 0.42 25.45 -14.77
N LYS B 305 -0.78 25.36 -15.33
CA LYS B 305 -1.75 24.34 -14.96
C LYS B 305 -1.84 23.19 -15.94
N VAL B 306 -1.18 23.27 -17.10
CA VAL B 306 -1.36 22.24 -18.13
C VAL B 306 -0.97 20.86 -17.61
N PHE B 307 0.11 20.78 -16.82
CA PHE B 307 0.52 19.47 -16.33
C PHE B 307 -0.57 18.83 -15.49
N LEU B 308 -1.38 19.64 -14.80
CA LEU B 308 -2.50 19.08 -14.05
C LEU B 308 -3.53 18.44 -14.97
N ALA B 309 -3.92 19.15 -16.04
CA ALA B 309 -4.85 18.57 -17.00
C ALA B 309 -4.25 17.35 -17.69
N GLN B 310 -2.98 17.43 -18.08
CA GLN B 310 -2.32 16.30 -18.74
C GLN B 310 -2.38 15.04 -17.86
N LYS B 311 -1.96 15.15 -16.58
CA LYS B 311 -1.92 13.95 -15.75
C LYS B 311 -3.31 13.44 -15.41
N MET B 312 -4.27 14.34 -15.21
CA MET B 312 -5.63 13.92 -14.92
C MET B 312 -6.21 13.17 -16.10
N ILE B 313 -5.99 13.69 -17.31
CA ILE B 313 -6.57 13.09 -18.51
C ILE B 313 -5.93 11.74 -18.80
N ILE B 314 -4.60 11.68 -18.75
CA ILE B 314 -3.92 10.43 -18.99
C ILE B 314 -4.41 9.36 -18.02
N GLY B 315 -4.51 9.72 -16.73
CA GLY B 315 -4.96 8.74 -15.75
C GLY B 315 -6.35 8.21 -16.05
N ARG B 316 -7.31 9.10 -16.32
CA ARG B 316 -8.67 8.66 -16.59
C ARG B 316 -8.75 7.82 -17.87
N CYS B 317 -7.96 8.16 -18.89
CA CYS B 317 -7.92 7.33 -20.10
C CYS B 317 -7.33 5.96 -19.80
N ASN B 318 -6.23 5.92 -19.03
CA ASN B 318 -5.68 4.62 -18.61
C ASN B 318 -6.74 3.82 -17.86
N ARG B 319 -7.44 4.48 -16.94
CA ARG B 319 -8.50 3.84 -16.18
C ARG B 319 -9.54 3.19 -17.09
N ALA B 320 -9.96 3.90 -18.14
CA ALA B 320 -10.96 3.38 -19.04
C ALA B 320 -10.39 2.47 -20.13
N GLY B 321 -9.07 2.40 -20.28
CA GLY B 321 -8.50 1.64 -21.38
C GLY B 321 -8.65 2.31 -22.73
N LYS B 322 -8.84 3.63 -22.77
CA LYS B 322 -8.88 4.26 -24.08
C LYS B 322 -7.57 4.97 -24.39
N PRO B 323 -7.14 4.93 -25.65
CA PRO B 323 -5.86 5.54 -26.01
C PRO B 323 -5.83 7.04 -25.67
N VAL B 324 -4.67 7.51 -25.21
CA VAL B 324 -4.45 8.93 -24.95
C VAL B 324 -3.12 9.34 -25.58
N ILE B 325 -3.13 10.47 -26.28
CA ILE B 325 -1.97 11.00 -26.97
C ILE B 325 -1.53 12.27 -26.24
N CYS B 326 -0.24 12.37 -25.93
CA CYS B 326 0.34 13.61 -25.43
C CYS B 326 1.00 14.35 -26.60
N ALA B 327 0.62 15.61 -26.80
CA ALA B 327 0.99 16.33 -28.02
C ALA B 327 1.54 17.72 -27.73
N THR B 328 2.41 18.16 -28.64
CA THR B 328 2.75 19.57 -28.88
C THR B 328 3.96 20.05 -28.08
N GLN B 329 5.00 20.48 -28.82
CA GLN B 329 6.21 21.09 -28.28
C GLN B 329 7.05 20.12 -27.44
N MET B 330 6.92 18.81 -27.64
CA MET B 330 7.72 17.88 -26.85
C MET B 330 9.20 18.02 -27.14
N LEU B 331 9.58 18.22 -28.40
CA LEU B 331 10.98 18.42 -28.78
C LEU B 331 11.14 19.69 -29.58
N GLU B 332 10.48 20.76 -29.12
CA GLU B 332 10.34 21.98 -29.91
C GLU B 332 11.69 22.47 -30.43
N SER B 333 12.71 22.52 -29.56
CA SER B 333 13.99 23.10 -29.95
C SER B 333 14.61 22.37 -31.13
N MET B 334 14.21 21.13 -31.39
CA MET B 334 14.82 20.39 -32.48
C MET B 334 14.31 20.82 -33.84
N ILE B 335 13.40 21.79 -33.89
CA ILE B 335 13.07 22.45 -35.16
C ILE B 335 14.30 23.15 -35.71
N LYS B 336 15.12 23.74 -34.84
CA LYS B 336 16.35 24.41 -35.27
C LYS B 336 17.63 23.68 -34.87
N LYS B 337 17.61 22.82 -33.87
CA LYS B 337 18.84 22.20 -33.39
C LYS B 337 18.80 20.68 -33.47
N PRO B 338 19.96 20.02 -33.59
CA PRO B 338 19.97 18.56 -33.76
C PRO B 338 19.86 17.76 -32.47
N ARG B 339 19.94 18.39 -31.30
CA ARG B 339 19.74 17.74 -30.02
C ARG B 339 18.73 18.54 -29.22
N PRO B 340 17.91 17.89 -28.41
CA PRO B 340 16.90 18.62 -27.62
C PRO B 340 17.48 19.20 -26.33
N THR B 341 16.71 20.11 -25.74
CA THR B 341 17.05 20.61 -24.41
C THR B 341 16.78 19.55 -23.35
N ARG B 342 17.25 19.83 -22.13
CA ARG B 342 17.03 18.91 -21.02
C ARG B 342 15.56 18.89 -20.61
N ALA B 343 14.87 20.03 -20.69
CA ALA B 343 13.43 20.05 -20.40
C ALA B 343 12.67 19.16 -21.37
N GLU B 344 13.11 19.14 -22.63
CA GLU B 344 12.38 18.37 -23.64
C GLU B 344 12.55 16.86 -23.44
N GLY B 345 13.76 16.41 -23.13
CA GLY B 345 13.94 15.00 -22.83
C GLY B 345 13.15 14.58 -21.60
N SER B 346 13.13 15.44 -20.58
CA SER B 346 12.34 15.18 -19.40
C SER B 346 10.85 15.15 -19.72
N ASP B 347 10.39 16.02 -20.62
CA ASP B 347 8.97 16.08 -20.96
C ASP B 347 8.51 14.79 -21.63
N VAL B 348 9.29 14.29 -22.58
CA VAL B 348 8.93 13.03 -23.24
C VAL B 348 8.91 11.91 -22.23
N ALA B 349 9.95 11.83 -21.40
CA ALA B 349 10.05 10.76 -20.42
C ALA B 349 8.85 10.76 -19.48
N ASN B 350 8.44 11.94 -19.01
CA ASN B 350 7.37 12.01 -18.02
C ASN B 350 5.99 11.76 -18.62
N ALA B 351 5.81 12.08 -19.90
CA ALA B 351 4.57 11.70 -20.58
C ALA B 351 4.44 10.18 -20.63
N VAL B 352 5.53 9.47 -20.90
CA VAL B 352 5.50 8.01 -20.90
C VAL B 352 5.22 7.49 -19.49
N LEU B 353 5.96 7.99 -18.50
CA LEU B 353 5.70 7.59 -17.11
C LEU B 353 4.29 7.94 -16.68
N ASP B 354 3.75 9.06 -17.17
CA ASP B 354 2.35 9.39 -16.87
C ASP B 354 1.40 8.28 -17.34
N GLY B 355 1.76 7.59 -18.42
CA GLY B 355 0.93 6.54 -18.99
C GLY B 355 0.43 6.77 -20.40
N ALA B 356 0.94 7.82 -21.08
CA ALA B 356 0.47 8.14 -22.43
C ALA B 356 0.65 6.96 -23.37
N ASP B 357 -0.37 6.68 -24.18
CA ASP B 357 -0.24 5.59 -25.14
C ASP B 357 0.66 5.99 -26.30
N CYS B 358 0.59 7.24 -26.72
CA CYS B 358 1.40 7.73 -27.83
C CYS B 358 1.91 9.11 -27.50
N ILE B 359 2.99 9.49 -28.17
CA ILE B 359 3.53 10.84 -28.12
C ILE B 359 3.64 11.34 -29.56
N MET B 360 3.68 12.65 -29.70
CA MET B 360 3.46 13.28 -31.00
C MET B 360 4.51 14.34 -31.27
N LEU B 361 4.75 14.57 -32.55
CA LEU B 361 5.62 15.63 -33.05
C LEU B 361 4.85 16.43 -34.11
N SER B 362 4.94 17.77 -34.03
CA SER B 362 4.25 18.64 -34.97
C SER B 362 5.31 19.34 -35.81
N GLY B 363 5.67 20.58 -35.51
CA GLY B 363 6.65 21.28 -36.32
C GLY B 363 7.97 20.55 -36.42
N GLU B 364 8.32 19.79 -35.39
CA GLU B 364 9.59 19.07 -35.40
C GLU B 364 9.73 18.19 -36.64
N THR B 365 8.63 17.61 -37.12
CA THR B 365 8.65 16.80 -38.32
C THR B 365 7.96 17.45 -39.52
N ALA B 366 7.04 18.40 -39.28
CA ALA B 366 6.34 19.04 -40.40
C ALA B 366 7.25 20.03 -41.14
N LYS B 367 7.98 20.85 -40.40
CA LYS B 367 8.78 21.91 -41.03
C LYS B 367 10.21 22.03 -40.51
N GLY B 368 10.62 21.22 -39.54
CA GLY B 368 11.90 21.43 -38.89
C GLY B 368 13.09 21.02 -39.74
N ASP B 369 14.28 21.40 -39.28
CA ASP B 369 15.51 21.02 -39.93
C ASP B 369 15.99 19.62 -39.57
N TYR B 370 15.37 18.97 -38.59
CA TYR B 370 15.90 17.69 -38.14
C TYR B 370 14.77 16.72 -37.85
N PRO B 371 13.89 16.47 -38.81
CA PRO B 371 12.72 15.62 -38.51
C PRO B 371 13.11 14.20 -38.11
N LEU B 372 14.10 13.60 -38.80
CA LEU B 372 14.52 12.25 -38.47
C LEU B 372 15.13 12.19 -37.07
N GLU B 373 16.02 13.14 -36.77
CA GLU B 373 16.65 13.13 -35.45
C GLU B 373 15.60 13.25 -34.34
N ALA B 374 14.53 14.00 -34.59
CA ALA B 374 13.47 14.14 -33.58
C ALA B 374 12.74 12.82 -33.37
N VAL B 375 12.35 12.14 -34.46
CA VAL B 375 11.73 10.83 -34.33
C VAL B 375 12.61 9.90 -33.52
N ARG B 376 13.91 9.86 -33.87
CA ARG B 376 14.82 8.92 -33.23
C ARG B 376 14.98 9.22 -31.74
N MET B 377 14.91 10.51 -31.38
CA MET B 377 15.06 10.88 -29.98
C MET B 377 13.85 10.45 -29.16
N GLN B 378 12.64 10.56 -29.74
CA GLN B 378 11.45 10.07 -29.04
C GLN B 378 11.51 8.56 -28.84
N HIS B 379 11.96 7.82 -29.86
CA HIS B 379 12.13 6.39 -29.74
C HIS B 379 13.06 6.05 -28.57
N LEU B 380 14.23 6.70 -28.52
CA LEU B 380 15.21 6.41 -27.48
C LEU B 380 14.65 6.67 -26.09
N ILE B 381 14.01 7.85 -25.92
CA ILE B 381 13.52 8.24 -24.61
C ILE B 381 12.37 7.34 -24.18
N ALA B 382 11.40 7.11 -25.07
CA ALA B 382 10.26 6.27 -24.73
C ALA B 382 10.70 4.93 -24.17
N ARG B 383 11.70 4.30 -24.80
CA ARG B 383 12.16 2.98 -24.33
C ARG B 383 12.73 3.08 -22.93
N GLU B 384 13.54 4.09 -22.66
CA GLU B 384 14.10 4.23 -21.31
C GLU B 384 12.99 4.41 -20.29
N ALA B 385 12.02 5.26 -20.60
CA ALA B 385 10.96 5.54 -19.63
C ALA B 385 10.04 4.35 -19.44
N GLU B 386 9.86 3.55 -20.49
CA GLU B 386 8.97 2.40 -20.39
C GLU B 386 9.47 1.42 -19.34
N ALA B 387 10.78 1.18 -19.33
CA ALA B 387 11.35 0.30 -18.31
C ALA B 387 11.25 0.92 -16.92
N ALA B 388 11.26 2.25 -16.83
CA ALA B 388 11.25 2.92 -15.54
C ALA B 388 9.86 3.05 -14.92
N MET B 389 8.80 2.60 -15.58
CA MET B 389 7.51 2.56 -14.92
C MET B 389 7.55 1.58 -13.75
N PHE B 390 6.68 1.83 -12.77
CA PHE B 390 6.54 0.95 -11.59
C PHE B 390 5.38 -0.02 -11.85
N HIS B 391 5.65 -1.04 -12.67
CA HIS B 391 4.57 -1.87 -13.24
C HIS B 391 3.71 -2.53 -12.16
N ARG B 392 4.34 -3.14 -11.16
CA ARG B 392 3.57 -3.85 -10.15
C ARG B 392 2.53 -2.94 -9.51
N LYS B 393 2.93 -1.72 -9.14
CA LYS B 393 1.96 -0.80 -8.54
C LYS B 393 0.92 -0.36 -9.57
N LEU B 394 1.38 -0.07 -10.78
CA LEU B 394 0.43 0.36 -11.81
C LEU B 394 -0.64 -0.71 -12.03
N PHE B 395 -0.22 -1.96 -12.13
CA PHE B 395 -1.18 -3.04 -12.34
C PHE B 395 -2.18 -3.14 -11.18
N GLU B 396 -1.68 -3.16 -9.94
CA GLU B 396 -2.57 -3.19 -8.77
C GLU B 396 -3.60 -2.07 -8.83
N GLU B 397 -3.15 -0.86 -9.15
CA GLU B 397 -4.03 0.29 -9.11
C GLU B 397 -5.01 0.29 -10.27
N LEU B 398 -4.58 -0.18 -11.44
CA LEU B 398 -5.51 -0.32 -12.56
C LEU B 398 -6.57 -1.39 -12.25
N ALA B 399 -6.14 -2.54 -11.74
CA ALA B 399 -7.10 -3.58 -11.35
C ALA B 399 -8.12 -3.03 -10.35
N ARG B 400 -7.64 -2.27 -9.37
CA ARG B 400 -8.52 -1.64 -8.39
C ARG B 400 -9.55 -0.74 -9.06
N ALA B 401 -9.11 0.15 -9.95
CA ALA B 401 -10.04 1.09 -10.59
C ALA B 401 -11.11 0.39 -11.43
N SER B 402 -10.85 -0.84 -11.87
CA SER B 402 -11.79 -1.52 -12.75
C SER B 402 -12.52 -2.67 -12.07
N SER B 403 -12.35 -2.83 -10.76
CA SER B 403 -12.83 -4.03 -10.08
C SER B 403 -14.34 -4.16 -10.07
N HIS B 404 -15.09 -3.09 -10.39
CA HIS B 404 -16.52 -3.22 -10.58
C HIS B 404 -16.85 -4.11 -11.77
N SER B 405 -15.98 -4.17 -12.77
CA SER B 405 -16.23 -4.98 -13.95
C SER B 405 -15.77 -6.41 -13.73
N THR B 406 -16.58 -7.37 -14.18
CA THR B 406 -16.26 -8.80 -14.16
C THR B 406 -16.10 -9.35 -15.57
N ASP B 407 -15.91 -8.47 -16.54
CA ASP B 407 -15.82 -8.87 -17.95
C ASP B 407 -14.79 -9.97 -18.16
N LEU B 408 -15.20 -11.00 -18.91
CA LEU B 408 -14.37 -12.19 -19.08
C LEU B 408 -13.06 -11.88 -19.82
N MET B 409 -13.12 -11.04 -20.88
CA MET B 409 -11.87 -10.70 -21.57
C MET B 409 -10.92 -9.94 -20.64
N GLU B 410 -11.44 -9.02 -19.82
CA GLU B 410 -10.60 -8.36 -18.84
C GLU B 410 -9.93 -9.37 -17.93
N ALA B 411 -10.69 -10.36 -17.49
CA ALA B 411 -10.12 -11.42 -16.67
C ALA B 411 -8.98 -12.13 -17.40
N MET B 412 -9.19 -12.46 -18.68
CA MET B 412 -8.12 -13.10 -19.47
C MET B 412 -6.91 -12.18 -19.59
N ALA B 413 -7.15 -10.89 -19.79
CA ALA B 413 -6.05 -9.94 -19.93
C ALA B 413 -5.25 -9.84 -18.63
N MET B 414 -5.96 -9.65 -17.52
CA MET B 414 -5.28 -9.51 -16.24
C MET B 414 -4.50 -10.77 -15.91
N GLY B 415 -5.11 -11.94 -16.10
CA GLY B 415 -4.40 -13.18 -15.82
C GLY B 415 -3.15 -13.33 -16.67
N SER B 416 -3.23 -12.86 -17.93
CA SER B 416 -2.09 -12.96 -18.85
C SER B 416 -0.99 -11.97 -18.49
N VAL B 417 -1.36 -10.74 -18.13
CA VAL B 417 -0.35 -9.77 -17.73
C VAL B 417 0.31 -10.21 -16.42
N GLU B 418 -0.50 -10.69 -15.48
CA GLU B 418 0.04 -11.22 -14.24
C GLU B 418 0.99 -12.37 -14.50
N ALA B 419 0.60 -13.31 -15.37
CA ALA B 419 1.51 -14.40 -15.73
C ALA B 419 2.78 -13.88 -16.37
N SER B 420 2.65 -12.87 -17.24
CA SER B 420 3.83 -12.34 -17.92
C SER B 420 4.80 -11.71 -16.94
N TYR B 421 4.29 -11.04 -15.90
CA TYR B 421 5.15 -10.53 -14.84
C TYR B 421 5.84 -11.66 -14.09
N LYS B 422 5.11 -12.74 -13.82
CA LYS B 422 5.66 -13.77 -12.95
C LYS B 422 6.84 -14.49 -13.59
N CYS B 423 6.71 -14.88 -14.85
CA CYS B 423 7.76 -15.64 -15.51
C CYS B 423 8.63 -14.76 -16.40
N LEU B 424 8.51 -13.43 -16.28
CA LEU B 424 9.27 -12.47 -17.08
C LEU B 424 9.24 -12.88 -18.56
N ALA B 425 8.02 -13.02 -19.06
CA ALA B 425 7.81 -13.39 -20.45
C ALA B 425 8.38 -12.32 -21.38
N ALA B 426 8.96 -12.77 -22.50
CA ALA B 426 9.51 -11.83 -23.46
C ALA B 426 8.43 -11.09 -24.24
N ALA B 427 7.21 -11.61 -24.29
CA ALA B 427 6.15 -10.98 -25.08
C ALA B 427 4.83 -11.68 -24.80
N LEU B 428 3.74 -11.02 -25.17
CA LEU B 428 2.42 -11.65 -25.20
C LEU B 428 1.93 -11.65 -26.64
N ILE B 429 1.59 -12.83 -27.14
CA ILE B 429 1.08 -12.98 -28.51
C ILE B 429 -0.45 -13.09 -28.46
N VAL B 430 -1.13 -12.23 -29.21
CA VAL B 430 -2.58 -12.16 -29.20
C VAL B 430 -3.11 -12.24 -30.64
N LEU B 431 -3.99 -13.20 -30.89
CA LEU B 431 -4.66 -13.33 -32.18
C LEU B 431 -6.01 -12.63 -32.11
N THR B 432 -6.22 -11.67 -33.00
CA THR B 432 -7.40 -10.82 -32.91
C THR B 432 -7.74 -10.29 -34.30
N GLU B 433 -9.04 -10.21 -34.60
CA GLU B 433 -9.45 -9.58 -35.85
C GLU B 433 -10.01 -8.17 -35.65
N SER B 434 -10.76 -7.93 -34.57
CA SER B 434 -11.15 -6.56 -34.26
C SER B 434 -10.08 -5.80 -33.49
N GLY B 435 -9.16 -6.52 -32.85
CA GLY B 435 -8.18 -5.92 -31.97
C GLY B 435 -8.60 -5.85 -30.51
N ARG B 436 -9.88 -6.12 -30.21
CA ARG B 436 -10.41 -5.93 -28.86
C ARG B 436 -9.60 -6.67 -27.80
N SER B 437 -9.31 -7.96 -28.04
CA SER B 437 -8.59 -8.72 -27.04
C SER B 437 -7.25 -8.09 -26.73
N ALA B 438 -6.51 -7.68 -27.76
CA ALA B 438 -5.21 -7.06 -27.56
C ALA B 438 -5.33 -5.69 -26.88
N HIS B 439 -6.41 -4.95 -27.13
CA HIS B 439 -6.60 -3.67 -26.45
C HIS B 439 -6.77 -3.88 -24.96
N GLN B 440 -7.43 -4.97 -24.56
CA GLN B 440 -7.60 -5.21 -23.12
C GLN B 440 -6.31 -5.68 -22.48
N VAL B 441 -5.44 -6.38 -23.21
CA VAL B 441 -4.13 -6.70 -22.65
C VAL B 441 -3.32 -5.42 -22.44
N ALA B 442 -3.29 -4.54 -23.46
CA ALA B 442 -2.50 -3.32 -23.35
C ALA B 442 -2.95 -2.47 -22.16
N ARG B 443 -4.26 -2.42 -21.94
CA ARG B 443 -4.81 -1.57 -20.89
C ARG B 443 -4.26 -1.93 -19.52
N TYR B 444 -3.83 -3.18 -19.32
CA TYR B 444 -3.26 -3.57 -18.04
C TYR B 444 -1.75 -3.50 -18.02
N ARG B 445 -1.16 -2.87 -19.03
CA ARG B 445 0.22 -2.41 -18.99
C ARG B 445 1.23 -3.50 -18.62
N PRO B 446 1.33 -4.54 -19.45
CA PRO B 446 2.47 -5.46 -19.32
C PRO B 446 3.76 -4.71 -19.62
N ARG B 447 4.85 -5.25 -19.08
CA ARG B 447 6.18 -4.78 -19.44
C ARG B 447 6.57 -5.25 -20.84
N ALA B 448 6.22 -6.49 -21.20
CA ALA B 448 6.65 -7.08 -22.45
C ALA B 448 5.77 -6.61 -23.61
N PRO B 449 6.32 -6.58 -24.83
CA PRO B 449 5.52 -6.17 -25.98
C PRO B 449 4.38 -7.13 -26.26
N ILE B 450 3.29 -6.58 -26.79
CA ILE B 450 2.14 -7.35 -27.23
C ILE B 450 2.24 -7.49 -28.75
N ILE B 451 2.44 -8.71 -29.23
CA ILE B 451 2.45 -8.94 -30.67
C ILE B 451 1.05 -9.35 -31.08
N ALA B 452 0.35 -8.46 -31.77
CA ALA B 452 -1.02 -8.70 -32.21
C ALA B 452 -1.02 -9.12 -33.67
N VAL B 453 -1.43 -10.35 -33.93
CA VAL B 453 -1.52 -10.88 -35.28
C VAL B 453 -2.96 -10.77 -35.74
N THR B 454 -3.17 -10.12 -36.88
CA THR B 454 -4.50 -9.92 -37.42
C THR B 454 -4.45 -10.01 -38.93
N ARG B 455 -5.53 -10.50 -39.52
CA ARG B 455 -5.70 -10.42 -40.95
C ARG B 455 -6.39 -9.13 -41.37
N ASN B 456 -6.80 -8.32 -40.41
CA ASN B 456 -7.55 -7.09 -40.69
C ASN B 456 -6.56 -5.93 -40.72
N HIS B 457 -6.31 -5.39 -41.92
CA HIS B 457 -5.27 -4.38 -42.08
C HIS B 457 -5.60 -3.10 -41.30
N GLN B 458 -6.88 -2.68 -41.32
CA GLN B 458 -7.25 -1.50 -40.55
C GLN B 458 -7.03 -1.72 -39.06
N THR B 459 -7.35 -2.91 -38.56
CA THR B 459 -7.09 -3.24 -37.16
C THR B 459 -5.60 -3.08 -36.85
N ALA B 460 -4.73 -3.52 -37.75
CA ALA B 460 -3.30 -3.39 -37.50
C ALA B 460 -2.85 -1.94 -37.47
N ARG B 461 -3.39 -1.10 -38.38
CA ARG B 461 -2.99 0.30 -38.40
C ARG B 461 -3.47 1.02 -37.15
N GLN B 462 -4.68 0.71 -36.71
CA GLN B 462 -5.25 1.40 -35.56
C GLN B 462 -4.66 0.93 -34.25
N ALA B 463 -3.97 -0.22 -34.24
CA ALA B 463 -3.40 -0.75 -33.02
C ALA B 463 -2.26 0.11 -32.48
N HIS B 464 -1.68 0.99 -33.30
CA HIS B 464 -0.60 1.84 -32.80
C HIS B 464 -1.07 2.82 -31.75
N LEU B 465 -2.38 3.05 -31.64
CA LEU B 465 -2.90 3.92 -30.60
C LEU B 465 -2.76 3.33 -29.19
N TYR B 466 -2.48 2.04 -29.06
CA TYR B 466 -2.47 1.36 -27.77
C TYR B 466 -1.03 1.05 -27.35
N ARG B 467 -0.63 1.51 -26.17
CA ARG B 467 0.66 1.19 -25.61
C ARG B 467 0.97 -0.29 -25.71
N GLY B 468 2.10 -0.61 -26.35
CA GLY B 468 2.64 -1.94 -26.34
C GLY B 468 2.18 -2.85 -27.44
N ILE B 469 1.20 -2.46 -28.25
CA ILE B 469 0.71 -3.34 -29.29
C ILE B 469 1.56 -3.16 -30.53
N PHE B 470 2.31 -4.21 -30.88
CA PHE B 470 3.11 -4.29 -32.09
C PHE B 470 2.29 -5.07 -33.11
N PRO B 471 1.61 -4.42 -34.05
CA PRO B 471 0.70 -5.13 -34.96
C PRO B 471 1.45 -5.87 -36.04
N VAL B 472 0.92 -7.05 -36.38
CA VAL B 472 1.48 -7.89 -37.43
C VAL B 472 0.34 -8.29 -38.35
N VAL B 473 0.49 -8.00 -39.64
CA VAL B 473 -0.52 -8.33 -40.63
C VAL B 473 -0.25 -9.73 -41.15
N CYS B 474 -1.21 -10.64 -40.97
CA CYS B 474 -1.16 -11.97 -41.56
C CYS B 474 -1.80 -11.92 -42.93
N LYS B 475 -1.06 -12.38 -43.95
CA LYS B 475 -1.56 -12.38 -45.32
C LYS B 475 -1.79 -13.79 -45.85
N ASP B 476 -1.48 -14.81 -45.06
CA ASP B 476 -1.73 -16.17 -45.50
C ASP B 476 -3.23 -16.42 -45.61
N PRO B 477 -3.64 -17.26 -46.56
CA PRO B 477 -5.05 -17.67 -46.62
C PRO B 477 -5.48 -18.41 -45.35
N VAL B 478 -6.78 -18.38 -45.12
CA VAL B 478 -7.35 -19.12 -44.00
C VAL B 478 -7.13 -20.61 -44.20
N GLN B 479 -6.67 -21.29 -43.15
CA GLN B 479 -6.41 -22.73 -43.22
C GLN B 479 -7.69 -23.53 -43.02
N GLU B 480 -7.65 -24.80 -43.43
CA GLU B 480 -8.85 -25.64 -43.41
C GLU B 480 -9.34 -25.85 -41.99
N ALA B 481 -8.43 -26.16 -41.07
CA ALA B 481 -8.78 -26.47 -39.69
C ALA B 481 -8.38 -25.30 -38.79
N TRP B 482 -9.15 -25.10 -37.72
CA TRP B 482 -8.90 -23.99 -36.80
C TRP B 482 -7.57 -24.14 -36.07
N ALA B 483 -7.28 -25.34 -35.56
CA ALA B 483 -6.02 -25.55 -34.85
C ALA B 483 -4.83 -25.13 -35.72
N GLU B 484 -4.85 -25.47 -37.01
CA GLU B 484 -3.76 -25.13 -37.89
C GLU B 484 -3.73 -23.64 -38.21
N ASP B 485 -4.89 -23.02 -38.37
CA ASP B 485 -4.90 -21.61 -38.67
C ASP B 485 -4.38 -20.80 -37.49
N VAL B 486 -4.73 -21.22 -36.27
CA VAL B 486 -4.20 -20.60 -35.06
C VAL B 486 -2.68 -20.79 -34.98
N ASP B 487 -2.23 -22.05 -35.09
CA ASP B 487 -0.80 -22.33 -35.05
C ASP B 487 -0.05 -21.50 -36.10
N LEU B 488 -0.61 -21.38 -37.30
CA LEU B 488 0.02 -20.60 -38.34
C LEU B 488 0.25 -19.15 -37.90
N ARG B 489 -0.76 -18.52 -37.31
CA ARG B 489 -0.60 -17.12 -36.90
C ARG B 489 0.30 -17.00 -35.67
N VAL B 490 0.29 -17.99 -34.79
CA VAL B 490 1.17 -17.92 -33.63
C VAL B 490 2.62 -17.99 -34.08
N ASN B 491 2.93 -18.86 -35.04
CA ASN B 491 4.31 -18.98 -35.47
C ASN B 491 4.76 -17.79 -36.30
N LEU B 492 3.86 -17.17 -37.06
CA LEU B 492 4.18 -15.87 -37.65
C LEU B 492 4.67 -14.89 -36.60
N ALA B 493 3.98 -14.83 -35.46
CA ALA B 493 4.39 -13.91 -34.40
C ALA B 493 5.73 -14.33 -33.81
N MET B 494 5.96 -15.64 -33.69
CA MET B 494 7.28 -16.12 -33.25
C MET B 494 8.37 -15.63 -34.20
N ASN B 495 8.16 -15.81 -35.50
CA ASN B 495 9.17 -15.38 -36.48
C ASN B 495 9.36 -13.87 -36.49
N VAL B 496 8.29 -13.10 -36.29
CA VAL B 496 8.46 -11.65 -36.21
C VAL B 496 9.24 -11.26 -34.97
N GLY B 497 8.91 -11.87 -33.83
CA GLY B 497 9.64 -11.56 -32.60
C GLY B 497 11.12 -11.88 -32.72
N LYS B 498 11.44 -13.05 -33.25
CA LYS B 498 12.82 -13.44 -33.46
C LYS B 498 13.55 -12.45 -34.35
N ALA B 499 12.97 -12.13 -35.51
CA ALA B 499 13.65 -11.30 -36.49
C ALA B 499 13.92 -9.90 -35.95
N ARG B 500 13.04 -9.39 -35.10
CA ARG B 500 13.27 -8.06 -34.53
C ARG B 500 14.05 -8.11 -33.22
N GLY B 501 14.51 -9.29 -32.79
CA GLY B 501 15.23 -9.40 -31.54
C GLY B 501 14.41 -9.13 -30.29
N PHE B 502 13.09 -9.37 -30.32
CA PHE B 502 12.30 -9.29 -29.10
C PHE B 502 12.55 -10.48 -28.19
N PHE B 503 12.94 -11.60 -28.76
CA PHE B 503 13.19 -12.81 -27.99
C PHE B 503 13.93 -13.80 -28.88
N LYS B 504 14.45 -14.85 -28.26
CA LYS B 504 15.15 -15.91 -28.97
C LYS B 504 14.65 -17.26 -28.45
N LYS B 505 14.99 -18.31 -29.19
CA LYS B 505 14.62 -19.67 -28.84
C LYS B 505 14.93 -19.94 -27.37
N GLY B 506 13.98 -20.58 -26.68
CA GLY B 506 14.12 -20.85 -25.27
C GLY B 506 13.61 -19.75 -24.35
N ASP B 507 13.40 -18.54 -24.85
CA ASP B 507 12.64 -17.59 -24.05
C ASP B 507 11.21 -18.12 -23.88
N VAL B 508 10.44 -17.44 -23.05
CA VAL B 508 9.06 -17.80 -22.77
C VAL B 508 8.15 -16.65 -23.19
N VAL B 509 7.01 -16.99 -23.80
CA VAL B 509 6.01 -16.01 -24.19
C VAL B 509 4.64 -16.45 -23.69
N ILE B 510 3.75 -15.48 -23.49
CA ILE B 510 2.35 -15.74 -23.20
C ILE B 510 1.59 -15.69 -24.51
N VAL B 511 0.70 -16.65 -24.74
CA VAL B 511 -0.03 -16.73 -26.00
C VAL B 511 -1.54 -16.76 -25.71
N LEU B 512 -2.27 -15.87 -26.36
CA LEU B 512 -3.70 -15.68 -26.15
C LEU B 512 -4.42 -15.95 -27.47
N THR B 513 -5.25 -16.98 -27.49
CA THR B 513 -5.98 -17.36 -28.69
C THR B 513 -7.42 -17.71 -28.33
N GLY B 514 -8.25 -17.91 -29.34
CA GLY B 514 -9.59 -18.43 -29.17
C GLY B 514 -9.62 -19.94 -29.34
N TRP B 515 -10.30 -20.60 -28.41
CA TRP B 515 -10.33 -22.06 -28.40
C TRP B 515 -10.93 -22.63 -29.67
N ARG B 516 -11.93 -21.95 -30.22
CA ARG B 516 -12.67 -22.37 -31.40
C ARG B 516 -12.93 -21.14 -32.24
N PRO B 517 -13.24 -21.32 -33.53
CA PRO B 517 -13.53 -20.15 -34.38
C PRO B 517 -14.60 -19.24 -33.81
N GLY B 518 -15.55 -19.81 -33.07
CA GLY B 518 -16.66 -19.06 -32.50
C GLY B 518 -16.43 -18.46 -31.14
N SER B 519 -15.29 -18.70 -30.50
CA SER B 519 -14.98 -17.95 -29.29
C SER B 519 -14.95 -16.46 -29.64
N GLY B 520 -15.62 -15.65 -28.83
CA GLY B 520 -15.74 -14.26 -29.22
C GLY B 520 -14.61 -13.35 -28.75
N PHE B 521 -13.57 -13.92 -28.15
CA PHE B 521 -12.42 -13.21 -27.59
C PHE B 521 -11.38 -14.28 -27.32
N THR B 522 -10.17 -13.86 -26.97
CA THR B 522 -9.11 -14.83 -26.66
C THR B 522 -9.39 -15.41 -25.28
N ASN B 523 -10.07 -16.55 -25.25
CA ASN B 523 -10.42 -17.22 -24.01
C ASN B 523 -9.42 -18.30 -23.62
N THR B 524 -8.32 -18.42 -24.37
CA THR B 524 -7.32 -19.44 -24.11
C THR B 524 -5.97 -18.75 -23.90
N MET B 525 -5.32 -19.09 -22.79
CA MET B 525 -4.04 -18.50 -22.42
C MET B 525 -3.04 -19.63 -22.27
N ARG B 526 -1.88 -19.51 -22.93
CA ARG B 526 -0.82 -20.49 -22.78
C ARG B 526 0.49 -19.81 -22.42
N VAL B 527 1.32 -20.51 -21.66
CA VAL B 527 2.71 -20.14 -21.50
C VAL B 527 3.50 -21.09 -22.38
N VAL B 528 4.29 -20.53 -23.30
CA VAL B 528 4.88 -21.28 -24.40
C VAL B 528 6.36 -20.93 -24.55
N PRO B 529 7.25 -21.92 -24.68
CA PRO B 529 8.64 -21.61 -25.03
C PRO B 529 8.76 -21.20 -26.49
N VAL B 530 9.63 -20.24 -26.74
CA VAL B 530 9.91 -19.86 -28.13
C VAL B 530 10.70 -20.98 -28.81
N PRO B 531 10.24 -21.50 -29.94
CA PRO B 531 10.91 -22.57 -30.69
C PRO B 531 12.08 -22.06 -31.54
N PHE C 12 -30.43 -5.99 -1.17
CA PHE C 12 -29.50 -7.04 -1.57
C PHE C 12 -28.19 -6.92 -0.80
N ILE C 13 -27.78 -8.04 -0.20
CA ILE C 13 -26.52 -8.15 0.53
C ILE C 13 -25.63 -9.13 -0.22
N GLN C 14 -24.44 -8.67 -0.60
CA GLN C 14 -23.52 -9.53 -1.34
C GLN C 14 -23.14 -10.74 -0.49
N THR C 15 -23.22 -11.91 -1.08
CA THR C 15 -22.79 -13.13 -0.42
C THR C 15 -21.27 -13.13 -0.25
N GLN C 16 -20.79 -14.13 0.50
CA GLN C 16 -19.39 -14.48 0.49
C GLN C 16 -18.48 -13.34 0.99
N GLN C 17 -19.00 -12.49 1.88
CA GLN C 17 -18.25 -11.33 2.38
C GLN C 17 -17.60 -10.55 1.24
N LEU C 18 -18.30 -10.47 0.09
CA LEU C 18 -17.76 -9.78 -1.06
C LEU C 18 -17.73 -8.26 -0.87
N HIS C 19 -18.59 -7.71 -0.01
CA HIS C 19 -18.47 -6.29 0.30
C HIS C 19 -17.17 -5.99 1.06
N ALA C 20 -16.87 -6.78 2.09
CA ALA C 20 -15.58 -6.65 2.76
C ALA C 20 -14.43 -6.88 1.79
N ALA C 21 -14.58 -7.82 0.85
CA ALA C 21 -13.51 -8.11 -0.09
C ALA C 21 -13.08 -6.87 -0.86
N MET C 22 -14.01 -5.94 -1.09
N MET C 22 -13.99 -5.93 -1.10
CA MET C 22 -13.74 -4.70 -1.83
CA MET C 22 -13.66 -4.73 -1.85
C MET C 22 -12.98 -3.66 -1.01
C MET C 22 -13.03 -3.63 -1.00
N ALA C 23 -12.76 -3.90 0.28
CA ALA C 23 -12.21 -2.87 1.15
C ALA C 23 -10.79 -2.49 0.73
N ASP C 24 -10.39 -1.27 1.12
CA ASP C 24 -9.06 -0.74 0.87
C ASP C 24 -8.04 -1.14 1.93
N THR C 25 -8.44 -1.28 3.18
CA THR C 25 -7.52 -1.57 4.26
C THR C 25 -7.99 -2.78 5.05
N PHE C 26 -7.08 -3.38 5.83
CA PHE C 26 -7.48 -4.48 6.69
C PHE C 26 -8.55 -4.05 7.69
N LEU C 27 -8.37 -2.87 8.31
CA LEU C 27 -9.37 -2.37 9.24
C LEU C 27 -10.74 -2.23 8.57
N GLU C 28 -10.76 -1.65 7.37
CA GLU C 28 -12.02 -1.49 6.67
C GLU C 28 -12.62 -2.85 6.29
N HIS C 29 -11.77 -3.81 5.92
CA HIS C 29 -12.25 -5.16 5.65
C HIS C 29 -12.93 -5.74 6.88
N MET C 30 -12.30 -5.58 8.04
CA MET C 30 -12.87 -6.08 9.29
C MET C 30 -14.22 -5.42 9.57
N CYS C 31 -14.28 -4.09 9.43
CA CYS C 31 -15.50 -3.35 9.74
C CYS C 31 -16.66 -3.74 8.84
N ARG C 32 -16.38 -4.41 7.73
CA ARG C 32 -17.39 -4.77 6.76
C ARG C 32 -17.87 -6.20 6.88
N LEU C 33 -17.23 -7.03 7.71
CA LEU C 33 -17.69 -8.41 7.85
C LEU C 33 -19.14 -8.41 8.34
N ASP C 34 -19.95 -9.30 7.76
CA ASP C 34 -21.40 -9.20 7.82
C ASP C 34 -21.99 -10.56 8.15
N ILE C 35 -22.63 -10.69 9.31
CA ILE C 35 -23.24 -11.98 9.66
C ILE C 35 -24.35 -12.36 8.70
N ASP C 36 -24.88 -11.41 7.93
CA ASP C 36 -25.96 -11.71 6.98
C ASP C 36 -25.45 -11.98 5.58
N SER C 37 -24.14 -12.05 5.36
CA SER C 37 -23.58 -12.34 4.04
C SER C 37 -23.31 -13.84 3.98
N ALA C 38 -24.11 -14.57 3.20
CA ALA C 38 -24.08 -16.03 3.26
C ALA C 38 -22.83 -16.57 2.56
N PRO C 39 -22.18 -17.57 3.16
CA PRO C 39 -21.04 -18.22 2.50
C PRO C 39 -21.52 -19.15 1.39
N ILE C 40 -20.57 -19.59 0.58
CA ILE C 40 -20.84 -20.54 -0.50
C ILE C 40 -20.96 -21.94 0.07
N THR C 41 -21.39 -22.89 -0.77
CA THR C 41 -21.57 -24.27 -0.34
C THR C 41 -20.24 -24.97 -0.09
N ALA C 42 -19.25 -24.74 -0.96
CA ALA C 42 -18.01 -25.48 -0.91
C ALA C 42 -17.17 -25.07 0.31
N ARG C 43 -16.60 -26.07 0.99
CA ARG C 43 -15.69 -25.80 2.10
C ARG C 43 -14.27 -26.15 1.67
N ASN C 44 -13.35 -25.21 1.86
CA ASN C 44 -11.99 -25.35 1.37
C ASN C 44 -11.02 -25.95 2.39
N THR C 45 -11.25 -25.76 3.68
CA THR C 45 -10.32 -26.26 4.70
C THR C 45 -10.59 -27.75 4.99
N GLY C 46 -9.57 -28.58 4.80
CA GLY C 46 -9.73 -30.00 5.10
C GLY C 46 -9.94 -30.26 6.57
N ILE C 47 -10.70 -31.31 6.86
CA ILE C 47 -10.97 -31.71 8.22
C ILE C 47 -10.31 -33.06 8.44
N ILE C 48 -9.46 -33.13 9.45
CA ILE C 48 -8.77 -34.36 9.83
C ILE C 48 -9.37 -34.83 11.15
N CYS C 49 -9.93 -36.03 11.15
CA CYS C 49 -10.55 -36.63 12.33
C CYS C 49 -9.73 -37.81 12.82
N THR C 50 -9.43 -37.82 14.11
CA THR C 50 -8.82 -38.98 14.73
C THR C 50 -9.90 -40.02 14.99
N ILE C 51 -9.71 -41.21 14.43
CA ILE C 51 -10.68 -42.29 14.59
C ILE C 51 -10.27 -43.15 15.76
N GLY C 52 -11.22 -43.46 16.64
CA GLY C 52 -10.97 -44.26 17.81
C GLY C 52 -12.23 -44.97 18.24
N PRO C 53 -12.29 -45.39 19.52
CA PRO C 53 -13.47 -46.12 19.99
C PRO C 53 -14.79 -45.41 19.75
N ALA C 54 -14.84 -44.08 19.86
CA ALA C 54 -16.12 -43.41 19.66
C ALA C 54 -16.58 -43.41 18.20
N SER C 55 -15.70 -43.71 17.25
CA SER C 55 -15.99 -43.36 15.86
C SER C 55 -15.59 -44.42 14.85
N ARG C 56 -15.26 -45.65 15.25
CA ARG C 56 -14.61 -46.58 14.34
C ARG C 56 -15.53 -47.63 13.76
N SER C 57 -16.79 -47.70 14.16
CA SER C 57 -17.70 -48.59 13.47
C SER C 57 -17.95 -48.08 12.04
N VAL C 58 -18.19 -49.03 11.14
CA VAL C 58 -18.43 -48.68 9.74
C VAL C 58 -19.59 -47.68 9.63
N GLU C 59 -20.65 -47.88 10.41
CA GLU C 59 -21.84 -47.03 10.25
C GLU C 59 -21.56 -45.61 10.74
N THR C 60 -20.75 -45.46 11.80
CA THR C 60 -20.41 -44.11 12.23
C THR C 60 -19.43 -43.46 11.27
N LEU C 61 -18.54 -44.24 10.66
CA LEU C 61 -17.60 -43.68 9.70
C LEU C 61 -18.31 -43.20 8.44
N LYS C 62 -19.41 -43.85 8.06
CA LYS C 62 -20.22 -43.33 6.96
C LYS C 62 -20.77 -41.93 7.29
N GLU C 63 -21.26 -41.74 8.52
CA GLU C 63 -21.76 -40.42 8.91
C GLU C 63 -20.63 -39.40 8.97
N MET C 64 -19.46 -39.80 9.47
CA MET C 64 -18.31 -38.89 9.47
C MET C 64 -18.04 -38.36 8.07
N ILE C 65 -17.99 -39.26 7.08
CA ILE C 65 -17.71 -38.85 5.70
C ILE C 65 -18.79 -37.89 5.21
N LYS C 66 -20.06 -38.25 5.40
CA LYS C 66 -21.16 -37.37 5.02
C LYS C 66 -21.03 -36.01 5.70
N SER C 67 -20.64 -36.00 6.97
CA SER C 67 -20.55 -34.74 7.70
C SER C 67 -19.29 -33.92 7.41
N GLY C 68 -18.32 -34.46 6.66
CA GLY C 68 -17.19 -33.63 6.24
C GLY C 68 -15.77 -34.13 6.44
N MET C 69 -15.57 -35.25 7.15
CA MET C 69 -14.22 -35.79 7.33
C MET C 69 -13.52 -36.04 5.99
N ASN C 70 -12.28 -35.56 5.87
CA ASN C 70 -11.46 -35.79 4.70
C ASN C 70 -10.31 -36.75 4.93
N VAL C 71 -9.79 -36.82 6.15
CA VAL C 71 -8.60 -37.59 6.48
C VAL C 71 -8.86 -38.30 7.79
N ALA C 72 -8.64 -39.62 7.81
CA ALA C 72 -8.79 -40.44 9.00
C ALA C 72 -7.42 -40.63 9.64
N ARG C 73 -7.24 -40.08 10.84
CA ARG C 73 -5.98 -40.17 11.56
C ARG C 73 -6.03 -41.32 12.55
N MET C 74 -5.02 -42.19 12.48
CA MET C 74 -4.80 -43.24 13.47
C MET C 74 -3.63 -42.82 14.34
N ASN C 75 -3.88 -42.67 15.63
CA ASN C 75 -2.88 -42.21 16.59
C ASN C 75 -2.22 -43.42 17.22
N PHE C 76 -0.96 -43.69 16.86
CA PHE C 76 -0.25 -44.86 17.32
C PHE C 76 0.41 -44.66 18.68
N SER C 77 0.00 -43.63 19.42
CA SER C 77 0.39 -43.55 20.83
C SER C 77 -0.19 -44.73 21.63
N HIS C 78 -1.35 -45.24 21.22
CA HIS C 78 -1.95 -46.41 21.83
C HIS C 78 -2.52 -47.33 20.76
N GLY C 79 -2.82 -48.55 21.17
CA GLY C 79 -3.49 -49.54 20.33
C GLY C 79 -2.50 -50.42 19.59
N THR C 80 -2.88 -51.68 19.38
CA THR C 80 -2.06 -52.61 18.64
C THR C 80 -2.23 -52.44 17.13
N HIS C 81 -1.28 -53.04 16.40
CA HIS C 81 -1.42 -53.13 14.95
C HIS C 81 -2.75 -53.75 14.56
N GLU C 82 -3.13 -54.85 15.22
CA GLU C 82 -4.42 -55.47 14.94
C GLU C 82 -5.56 -54.47 15.11
N TYR C 83 -5.51 -53.68 16.19
CA TYR C 83 -6.56 -52.70 16.44
C TYR C 83 -6.64 -51.68 15.32
N HIS C 84 -5.50 -51.11 14.95
CA HIS C 84 -5.47 -50.07 13.93
C HIS C 84 -5.78 -50.61 12.54
N ALA C 85 -5.32 -51.83 12.23
CA ALA C 85 -5.66 -52.46 10.96
C ALA C 85 -7.17 -52.55 10.78
N GLU C 86 -7.88 -52.92 11.84
CA GLU C 86 -9.32 -53.01 11.74
C GLU C 86 -9.95 -51.64 11.54
N THR C 87 -9.43 -50.62 12.23
CA THR C 87 -9.96 -49.26 12.04
C THR C 87 -9.81 -48.81 10.60
N ILE C 88 -8.62 -48.98 10.03
CA ILE C 88 -8.38 -48.61 8.64
C ILE C 88 -9.33 -49.35 7.71
N LYS C 89 -9.48 -50.66 7.93
CA LYS C 89 -10.43 -51.45 7.15
C LYS C 89 -11.81 -50.84 7.23
N ASN C 90 -12.26 -50.49 8.44
CA ASN C 90 -13.57 -49.87 8.58
C ASN C 90 -13.64 -48.54 7.83
N VAL C 91 -12.55 -47.78 7.82
CA VAL C 91 -12.56 -46.52 7.11
C VAL C 91 -12.73 -46.76 5.61
N ARG C 92 -11.98 -47.72 5.08
CA ARG C 92 -12.07 -48.03 3.65
C ARG C 92 -13.39 -48.70 3.30
N THR C 93 -13.96 -49.50 4.21
CA THR C 93 -15.27 -50.07 3.94
C THR C 93 -16.31 -48.96 3.84
N ALA C 94 -16.23 -47.99 4.76
CA ALA C 94 -17.15 -46.87 4.74
C ALA C 94 -16.93 -45.98 3.51
N THR C 95 -15.67 -45.70 3.18
CA THR C 95 -15.38 -44.88 2.02
C THR C 95 -15.94 -45.50 0.75
N GLU C 96 -15.66 -46.79 0.52
CA GLU C 96 -16.08 -47.40 -0.73
C GLU C 96 -17.57 -47.67 -0.79
N SER C 97 -18.29 -47.57 0.32
CA SER C 97 -19.73 -47.72 0.23
C SER C 97 -20.39 -46.61 -0.58
N PHE C 98 -19.67 -45.53 -0.87
CA PHE C 98 -20.17 -44.45 -1.71
C PHE C 98 -19.64 -44.52 -3.14
N ALA C 99 -18.81 -45.51 -3.46
CA ALA C 99 -18.19 -45.61 -4.77
C ALA C 99 -19.16 -46.04 -5.85
N SER C 100 -20.37 -46.47 -5.49
CA SER C 100 -21.38 -46.78 -6.49
C SER C 100 -21.58 -45.61 -7.45
N ASP C 101 -21.58 -44.39 -6.93
CA ASP C 101 -21.86 -43.20 -7.72
C ASP C 101 -20.60 -42.37 -7.91
N PRO C 102 -19.93 -42.45 -9.06
CA PRO C 102 -18.66 -41.71 -9.23
C PRO C 102 -18.82 -40.21 -9.13
N ILE C 103 -20.01 -39.66 -9.31
CA ILE C 103 -20.15 -38.20 -9.25
C ILE C 103 -20.21 -37.70 -7.81
N LEU C 104 -20.62 -38.54 -6.86
CA LEU C 104 -20.72 -38.15 -5.47
C LEU C 104 -19.65 -38.76 -4.57
N TYR C 105 -18.87 -39.71 -5.08
CA TYR C 105 -17.80 -40.33 -4.30
C TYR C 105 -16.83 -39.28 -3.77
N ARG C 106 -16.52 -39.34 -2.49
CA ARG C 106 -15.48 -38.53 -1.90
C ARG C 106 -14.29 -39.39 -1.53
N PRO C 107 -13.09 -39.09 -2.01
CA PRO C 107 -11.90 -39.77 -1.50
C PRO C 107 -11.72 -39.44 -0.03
N VAL C 108 -11.22 -40.43 0.72
CA VAL C 108 -10.89 -40.25 2.13
C VAL C 108 -9.46 -40.74 2.34
N ALA C 109 -8.61 -39.90 2.90
CA ALA C 109 -7.23 -40.29 3.09
C ALA C 109 -7.01 -40.93 4.47
N VAL C 110 -5.90 -41.66 4.60
CA VAL C 110 -5.54 -42.36 5.82
C VAL C 110 -4.18 -41.87 6.29
N ALA C 111 -4.11 -41.44 7.54
CA ALA C 111 -2.87 -40.89 8.10
C ALA C 111 -2.47 -41.67 9.33
N LEU C 112 -1.17 -41.92 9.46
CA LEU C 112 -0.58 -42.58 10.62
C LEU C 112 0.19 -41.55 11.43
N ASP C 113 -0.15 -41.41 12.71
CA ASP C 113 0.51 -40.47 13.62
C ASP C 113 1.36 -41.29 14.60
N THR C 114 2.67 -41.03 14.60
CA THR C 114 3.58 -41.86 15.38
C THR C 114 3.57 -41.50 16.86
N LYS C 115 3.83 -42.48 17.71
CA LYS C 115 4.06 -42.19 19.12
C LYS C 115 5.25 -41.26 19.31
N GLY C 116 6.37 -41.58 18.66
CA GLY C 116 7.56 -40.77 18.77
C GLY C 116 8.36 -41.05 20.02
N PRO C 117 9.60 -40.56 20.06
CA PRO C 117 10.46 -40.84 21.21
C PRO C 117 9.97 -40.15 22.48
N GLU C 118 10.24 -40.79 23.62
CA GLU C 118 9.68 -40.39 24.91
C GLU C 118 10.73 -40.42 26.01
N ILE C 119 10.49 -39.61 27.04
CA ILE C 119 11.21 -39.68 28.31
C ILE C 119 10.19 -39.99 29.40
N ARG C 120 10.43 -41.04 30.17
CA ARG C 120 9.49 -41.45 31.21
C ARG C 120 10.22 -41.75 32.51
N THR C 121 9.51 -41.52 33.62
CA THR C 121 10.03 -41.78 34.96
C THR C 121 9.90 -43.25 35.32
N GLY C 122 10.31 -43.59 36.52
CA GLY C 122 10.20 -44.94 37.04
C GLY C 122 8.94 -45.16 37.86
N LEU C 123 9.05 -46.07 38.83
CA LEU C 123 7.93 -46.47 39.67
C LEU C 123 8.11 -45.93 41.09
N ILE C 124 6.98 -45.73 41.76
CA ILE C 124 6.98 -45.19 43.11
C ILE C 124 7.31 -46.28 44.14
N THR C 129 0.18 -48.85 41.94
CA THR C 129 -0.05 -47.45 41.56
C THR C 129 0.02 -46.53 42.77
N ALA C 130 1.23 -46.06 43.08
CA ALA C 130 1.46 -45.19 44.22
C ALA C 130 1.71 -43.76 43.74
N GLU C 131 1.54 -42.82 44.67
CA GLU C 131 1.67 -41.41 44.38
C GLU C 131 2.41 -40.74 45.52
N VAL C 132 3.21 -39.73 45.19
CA VAL C 132 4.01 -39.03 46.17
C VAL C 132 3.92 -37.54 45.86
N GLU C 133 3.89 -36.71 46.90
CA GLU C 133 3.69 -35.28 46.73
C GLU C 133 5.02 -34.54 46.81
N LEU C 134 5.32 -33.76 45.77
CA LEU C 134 6.45 -32.85 45.78
C LEU C 134 5.96 -31.47 46.22
N LYS C 135 6.77 -30.79 47.02
CA LYS C 135 6.37 -29.52 47.60
C LYS C 135 7.35 -28.44 47.17
N LYS C 136 6.82 -27.29 46.79
CA LYS C 136 7.64 -26.19 46.30
C LYS C 136 8.81 -25.94 47.24
N GLY C 137 9.97 -25.63 46.66
CA GLY C 137 11.17 -25.36 47.43
C GLY C 137 11.90 -26.58 47.94
N ALA C 138 11.29 -27.76 47.89
CA ALA C 138 11.97 -28.97 48.34
C ALA C 138 13.04 -29.39 47.34
N THR C 139 14.00 -30.17 47.84
CA THR C 139 15.04 -30.74 46.99
C THR C 139 14.59 -32.08 46.42
N LEU C 140 14.99 -32.34 45.19
CA LEU C 140 14.68 -33.59 44.51
C LEU C 140 15.86 -33.97 43.63
N LYS C 141 16.31 -35.22 43.76
CA LYS C 141 17.45 -35.73 43.00
C LYS C 141 16.95 -36.63 41.88
N ILE C 142 17.39 -36.32 40.66
CA ILE C 142 17.13 -37.17 39.51
C ILE C 142 18.36 -38.04 39.28
N THR C 143 18.17 -39.34 39.26
CA THR C 143 19.25 -40.29 39.04
C THR C 143 18.98 -41.13 37.80
N LEU C 144 20.05 -41.59 37.18
CA LEU C 144 19.99 -42.57 36.09
C LEU C 144 20.28 -43.97 36.58
N ASP C 145 20.50 -44.15 37.88
CA ASP C 145 20.86 -45.45 38.44
C ASP C 145 19.67 -46.39 38.41
N ASN C 146 19.79 -47.48 37.66
CA ASN C 146 18.69 -48.44 37.51
C ASN C 146 18.32 -49.13 38.82
N ALA C 147 19.18 -49.04 39.83
CA ALA C 147 18.80 -49.57 41.14
C ALA C 147 17.48 -48.97 41.60
N TYR C 148 17.30 -47.67 41.40
CA TYR C 148 16.10 -46.98 41.82
C TYR C 148 14.98 -47.01 40.78
N MET C 149 15.21 -47.67 39.65
CA MET C 149 14.25 -47.66 38.54
C MET C 149 12.82 -47.90 39.00
N GLU C 150 12.63 -48.72 40.03
CA GLU C 150 11.30 -48.99 40.58
C GLU C 150 11.17 -48.53 42.02
N LYS C 151 12.06 -47.66 42.47
CA LYS C 151 12.06 -47.18 43.85
C LYS C 151 12.13 -45.65 43.87
N CYS C 152 11.21 -45.02 43.15
CA CYS C 152 11.10 -43.57 43.13
C CYS C 152 10.24 -43.11 44.31
N ASP C 153 10.65 -42.01 44.94
CA ASP C 153 9.93 -41.51 46.09
C ASP C 153 10.13 -40.00 46.16
N GLU C 154 9.87 -39.43 47.34
CA GLU C 154 9.94 -37.99 47.50
C GLU C 154 11.32 -37.44 47.16
N ASN C 155 12.38 -38.18 47.46
CA ASN C 155 13.72 -37.63 47.35
C ASN C 155 14.46 -38.04 46.09
N ILE C 156 14.19 -39.21 45.53
CA ILE C 156 14.91 -39.70 44.37
C ILE C 156 13.92 -40.06 43.28
N LEU C 157 14.20 -39.59 42.06
CA LEU C 157 13.40 -39.86 40.88
C LEU C 157 14.29 -40.41 39.78
N TRP C 158 13.93 -41.58 39.26
CA TRP C 158 14.62 -42.19 38.13
C TRP C 158 13.88 -41.89 36.84
N LEU C 159 14.63 -41.69 35.76
CA LEU C 159 14.04 -41.60 34.42
C LEU C 159 14.97 -42.32 33.45
N ASP C 160 14.48 -42.50 32.21
CA ASP C 160 15.11 -43.41 31.26
C ASP C 160 15.89 -42.71 30.16
N TYR C 161 16.05 -41.39 30.22
CA TYR C 161 16.81 -40.66 29.21
C TYR C 161 18.24 -40.51 29.71
N LYS C 162 19.09 -41.46 29.30
CA LYS C 162 20.42 -41.57 29.90
C LYS C 162 21.38 -40.46 29.50
N ASN C 163 21.05 -39.65 28.49
CA ASN C 163 21.89 -38.52 28.10
C ASN C 163 21.45 -37.20 28.71
N ILE C 164 20.53 -37.22 29.68
CA ILE C 164 19.89 -35.99 30.15
C ILE C 164 20.92 -34.97 30.60
N CYS C 165 21.98 -35.42 31.28
CA CYS C 165 22.98 -34.49 31.80
C CYS C 165 23.77 -33.80 30.68
N LYS C 166 23.81 -34.39 29.49
CA LYS C 166 24.51 -33.75 28.39
C LYS C 166 23.76 -32.54 27.85
N VAL C 167 22.45 -32.44 28.08
CA VAL C 167 21.62 -31.47 27.36
C VAL C 167 20.96 -30.44 28.28
N VAL C 168 21.06 -30.59 29.59
CA VAL C 168 20.53 -29.61 30.53
C VAL C 168 21.68 -28.92 31.24
N ASP C 169 21.46 -27.65 31.60
CA ASP C 169 22.40 -26.85 32.36
C ASP C 169 21.84 -26.56 33.74
N VAL C 170 22.73 -26.13 34.63
CA VAL C 170 22.29 -25.53 35.88
C VAL C 170 21.35 -24.38 35.57
N GLY C 171 20.24 -24.31 36.28
CA GLY C 171 19.21 -23.33 36.00
C GLY C 171 18.17 -23.78 35.00
N SER C 172 18.39 -24.91 34.34
CA SER C 172 17.40 -25.44 33.40
C SER C 172 16.21 -26.02 34.15
N LYS C 173 15.08 -26.11 33.43
CA LYS C 173 13.87 -26.68 33.99
C LYS C 173 13.67 -28.10 33.46
N VAL C 174 13.01 -28.91 34.28
CA VAL C 174 12.60 -30.26 33.93
C VAL C 174 11.13 -30.39 34.30
N TYR C 175 10.29 -30.68 33.30
CA TYR C 175 8.85 -30.81 33.50
C TYR C 175 8.48 -32.28 33.60
N VAL C 176 7.52 -32.59 34.46
CA VAL C 176 7.15 -33.96 34.75
C VAL C 176 5.63 -34.07 34.69
N ASP C 177 5.14 -35.07 33.96
CA ASP C 177 3.71 -35.31 33.80
C ASP C 177 3.01 -34.15 33.09
N ASP C 178 3.19 -34.07 31.76
CA ASP C 178 2.56 -33.02 30.96
C ASP C 178 2.57 -31.66 31.63
N GLY C 179 3.69 -31.32 32.27
CA GLY C 179 3.91 -29.98 32.76
C GLY C 179 3.39 -29.70 34.15
N LEU C 180 2.71 -30.66 34.79
CA LEU C 180 2.23 -30.44 36.14
C LEU C 180 3.37 -30.05 37.08
N ILE C 181 4.44 -30.85 37.11
CA ILE C 181 5.59 -30.61 37.97
C ILE C 181 6.66 -29.86 37.19
N SER C 182 7.34 -28.91 37.85
CA SER C 182 8.52 -28.29 37.28
C SER C 182 9.63 -28.30 38.32
N LEU C 183 10.84 -28.64 37.87
CA LEU C 183 12.05 -28.67 38.68
C LEU C 183 13.08 -27.73 38.07
N GLN C 184 13.92 -27.15 38.92
CA GLN C 184 15.05 -26.35 38.47
C GLN C 184 16.35 -27.03 38.88
N VAL C 185 17.24 -27.20 37.91
CA VAL C 185 18.52 -27.88 38.13
C VAL C 185 19.42 -26.96 38.95
N LYS C 186 19.77 -27.41 40.16
CA LYS C 186 20.72 -26.68 41.00
C LYS C 186 22.14 -27.23 40.92
N GLN C 187 22.28 -28.54 40.81
CA GLN C 187 23.58 -29.20 40.77
C GLN C 187 23.56 -30.28 39.71
N LYS C 188 24.67 -30.42 38.99
CA LYS C 188 24.83 -31.42 37.95
C LYS C 188 25.88 -32.44 38.37
N GLY C 189 25.48 -33.71 38.45
CA GLY C 189 26.42 -34.77 38.61
C GLY C 189 26.79 -35.33 37.25
N PRO C 190 27.71 -36.29 37.22
CA PRO C 190 27.95 -37.00 35.96
C PRO C 190 26.76 -37.84 35.53
N ASP C 191 25.99 -38.35 36.50
CA ASP C 191 24.84 -39.20 36.21
C ASP C 191 23.65 -38.90 37.12
N PHE C 192 23.60 -37.70 37.70
CA PHE C 192 22.46 -37.31 38.50
C PHE C 192 22.27 -35.81 38.37
N LEU C 193 21.11 -35.34 38.83
CA LEU C 193 20.86 -33.91 38.95
C LEU C 193 20.14 -33.68 40.26
N VAL C 194 20.51 -32.61 40.95
CA VAL C 194 19.79 -32.15 42.12
C VAL C 194 18.97 -30.95 41.69
N THR C 195 17.67 -31.00 41.96
CA THR C 195 16.75 -29.97 41.51
C THR C 195 15.91 -29.47 42.67
N GLU C 196 15.50 -28.21 42.57
CA GLU C 196 14.57 -27.59 43.51
C GLU C 196 13.19 -27.57 42.86
N VAL C 197 12.24 -28.30 43.44
CA VAL C 197 10.90 -28.33 42.88
C VAL C 197 10.31 -26.93 42.92
N GLU C 198 9.95 -26.40 41.75
CA GLU C 198 9.31 -25.09 41.63
C GLU C 198 7.79 -25.20 41.69
N ASN C 199 7.21 -26.03 40.84
CA ASN C 199 5.78 -26.33 40.85
C ASN C 199 5.61 -27.72 41.43
N GLY C 200 5.03 -27.80 42.62
CA GLY C 200 4.80 -29.07 43.26
C GLY C 200 3.55 -29.77 42.76
N GLY C 201 3.27 -30.89 43.40
CA GLY C 201 2.11 -31.69 43.03
C GLY C 201 2.31 -33.13 43.45
N PHE C 202 1.35 -33.95 43.08
CA PHE C 202 1.45 -35.39 43.29
C PHE C 202 2.06 -36.04 42.05
N LEU C 203 3.02 -36.92 42.28
CA LEU C 203 3.81 -37.54 41.22
C LEU C 203 3.55 -39.04 41.20
N GLY C 204 2.99 -39.52 40.10
CA GLY C 204 2.72 -40.93 39.90
C GLY C 204 3.89 -41.64 39.26
N SER C 205 3.59 -42.76 38.61
CA SER C 205 4.60 -43.64 38.05
C SER C 205 4.60 -43.57 36.52
N LYS C 206 5.78 -43.68 35.92
CA LYS C 206 5.93 -43.75 34.48
C LYS C 206 5.33 -42.52 33.79
N LYS C 207 5.70 -41.33 34.27
CA LYS C 207 5.15 -40.08 33.77
C LYS C 207 6.07 -39.47 32.73
N GLY C 208 5.47 -38.68 31.83
CA GLY C 208 6.24 -38.06 30.78
C GLY C 208 7.09 -36.91 31.29
N VAL C 209 8.26 -36.75 30.68
CA VAL C 209 9.20 -35.71 31.05
C VAL C 209 9.47 -34.85 29.83
N ASN C 210 9.47 -33.53 30.03
CA ASN C 210 9.82 -32.57 28.99
C ASN C 210 10.99 -31.73 29.46
N LEU C 211 11.80 -31.30 28.51
CA LEU C 211 13.05 -30.59 28.79
C LEU C 211 13.01 -29.27 28.02
N PRO C 212 12.29 -28.28 28.53
CA PRO C 212 12.07 -27.05 27.76
C PRO C 212 13.40 -26.41 27.37
N GLY C 213 13.50 -26.03 26.11
CA GLY C 213 14.68 -25.39 25.59
C GLY C 213 15.87 -26.30 25.35
N ALA C 214 15.76 -27.58 25.69
CA ALA C 214 16.89 -28.49 25.52
C ALA C 214 16.99 -28.99 24.08
N ALA C 215 18.21 -29.26 23.64
CA ALA C 215 18.44 -29.97 22.38
C ALA C 215 18.52 -31.45 22.73
N VAL C 216 17.36 -32.10 22.71
CA VAL C 216 17.26 -33.51 23.06
C VAL C 216 17.87 -34.34 21.93
N ASP C 217 18.70 -35.32 22.29
CA ASP C 217 19.41 -36.12 21.31
C ASP C 217 18.78 -37.49 21.12
N LEU C 218 17.57 -37.68 21.63
CA LEU C 218 16.76 -38.85 21.35
C LEU C 218 16.69 -39.11 19.85
N PRO C 219 16.58 -40.38 19.43
CA PRO C 219 16.47 -40.67 17.99
C PRO C 219 15.24 -40.06 17.34
N ALA C 220 15.35 -39.79 16.04
CA ALA C 220 14.20 -39.33 15.28
C ALA C 220 13.04 -40.30 15.37
N VAL C 221 13.31 -41.59 15.27
CA VAL C 221 12.26 -42.60 15.31
C VAL C 221 12.68 -43.65 16.33
N SER C 222 11.76 -44.01 17.21
CA SER C 222 12.05 -45.04 18.17
C SER C 222 11.88 -46.41 17.51
N GLU C 223 12.35 -47.45 18.22
CA GLU C 223 12.14 -48.81 17.78
C GLU C 223 10.67 -49.05 17.44
N LYS C 224 9.78 -48.69 18.36
CA LYS C 224 8.35 -48.83 18.11
C LYS C 224 7.95 -48.07 16.85
N ASP C 225 8.45 -46.85 16.69
CA ASP C 225 8.09 -46.05 15.52
C ASP C 225 8.50 -46.75 14.23
N ILE C 226 9.64 -47.43 14.24
CA ILE C 226 10.09 -48.13 13.03
C ILE C 226 9.10 -49.23 12.68
N GLN C 227 8.68 -50.01 13.68
CA GLN C 227 7.67 -51.04 13.44
C GLN C 227 6.37 -50.41 12.95
N ASP C 228 5.97 -49.29 13.53
CA ASP C 228 4.68 -48.71 13.17
C ASP C 228 4.73 -48.08 11.77
N LEU C 229 5.87 -47.52 11.38
CA LEU C 229 5.98 -46.95 10.04
C LEU C 229 5.93 -48.05 8.99
N LYS C 230 6.71 -49.11 9.18
CA LYS C 230 6.64 -50.24 8.26
C LYS C 230 5.21 -50.75 8.13
N PHE C 231 4.49 -50.77 9.25
CA PHE C 231 3.09 -51.17 9.22
C PHE C 231 2.27 -50.21 8.36
N GLY C 232 2.56 -48.92 8.45
CA GLY C 232 1.83 -47.95 7.63
C GLY C 232 2.08 -48.16 6.15
N VAL C 233 3.31 -48.52 5.79
CA VAL C 233 3.60 -48.86 4.40
C VAL C 233 2.79 -50.09 3.98
N GLU C 234 2.75 -51.12 4.83
CA GLU C 234 1.95 -52.30 4.50
C GLU C 234 0.47 -51.97 4.39
N GLN C 235 0.00 -50.99 5.18
CA GLN C 235 -1.39 -50.60 5.15
C GLN C 235 -1.69 -49.60 4.05
N ASP C 236 -0.67 -49.15 3.30
CA ASP C 236 -0.88 -48.27 2.16
C ASP C 236 -1.45 -46.93 2.61
N VAL C 237 -0.95 -46.42 3.75
CA VAL C 237 -1.40 -45.11 4.25
C VAL C 237 -0.94 -44.01 3.30
N ASP C 238 -1.67 -42.90 3.32
CA ASP C 238 -1.37 -41.77 2.44
C ASP C 238 -0.32 -40.82 3.00
N MET C 239 -0.20 -40.74 4.32
CA MET C 239 0.69 -39.74 4.91
C MET C 239 1.06 -40.19 6.32
N VAL C 240 2.15 -39.62 6.81
CA VAL C 240 2.64 -39.89 8.16
C VAL C 240 2.75 -38.56 8.88
N PHE C 241 2.25 -38.51 10.12
CA PHE C 241 2.46 -37.38 11.02
C PHE C 241 3.60 -37.75 11.96
N ALA C 242 4.79 -37.18 11.73
CA ALA C 242 6.00 -37.60 12.42
C ALA C 242 6.18 -36.78 13.70
N SER C 243 6.15 -37.45 14.85
CA SER C 243 6.17 -36.74 16.13
C SER C 243 7.55 -36.15 16.42
N PHE C 244 7.55 -35.00 17.10
CA PHE C 244 8.75 -34.50 17.79
C PHE C 244 9.91 -34.26 16.82
N ILE C 245 9.60 -33.70 15.65
CA ILE C 245 10.65 -33.39 14.68
C ILE C 245 11.40 -32.15 15.13
N ARG C 246 12.73 -32.26 15.21
CA ARG C 246 13.55 -31.19 15.74
C ARG C 246 14.52 -30.61 14.72
N LYS C 247 14.76 -31.28 13.60
CA LYS C 247 15.76 -30.84 12.63
C LYS C 247 15.50 -31.60 11.35
N ALA C 248 16.11 -31.12 10.26
CA ALA C 248 15.93 -31.78 8.97
C ALA C 248 16.39 -33.23 9.02
N ALA C 249 17.49 -33.50 9.73
CA ALA C 249 17.96 -34.89 9.80
C ALA C 249 16.91 -35.82 10.37
N ASP C 250 15.98 -35.29 11.18
CA ASP C 250 14.90 -36.12 11.68
C ASP C 250 13.97 -36.53 10.55
N VAL C 251 13.64 -35.60 9.66
CA VAL C 251 12.75 -35.91 8.55
C VAL C 251 13.41 -36.90 7.61
N HIS C 252 14.68 -36.65 7.27
CA HIS C 252 15.41 -37.58 6.40
C HIS C 252 15.34 -38.99 6.95
N GLU C 253 15.49 -39.14 8.26
CA GLU C 253 15.46 -40.47 8.87
C GLU C 253 14.10 -41.13 8.68
N VAL C 254 13.01 -40.35 8.77
CA VAL C 254 11.69 -40.94 8.57
C VAL C 254 11.52 -41.38 7.12
N ARG C 255 12.00 -40.59 6.15
CA ARG C 255 11.86 -40.99 4.77
C ARG C 255 12.63 -42.28 4.50
N LYS C 256 13.79 -42.43 5.14
CA LYS C 256 14.59 -43.65 5.03
C LYS C 256 13.79 -44.89 5.44
N ILE C 257 13.11 -44.82 6.58
CA ILE C 257 12.37 -46.00 7.03
C ILE C 257 11.20 -46.29 6.12
N LEU C 258 10.58 -45.25 5.55
CA LEU C 258 9.47 -45.51 4.64
C LEU C 258 9.94 -46.23 3.38
N GLY C 259 11.18 -46.00 2.96
CA GLY C 259 11.77 -46.81 1.90
C GLY C 259 11.11 -46.64 0.53
N GLU C 260 11.48 -47.56 -0.36
CA GLU C 260 11.03 -47.48 -1.74
C GLU C 260 9.52 -47.66 -1.85
N LYS C 261 8.98 -48.71 -1.19
CA LYS C 261 7.55 -48.97 -1.27
C LYS C 261 6.73 -47.79 -0.76
N GLY C 262 7.29 -46.94 0.11
CA GLY C 262 6.53 -45.84 0.65
C GLY C 262 7.05 -44.47 0.27
N LYS C 263 7.74 -44.39 -0.88
CA LYS C 263 8.39 -43.13 -1.23
C LYS C 263 7.38 -42.06 -1.66
N ASN C 264 6.14 -42.44 -1.95
CA ASN C 264 5.10 -41.47 -2.28
C ASN C 264 4.25 -41.09 -1.07
N ILE C 265 4.53 -41.66 0.11
CA ILE C 265 3.82 -41.27 1.32
C ILE C 265 4.33 -39.91 1.79
N LYS C 266 3.41 -38.97 2.02
CA LYS C 266 3.79 -37.63 2.46
C LYS C 266 4.18 -37.62 3.93
N ILE C 267 5.25 -36.90 4.25
CA ILE C 267 5.77 -36.79 5.61
C ILE C 267 5.38 -35.41 6.17
N ILE C 268 4.52 -35.41 7.18
CA ILE C 268 4.11 -34.19 7.87
C ILE C 268 4.87 -34.12 9.20
N SER C 269 5.73 -33.12 9.35
CA SER C 269 6.52 -32.99 10.57
C SER C 269 5.72 -32.27 11.64
N LYS C 270 5.73 -32.82 12.84
CA LYS C 270 5.04 -32.22 13.97
C LYS C 270 6.02 -31.33 14.74
N ILE C 271 5.70 -30.04 14.83
CA ILE C 271 6.51 -29.09 15.59
C ILE C 271 6.00 -29.10 17.03
N GLU C 272 6.83 -29.59 17.95
CA GLU C 272 6.40 -29.90 19.31
C GLU C 272 7.20 -29.24 20.42
N ASN C 273 8.32 -28.57 20.13
CA ASN C 273 9.16 -28.05 21.20
C ASN C 273 9.97 -26.86 20.69
N HIS C 274 10.84 -26.33 21.56
CA HIS C 274 11.62 -25.14 21.22
C HIS C 274 12.53 -25.36 20.01
N GLU C 275 13.27 -26.46 20.00
CA GLU C 275 14.22 -26.66 18.91
C GLU C 275 13.48 -26.72 17.56
N GLY C 276 12.34 -27.40 17.53
CA GLY C 276 11.58 -27.47 16.28
C GLY C 276 11.12 -26.12 15.78
N VAL C 277 10.73 -25.22 16.69
CA VAL C 277 10.37 -23.87 16.26
C VAL C 277 11.59 -23.12 15.77
N ARG C 278 12.69 -23.19 16.52
CA ARG C 278 13.89 -22.43 16.19
C ARG C 278 14.52 -22.89 14.90
N ARG C 279 14.44 -24.19 14.60
CA ARG C 279 15.00 -24.74 13.38
C ARG C 279 13.93 -24.94 12.31
N PHE C 280 12.83 -24.19 12.40
CA PHE C 280 11.67 -24.48 11.56
C PHE C 280 12.01 -24.46 10.08
N ASP C 281 12.78 -23.46 9.64
CA ASP C 281 13.04 -23.30 8.22
C ASP C 281 13.62 -24.57 7.61
N GLU C 282 14.60 -25.18 8.28
CA GLU C 282 15.22 -26.37 7.71
C GLU C 282 14.28 -27.57 7.75
N ILE C 283 13.45 -27.66 8.78
CA ILE C 283 12.46 -28.72 8.84
C ILE C 283 11.47 -28.60 7.69
N LEU C 284 11.04 -27.37 7.41
CA LEU C 284 10.02 -27.16 6.39
C LEU C 284 10.57 -27.49 5.01
N GLU C 285 11.80 -27.07 4.72
CA GLU C 285 12.42 -27.40 3.45
C GLU C 285 12.44 -28.91 3.22
N ALA C 286 12.61 -29.70 4.28
CA ALA C 286 12.79 -31.14 4.13
C ALA C 286 11.48 -31.92 4.20
N SER C 287 10.39 -31.30 4.61
CA SER C 287 9.13 -31.98 4.86
C SER C 287 8.16 -31.79 3.71
N ASP C 288 7.18 -32.69 3.62
CA ASP C 288 6.06 -32.48 2.71
C ASP C 288 5.04 -31.52 3.28
N GLY C 289 4.84 -31.51 4.60
CA GLY C 289 3.94 -30.58 5.25
C GLY C 289 4.28 -30.49 6.73
N ILE C 290 3.52 -29.64 7.43
CA ILE C 290 3.78 -29.32 8.84
C ILE C 290 2.48 -29.43 9.64
N MET C 291 2.59 -29.96 10.86
CA MET C 291 1.52 -29.88 11.84
C MET C 291 1.98 -29.04 13.03
N VAL C 292 1.21 -28.01 13.35
CA VAL C 292 1.39 -27.25 14.60
C VAL C 292 0.76 -28.10 15.70
N ALA C 293 1.58 -28.87 16.42
CA ALA C 293 1.10 -29.79 17.47
C ALA C 293 1.00 -29.02 18.78
N ARG C 294 -0.12 -28.32 18.95
CA ARG C 294 -0.20 -27.29 20.00
C ARG C 294 -0.19 -27.87 21.41
N GLY C 295 -0.73 -29.07 21.60
CA GLY C 295 -0.75 -29.69 22.90
C GLY C 295 0.64 -29.83 23.49
N ASP C 296 1.48 -30.65 22.84
CA ASP C 296 2.86 -30.79 23.29
C ASP C 296 3.61 -29.47 23.21
N LEU C 297 3.36 -28.68 22.17
CA LEU C 297 4.01 -27.38 22.07
C LEU C 297 3.78 -26.56 23.34
N GLY C 298 2.52 -26.46 23.78
CA GLY C 298 2.20 -25.68 24.95
C GLY C 298 2.68 -26.29 26.26
N ILE C 299 3.13 -27.54 26.23
CA ILE C 299 3.80 -28.09 27.41
C ILE C 299 5.28 -27.72 27.40
N GLU C 300 5.90 -27.63 26.22
CA GLU C 300 7.32 -27.32 26.10
C GLU C 300 7.59 -25.82 26.25
N ILE C 301 6.84 -24.98 25.53
CA ILE C 301 7.03 -23.54 25.61
C ILE C 301 5.89 -22.96 26.43
N PRO C 302 6.03 -21.74 26.95
CA PRO C 302 4.94 -21.14 27.74
C PRO C 302 3.66 -21.06 26.92
N ALA C 303 2.56 -21.48 27.54
CA ALA C 303 1.30 -21.59 26.82
C ALA C 303 0.89 -20.27 26.17
N GLU C 304 1.26 -19.14 26.77
CA GLU C 304 0.91 -17.85 26.19
C GLU C 304 1.69 -17.50 24.91
N LYS C 305 2.66 -18.33 24.49
CA LYS C 305 3.42 -18.08 23.27
C LYS C 305 3.02 -18.99 22.12
N VAL C 306 2.10 -19.93 22.35
CA VAL C 306 1.76 -20.90 21.31
C VAL C 306 1.21 -20.20 20.08
N PHE C 307 0.35 -19.18 20.27
CA PHE C 307 -0.21 -18.49 19.12
C PHE C 307 0.87 -17.84 18.26
N LEU C 308 1.97 -17.38 18.88
CA LEU C 308 3.07 -16.84 18.09
C LEU C 308 3.63 -17.91 17.15
N ALA C 309 3.97 -19.08 17.70
CA ALA C 309 4.49 -20.17 16.87
C ALA C 309 3.48 -20.60 15.82
N GLN C 310 2.19 -20.66 16.20
CA GLN C 310 1.16 -21.09 15.27
C GLN C 310 1.10 -20.15 14.07
N LYS C 311 1.05 -18.83 14.33
CA LYS C 311 0.95 -17.87 13.24
C LYS C 311 2.23 -17.83 12.43
N MET C 312 3.38 -17.95 13.08
CA MET C 312 4.65 -17.96 12.35
C MET C 312 4.72 -19.14 11.40
N ILE C 313 4.36 -20.33 11.89
CA ILE C 313 4.48 -21.52 11.08
C ILE C 313 3.48 -21.50 9.92
N ILE C 314 2.24 -21.09 10.18
CA ILE C 314 1.26 -21.07 9.10
C ILE C 314 1.70 -20.10 8.03
N GLY C 315 2.15 -18.90 8.44
CA GLY C 315 2.67 -17.94 7.49
C GLY C 315 3.75 -18.50 6.59
N ARG C 316 4.78 -19.12 7.18
CA ARG C 316 5.90 -19.60 6.39
C ARG C 316 5.53 -20.82 5.55
N CYS C 317 4.61 -21.67 6.04
CA CYS C 317 4.10 -22.74 5.18
C CYS C 317 3.34 -22.18 3.98
N ASN C 318 2.45 -21.21 4.23
CA ASN C 318 1.74 -20.54 3.15
C ASN C 318 2.73 -20.00 2.12
N ARG C 319 3.73 -19.26 2.61
CA ARG C 319 4.79 -18.74 1.73
C ARG C 319 5.35 -19.83 0.83
N ALA C 320 5.65 -20.99 1.41
CA ALA C 320 6.27 -22.07 0.68
C ALA C 320 5.29 -22.86 -0.17
N GLY C 321 3.99 -22.69 0.04
CA GLY C 321 3.00 -23.54 -0.60
C GLY C 321 2.98 -24.97 -0.09
N LYS C 322 3.41 -25.19 1.15
CA LYS C 322 3.33 -26.53 1.71
C LYS C 322 2.20 -26.64 2.72
N PRO C 323 1.54 -27.79 2.76
CA PRO C 323 0.40 -27.96 3.67
C PRO C 323 0.78 -27.71 5.13
N VAL C 324 -0.14 -27.08 5.86
CA VAL C 324 0.03 -26.89 7.28
C VAL C 324 -1.27 -27.20 8.00
N ILE C 325 -1.18 -28.00 9.05
CA ILE C 325 -2.30 -28.44 9.87
C ILE C 325 -2.26 -27.74 11.23
N CYS C 326 -3.42 -27.23 11.67
CA CYS C 326 -3.59 -26.75 13.03
C CYS C 326 -4.25 -27.85 13.87
N ALA C 327 -3.61 -28.24 14.97
CA ALA C 327 -4.05 -29.41 15.71
C ALA C 327 -4.19 -29.12 17.20
N THR C 328 -5.11 -29.86 17.83
CA THR C 328 -5.21 -30.11 19.27
C THR C 328 -6.06 -29.10 20.04
N GLN C 329 -7.14 -29.61 20.64
CA GLN C 329 -8.01 -28.91 21.58
C GLN C 329 -8.85 -27.82 20.92
N MET C 330 -9.08 -27.91 19.61
CA MET C 330 -9.86 -26.89 18.91
C MET C 330 -11.31 -26.85 19.42
N LEU C 331 -11.93 -28.02 19.59
CA LEU C 331 -13.31 -28.12 20.07
C LEU C 331 -13.39 -28.97 21.35
N GLU C 332 -12.41 -28.79 22.24
CA GLU C 332 -12.15 -29.76 23.30
C GLU C 332 -13.38 -30.02 24.16
N SER C 333 -14.16 -28.97 24.45
CA SER C 333 -15.29 -29.12 25.35
C SER C 333 -16.34 -30.07 24.78
N MET C 334 -16.39 -30.20 23.45
CA MET C 334 -17.35 -31.09 22.80
C MET C 334 -17.05 -32.56 23.05
N ILE C 335 -15.97 -32.87 23.77
CA ILE C 335 -15.77 -34.25 24.21
C ILE C 335 -16.92 -34.67 25.11
N LYS C 336 -17.42 -33.73 25.91
CA LYS C 336 -18.52 -33.96 26.84
C LYS C 336 -19.77 -33.18 26.51
N LYS C 337 -19.68 -32.12 25.71
CA LYS C 337 -20.85 -31.32 25.46
C LYS C 337 -21.20 -31.30 23.98
N PRO C 338 -22.50 -31.23 23.65
CA PRO C 338 -22.91 -31.20 22.24
C PRO C 338 -22.66 -29.87 21.55
N ARG C 339 -22.24 -28.82 22.28
CA ARG C 339 -21.95 -27.53 21.68
C ARG C 339 -20.64 -26.97 22.22
N PRO C 340 -19.82 -26.37 21.34
CA PRO C 340 -18.51 -25.85 21.76
C PRO C 340 -18.64 -24.52 22.51
N THR C 341 -17.54 -24.11 23.14
CA THR C 341 -17.51 -22.79 23.74
C THR C 341 -17.28 -21.71 22.68
N ARG C 342 -17.44 -20.45 23.10
CA ARG C 342 -17.13 -19.34 22.18
C ARG C 342 -15.64 -19.23 21.90
N ALA C 343 -14.79 -19.60 22.87
CA ALA C 343 -13.35 -19.61 22.60
C ALA C 343 -13.00 -20.64 21.54
N GLU C 344 -13.72 -21.77 21.53
CA GLU C 344 -13.40 -22.80 20.54
C GLU C 344 -13.89 -22.42 19.15
N GLY C 345 -15.08 -21.82 19.05
CA GLY C 345 -15.49 -21.28 17.75
C GLY C 345 -14.50 -20.28 17.20
N SER C 346 -14.09 -19.32 18.03
CA SER C 346 -13.07 -18.36 17.64
C SER C 346 -11.79 -19.06 17.20
N ASP C 347 -11.35 -20.08 17.94
CA ASP C 347 -10.07 -20.73 17.63
C ASP C 347 -10.08 -21.36 16.24
N VAL C 348 -11.16 -22.07 15.90
CA VAL C 348 -11.27 -22.66 14.56
C VAL C 348 -11.25 -21.56 13.50
N ALA C 349 -12.12 -20.54 13.67
CA ALA C 349 -12.18 -19.47 12.69
C ALA C 349 -10.83 -18.81 12.48
N ASN C 350 -10.09 -18.57 13.57
CA ASN C 350 -8.83 -17.86 13.43
C ASN C 350 -7.74 -18.73 12.80
N ALA C 351 -7.79 -20.05 13.00
CA ALA C 351 -6.84 -20.92 12.31
C ALA C 351 -7.06 -20.90 10.81
N VAL C 352 -8.33 -20.88 10.39
CA VAL C 352 -8.62 -20.75 8.97
C VAL C 352 -8.16 -19.39 8.45
N LEU C 353 -8.49 -18.32 9.18
CA LEU C 353 -8.01 -16.99 8.80
C LEU C 353 -6.50 -16.92 8.81
N ASP C 354 -5.85 -17.61 9.75
CA ASP C 354 -4.39 -17.63 9.72
C ASP C 354 -3.86 -18.22 8.41
N GLY C 355 -4.56 -19.19 7.84
CA GLY C 355 -4.15 -19.81 6.59
C GLY C 355 -3.94 -21.31 6.64
N ALA C 356 -4.38 -21.97 7.70
CA ALA C 356 -4.20 -23.42 7.82
C ALA C 356 -4.88 -24.14 6.67
N ASP C 357 -4.16 -25.07 6.04
CA ASP C 357 -4.78 -25.89 5.00
C ASP C 357 -5.80 -26.85 5.59
N CYS C 358 -5.50 -27.43 6.76
CA CYS C 358 -6.37 -28.38 7.42
C CYS C 358 -6.51 -28.04 8.90
N ILE C 359 -7.66 -28.42 9.46
CA ILE C 359 -7.86 -28.38 10.89
C ILE C 359 -8.15 -29.79 11.39
N MET C 360 -7.88 -30.03 12.65
CA MET C 360 -7.84 -31.41 13.13
C MET C 360 -8.69 -31.56 14.39
N LEU C 361 -9.18 -32.79 14.57
CA LEU C 361 -9.90 -33.21 15.76
C LEU C 361 -9.20 -34.45 16.31
N SER C 362 -8.99 -34.47 17.64
CA SER C 362 -8.30 -35.59 18.27
C SER C 362 -9.30 -36.29 19.18
N GLY C 363 -9.26 -36.08 20.51
CA GLY C 363 -10.21 -36.72 21.39
C GLY C 363 -11.66 -36.42 21.03
N GLU C 364 -11.94 -35.25 20.48
CA GLU C 364 -13.31 -34.89 20.12
C GLU C 364 -13.96 -35.99 19.28
N THR C 365 -13.21 -36.60 18.37
CA THR C 365 -13.73 -37.66 17.52
C THR C 365 -13.23 -39.05 17.89
N ALA C 366 -12.04 -39.16 18.50
CA ALA C 366 -11.49 -40.47 18.83
C ALA C 366 -12.25 -41.12 19.98
N LYS C 367 -12.67 -40.32 20.97
CA LYS C 367 -13.27 -40.88 22.18
C LYS C 367 -14.44 -40.10 22.77
N GLY C 368 -14.78 -38.92 22.25
CA GLY C 368 -15.79 -38.09 22.88
C GLY C 368 -17.21 -38.58 22.67
N ASP C 369 -18.14 -37.94 23.36
CA ASP C 369 -19.56 -38.29 23.28
C ASP C 369 -20.26 -37.72 22.05
N TYR C 370 -19.64 -36.80 21.31
CA TYR C 370 -20.33 -36.09 20.24
C TYR C 370 -19.43 -35.97 19.01
N PRO C 371 -18.91 -37.09 18.51
CA PRO C 371 -17.97 -37.01 17.38
C PRO C 371 -18.54 -36.35 16.13
N LEU C 372 -19.77 -36.68 15.73
CA LEU C 372 -20.32 -36.09 14.52
C LEU C 372 -20.61 -34.60 14.71
N GLU C 373 -21.13 -34.23 15.88
CA GLU C 373 -21.34 -32.82 16.17
C GLU C 373 -20.07 -31.99 15.95
N ALA C 374 -18.92 -32.52 16.37
CA ALA C 374 -17.68 -31.76 16.24
C ALA C 374 -17.26 -31.59 14.79
N VAL C 375 -17.35 -32.66 14.00
CA VAL C 375 -17.05 -32.56 12.57
C VAL C 375 -17.95 -31.52 11.93
N ARG C 376 -19.25 -31.56 12.25
CA ARG C 376 -20.18 -30.66 11.59
C ARG C 376 -19.93 -29.22 11.98
N MET C 377 -19.48 -28.97 13.20
CA MET C 377 -19.19 -27.60 13.62
C MET C 377 -17.95 -27.07 12.92
N GLN C 378 -16.91 -27.89 12.80
CA GLN C 378 -15.72 -27.46 12.08
C GLN C 378 -16.05 -27.09 10.64
N HIS C 379 -16.89 -27.90 9.99
CA HIS C 379 -17.36 -27.62 8.63
C HIS C 379 -18.02 -26.25 8.57
N LEU C 380 -18.96 -25.98 9.47
CA LEU C 380 -19.71 -24.74 9.42
C LEU C 380 -18.81 -23.53 9.66
N ILE C 381 -17.92 -23.62 10.66
CA ILE C 381 -17.06 -22.49 10.98
C ILE C 381 -16.10 -22.21 9.83
N ALA C 382 -15.54 -23.25 9.23
CA ALA C 382 -14.54 -23.05 8.19
C ALA C 382 -15.12 -22.33 6.98
N ARG C 383 -16.32 -22.71 6.54
CA ARG C 383 -16.92 -22.03 5.39
C ARG C 383 -17.09 -20.54 5.64
N GLU C 384 -17.52 -20.18 6.85
CA GLU C 384 -17.69 -18.77 7.19
C GLU C 384 -16.34 -18.07 7.22
N ALA C 385 -15.33 -18.69 7.85
CA ALA C 385 -14.03 -18.03 7.94
C ALA C 385 -13.35 -17.96 6.57
N GLU C 386 -13.56 -18.95 5.72
CA GLU C 386 -12.95 -18.89 4.38
C GLU C 386 -13.42 -17.66 3.61
N ALA C 387 -14.71 -17.33 3.70
CA ALA C 387 -15.22 -16.14 3.01
C ALA C 387 -14.65 -14.85 3.60
N ALA C 388 -14.31 -14.87 4.89
CA ALA C 388 -13.88 -13.65 5.56
C ALA C 388 -12.39 -13.38 5.43
N MET C 389 -11.65 -14.24 4.74
CA MET C 389 -10.27 -13.88 4.41
C MET C 389 -10.25 -12.65 3.49
N PHE C 390 -9.12 -11.94 3.51
CA PHE C 390 -8.92 -10.77 2.67
C PHE C 390 -8.10 -11.20 1.46
N HIS C 391 -8.77 -11.84 0.50
CA HIS C 391 -8.09 -12.54 -0.59
C HIS C 391 -7.19 -11.62 -1.41
N ARG C 392 -7.68 -10.42 -1.75
CA ARG C 392 -6.86 -9.54 -2.59
C ARG C 392 -5.54 -9.21 -1.91
N LYS C 393 -5.55 -8.91 -0.61
CA LYS C 393 -4.30 -8.64 0.09
C LYS C 393 -3.45 -9.90 0.21
N LEU C 394 -4.08 -11.01 0.61
CA LEU C 394 -3.35 -12.27 0.75
C LEU C 394 -2.62 -12.62 -0.55
N PHE C 395 -3.32 -12.52 -1.67
CA PHE C 395 -2.73 -12.83 -2.97
C PHE C 395 -1.52 -11.93 -3.25
N GLU C 396 -1.69 -10.61 -3.08
CA GLU C 396 -0.58 -9.67 -3.27
C GLU C 396 0.61 -10.03 -2.41
N GLU C 397 0.35 -10.39 -1.14
CA GLU C 397 1.47 -10.66 -0.24
C GLU C 397 2.13 -11.99 -0.55
N LEU C 398 1.35 -12.99 -1.00
CA LEU C 398 1.96 -14.25 -1.47
C LEU C 398 2.77 -14.03 -2.75
N ALA C 399 2.25 -13.23 -3.68
CA ALA C 399 3.01 -12.89 -4.87
C ALA C 399 4.35 -12.24 -4.50
N ARG C 400 4.30 -11.27 -3.60
CA ARG C 400 5.51 -10.57 -3.21
C ARG C 400 6.53 -11.51 -2.60
N ALA C 401 6.09 -12.43 -1.74
CA ALA C 401 7.04 -13.30 -1.04
C ALA C 401 7.72 -14.31 -1.97
N SER C 402 7.06 -14.70 -3.05
CA SER C 402 7.61 -15.70 -3.96
C SER C 402 8.19 -15.10 -5.24
N SER C 403 8.30 -13.77 -5.32
CA SER C 403 8.63 -13.12 -6.58
C SER C 403 10.06 -13.38 -7.03
N HIS C 404 10.89 -13.98 -6.17
CA HIS C 404 12.21 -14.42 -6.61
C HIS C 404 12.09 -15.55 -7.63
N SER C 405 11.02 -16.33 -7.54
CA SER C 405 10.81 -17.44 -8.45
C SER C 405 10.11 -16.98 -9.72
N THR C 406 10.59 -17.47 -10.86
CA THR C 406 9.97 -17.24 -12.15
C THR C 406 9.35 -18.51 -12.72
N ASP C 407 9.11 -19.50 -11.86
CA ASP C 407 8.64 -20.82 -12.30
C ASP C 407 7.39 -20.71 -13.18
N LEU C 408 7.35 -21.53 -14.23
CA LEU C 408 6.28 -21.43 -15.22
C LEU C 408 4.92 -21.83 -14.65
N MET C 409 4.88 -22.87 -13.81
CA MET C 409 3.60 -23.31 -13.26
C MET C 409 3.06 -22.32 -12.24
N GLU C 410 3.93 -21.69 -11.45
CA GLU C 410 3.46 -20.61 -10.59
C GLU C 410 2.84 -19.50 -11.41
N ALA C 411 3.43 -19.20 -12.57
CA ALA C 411 2.88 -18.11 -13.39
C ALA C 411 1.48 -18.47 -13.87
N MET C 412 1.27 -19.74 -14.25
CA MET C 412 -0.07 -20.20 -14.62
C MET C 412 -1.00 -20.17 -13.41
N ALA C 413 -0.53 -20.63 -12.26
CA ALA C 413 -1.35 -20.56 -11.06
C ALA C 413 -1.76 -19.12 -10.78
N MET C 414 -0.79 -18.20 -10.75
CA MET C 414 -1.09 -16.83 -10.39
C MET C 414 -2.03 -16.19 -11.41
N GLY C 415 -1.77 -16.37 -12.70
CA GLY C 415 -2.67 -15.82 -13.71
C GLY C 415 -4.08 -16.40 -13.63
N SER C 416 -4.19 -17.69 -13.31
CA SER C 416 -5.50 -18.33 -13.21
C SER C 416 -6.25 -17.86 -11.97
N VAL C 417 -5.57 -17.83 -10.81
CA VAL C 417 -6.21 -17.28 -9.62
C VAL C 417 -6.63 -15.84 -9.86
N GLU C 418 -5.74 -15.05 -10.46
CA GLU C 418 -6.06 -13.67 -10.80
C GLU C 418 -7.30 -13.60 -11.70
N ALA C 419 -7.33 -14.40 -12.77
CA ALA C 419 -8.51 -14.45 -13.60
C ALA C 419 -9.74 -14.84 -12.78
N SER C 420 -9.59 -15.77 -11.83
CA SER C 420 -10.74 -16.22 -11.05
C SER C 420 -11.29 -15.09 -10.16
N TYR C 421 -10.41 -14.24 -9.63
CA TYR C 421 -10.88 -13.09 -8.85
C TYR C 421 -11.65 -12.11 -9.72
N LYS C 422 -11.11 -11.81 -10.91
CA LYS C 422 -11.65 -10.74 -11.74
C LYS C 422 -13.06 -11.05 -12.21
N CYS C 423 -13.30 -12.27 -12.66
CA CYS C 423 -14.61 -12.63 -13.17
C CYS C 423 -15.46 -13.41 -12.18
N LEU C 424 -15.04 -13.49 -10.92
CA LEU C 424 -15.79 -14.23 -9.89
C LEU C 424 -16.15 -15.64 -10.37
N ALA C 425 -15.15 -16.34 -10.88
CA ALA C 425 -15.36 -17.71 -11.36
C ALA C 425 -15.89 -18.60 -10.22
N ALA C 426 -16.78 -19.52 -10.56
CA ALA C 426 -17.35 -20.39 -9.55
C ALA C 426 -16.39 -21.47 -9.10
N ALA C 427 -15.34 -21.73 -9.87
CA ALA C 427 -14.43 -22.81 -9.54
C ALA C 427 -13.26 -22.78 -10.50
N LEU C 428 -12.17 -23.45 -10.11
CA LEU C 428 -11.04 -23.70 -10.98
C LEU C 428 -10.93 -25.21 -11.18
N ILE C 429 -10.98 -25.65 -12.44
CA ILE C 429 -10.86 -27.06 -12.77
C ILE C 429 -9.43 -27.31 -13.23
N VAL C 430 -8.76 -28.26 -12.58
CA VAL C 430 -7.37 -28.59 -12.87
C VAL C 430 -7.27 -30.10 -13.12
N LEU C 431 -6.73 -30.46 -14.29
CA LEU C 431 -6.43 -31.85 -14.59
C LEU C 431 -4.97 -32.11 -14.23
N THR C 432 -4.71 -33.17 -13.47
CA THR C 432 -3.37 -33.40 -12.96
C THR C 432 -3.24 -34.85 -12.48
N GLU C 433 -2.12 -35.50 -12.78
CA GLU C 433 -1.89 -36.85 -12.29
CA GLU C 433 -1.87 -36.86 -12.31
C GLU C 433 -1.04 -36.88 -11.02
N SER C 434 -0.06 -36.01 -10.89
CA SER C 434 0.71 -35.92 -9.66
C SER C 434 0.06 -34.98 -8.64
N GLY C 435 -0.83 -34.09 -9.09
CA GLY C 435 -1.37 -33.06 -8.24
C GLY C 435 -0.59 -31.77 -8.23
N ARG C 436 0.63 -31.75 -8.77
CA ARG C 436 1.49 -30.58 -8.62
C ARG C 436 0.82 -29.32 -9.13
N SER C 437 0.16 -29.41 -10.29
CA SER C 437 -0.47 -28.23 -10.85
C SER C 437 -1.55 -27.69 -9.91
N ALA C 438 -2.36 -28.58 -9.33
CA ALA C 438 -3.40 -28.13 -8.40
C ALA C 438 -2.78 -27.55 -7.14
N HIS C 439 -1.70 -28.16 -6.63
CA HIS C 439 -1.03 -27.63 -5.44
C HIS C 439 -0.61 -26.20 -5.65
N GLN C 440 -0.05 -25.88 -6.84
CA GLN C 440 0.39 -24.52 -7.11
C GLN C 440 -0.77 -23.54 -7.17
N VAL C 441 -1.95 -23.98 -7.65
CA VAL C 441 -3.13 -23.13 -7.61
C VAL C 441 -3.56 -22.88 -6.16
N ALA C 442 -3.67 -23.96 -5.37
CA ALA C 442 -4.03 -23.84 -3.96
C ALA C 442 -3.13 -22.85 -3.25
N ARG C 443 -1.83 -22.92 -3.52
CA ARG C 443 -0.86 -22.06 -2.85
C ARG C 443 -1.20 -20.59 -2.99
N TYR C 444 -1.86 -20.18 -4.09
CA TYR C 444 -2.18 -18.78 -4.27
C TYR C 444 -3.61 -18.43 -3.85
N ARG C 445 -4.27 -19.32 -3.11
CA ARG C 445 -5.46 -18.99 -2.33
C ARG C 445 -6.57 -18.33 -3.15
N PRO C 446 -7.05 -18.99 -4.20
CA PRO C 446 -8.30 -18.55 -4.80
C PRO C 446 -9.43 -18.65 -3.78
N ARG C 447 -10.45 -17.82 -3.99
CA ARG C 447 -11.68 -17.91 -3.22
C ARG C 447 -12.52 -19.12 -3.67
N ALA C 448 -12.54 -19.40 -4.98
CA ALA C 448 -13.37 -20.46 -5.51
C ALA C 448 -12.73 -21.83 -5.32
N PRO C 449 -13.55 -22.88 -5.19
CA PRO C 449 -12.99 -24.22 -5.04
C PRO C 449 -12.21 -24.65 -6.27
N ILE C 450 -11.25 -25.55 -6.04
CA ILE C 450 -10.41 -26.11 -7.09
C ILE C 450 -10.84 -27.56 -7.28
N ILE C 451 -11.42 -27.90 -8.42
CA ILE C 451 -11.79 -29.28 -8.68
C ILE C 451 -10.63 -29.92 -9.44
N ALA C 452 -9.91 -30.80 -8.77
CA ALA C 452 -8.73 -31.44 -9.35
C ALA C 452 -9.15 -32.84 -9.80
N VAL C 453 -9.20 -33.04 -11.11
CA VAL C 453 -9.55 -34.32 -11.69
C VAL C 453 -8.27 -35.11 -11.95
N THR C 454 -8.18 -36.31 -11.39
CA THR C 454 -6.98 -37.14 -11.51
C THR C 454 -7.39 -38.60 -11.67
N ARG C 455 -6.57 -39.34 -12.42
CA ARG C 455 -6.69 -40.80 -12.48
C ARG C 455 -5.81 -41.50 -11.46
N ASN C 456 -5.03 -40.77 -10.67
CA ASN C 456 -4.17 -41.37 -9.65
C ASN C 456 -4.92 -41.30 -8.32
N HIS C 457 -5.35 -42.47 -7.82
CA HIS C 457 -6.19 -42.48 -6.63
C HIS C 457 -5.45 -41.93 -5.42
N GLN C 458 -4.12 -42.09 -5.36
CA GLN C 458 -3.37 -41.60 -4.23
C GLN C 458 -3.22 -40.08 -4.28
N THR C 459 -2.95 -39.53 -5.46
CA THR C 459 -3.00 -38.08 -5.62
C THR C 459 -4.30 -37.51 -5.06
N ALA C 460 -5.42 -38.18 -5.34
CA ALA C 460 -6.73 -37.69 -4.90
C ALA C 460 -6.84 -37.72 -3.39
N ARG C 461 -6.40 -38.81 -2.75
CA ARG C 461 -6.48 -38.87 -1.29
C ARG C 461 -5.56 -37.82 -0.68
N GLN C 462 -4.38 -37.63 -1.25
CA GLN C 462 -3.41 -36.70 -0.69
C GLN C 462 -3.77 -35.24 -0.96
N ALA C 463 -4.66 -34.97 -1.92
CA ALA C 463 -5.02 -33.60 -2.23
C ALA C 463 -5.69 -32.89 -1.07
N HIS C 464 -6.31 -33.64 -0.15
CA HIS C 464 -6.98 -33.03 0.99
C HIS C 464 -6.03 -32.21 1.85
N LEU C 465 -4.73 -32.42 1.73
CA LEU C 465 -3.81 -31.62 2.53
C LEU C 465 -3.76 -30.16 2.09
N TYR C 466 -4.29 -29.83 0.91
CA TYR C 466 -4.13 -28.51 0.31
C TYR C 466 -5.45 -27.75 0.36
N ARG C 467 -5.40 -26.54 0.91
CA ARG C 467 -6.59 -25.70 0.98
C ARG C 467 -7.26 -25.60 -0.38
N GLY C 468 -8.54 -25.94 -0.43
CA GLY C 468 -9.38 -25.63 -1.57
C GLY C 468 -9.46 -26.69 -2.64
N ILE C 469 -8.69 -27.75 -2.56
CA ILE C 469 -8.71 -28.79 -3.58
C ILE C 469 -9.78 -29.81 -3.23
N PHE C 470 -10.76 -29.97 -4.13
CA PHE C 470 -11.73 -31.05 -4.10
C PHE C 470 -11.28 -32.12 -5.08
N PRO C 471 -10.75 -33.25 -4.62
CA PRO C 471 -10.25 -34.26 -5.56
C PRO C 471 -11.39 -35.05 -6.20
N VAL C 472 -11.28 -35.27 -7.50
CA VAL C 472 -12.25 -36.09 -8.22
C VAL C 472 -11.48 -37.19 -8.96
N VAL C 473 -11.80 -38.43 -8.65
CA VAL C 473 -11.14 -39.58 -9.27
C VAL C 473 -11.84 -39.91 -10.57
N CYS C 474 -11.07 -39.91 -11.66
CA CYS C 474 -11.56 -40.35 -12.96
C CYS C 474 -11.27 -41.84 -13.12
N LYS C 475 -12.32 -42.64 -13.31
CA LYS C 475 -12.17 -44.08 -13.50
C LYS C 475 -12.33 -44.51 -14.96
N ASP C 476 -12.54 -43.56 -15.87
CA ASP C 476 -12.71 -43.89 -17.27
C ASP C 476 -11.38 -44.25 -17.93
N PRO C 477 -11.40 -45.14 -18.92
CA PRO C 477 -10.18 -45.43 -19.67
C PRO C 477 -9.68 -44.19 -20.40
N VAL C 478 -8.37 -44.18 -20.66
CA VAL C 478 -7.78 -43.09 -21.42
C VAL C 478 -8.33 -43.12 -22.84
N GLN C 479 -8.85 -41.98 -23.29
CA GLN C 479 -9.33 -41.88 -24.67
C GLN C 479 -8.14 -41.77 -25.62
N GLU C 480 -8.24 -42.41 -26.78
CA GLU C 480 -7.14 -42.43 -27.72
C GLU C 480 -6.77 -41.01 -28.17
N ALA C 481 -7.76 -40.17 -28.42
CA ALA C 481 -7.50 -38.79 -28.84
C ALA C 481 -7.35 -37.91 -27.61
N TRP C 482 -6.26 -37.15 -27.56
CA TRP C 482 -5.97 -36.29 -26.41
C TRP C 482 -7.11 -35.33 -26.15
N ALA C 483 -7.58 -34.63 -27.18
CA ALA C 483 -8.66 -33.67 -26.98
C ALA C 483 -9.89 -34.32 -26.36
N GLU C 484 -10.19 -35.57 -26.74
CA GLU C 484 -11.32 -36.28 -26.14
C GLU C 484 -11.05 -36.61 -24.68
N ASP C 485 -9.83 -37.05 -24.37
CA ASP C 485 -9.52 -37.38 -22.99
C ASP C 485 -9.64 -36.17 -22.08
N VAL C 486 -9.23 -35.00 -22.58
CA VAL C 486 -9.32 -33.77 -21.81
C VAL C 486 -10.79 -33.36 -21.62
N ASP C 487 -11.56 -33.37 -22.72
CA ASP C 487 -12.98 -33.05 -22.63
C ASP C 487 -13.68 -33.96 -21.63
N LEU C 488 -13.41 -35.27 -21.73
CA LEU C 488 -14.06 -36.21 -20.82
C LEU C 488 -13.79 -35.83 -19.37
N ARG C 489 -12.56 -35.43 -19.05
CA ARG C 489 -12.24 -35.15 -17.66
C ARG C 489 -12.79 -33.80 -17.22
N VAL C 490 -12.75 -32.79 -18.10
CA VAL C 490 -13.37 -31.51 -17.77
C VAL C 490 -14.86 -31.68 -17.52
N ASN C 491 -15.55 -32.46 -18.38
CA ASN C 491 -16.98 -32.69 -18.20
C ASN C 491 -17.28 -33.40 -16.89
N LEU C 492 -16.44 -34.37 -16.50
CA LEU C 492 -16.61 -35.02 -15.21
C LEU C 492 -16.60 -34.01 -14.08
N ALA C 493 -15.67 -33.04 -14.13
CA ALA C 493 -15.64 -31.98 -13.12
C ALA C 493 -16.88 -31.08 -13.23
N MET C 494 -17.25 -30.68 -14.45
CA MET C 494 -18.52 -29.98 -14.64
C MET C 494 -19.67 -30.72 -13.96
N ASN C 495 -19.77 -32.03 -14.17
CA ASN C 495 -20.87 -32.80 -13.60
C ASN C 495 -20.80 -32.84 -12.09
N VAL C 496 -19.60 -33.00 -11.53
CA VAL C 496 -19.48 -33.04 -10.08
C VAL C 496 -19.84 -31.68 -9.49
N GLY C 497 -19.36 -30.61 -10.10
CA GLY C 497 -19.66 -29.28 -9.59
C GLY C 497 -21.15 -29.01 -9.57
N LYS C 498 -21.86 -29.41 -10.62
CA LYS C 498 -23.30 -29.16 -10.66
C LYS C 498 -24.03 -30.02 -9.64
N ALA C 499 -23.59 -31.27 -9.47
CA ALA C 499 -24.28 -32.16 -8.53
C ALA C 499 -24.07 -31.71 -7.08
N ARG C 500 -22.91 -31.15 -6.77
CA ARG C 500 -22.64 -30.68 -5.41
C ARG C 500 -23.10 -29.26 -5.18
N GLY C 501 -23.61 -28.58 -6.21
CA GLY C 501 -24.08 -27.22 -6.01
C GLY C 501 -22.97 -26.20 -5.93
N PHE C 502 -21.79 -26.50 -6.48
CA PHE C 502 -20.73 -25.49 -6.55
C PHE C 502 -21.02 -24.46 -7.62
N PHE C 503 -21.68 -24.86 -8.69
CA PHE C 503 -22.05 -23.93 -9.75
C PHE C 503 -23.23 -24.54 -10.51
N LYS C 504 -23.80 -23.74 -11.39
CA LYS C 504 -24.87 -24.20 -12.26
C LYS C 504 -24.64 -23.66 -13.66
N LYS C 505 -25.33 -24.27 -14.62
CA LYS C 505 -25.29 -23.83 -16.01
C LYS C 505 -25.29 -22.31 -16.11
N GLY C 506 -24.38 -21.78 -16.91
CA GLY C 506 -24.26 -20.36 -17.08
C GLY C 506 -23.25 -19.68 -16.17
N ASP C 507 -22.77 -20.36 -15.13
CA ASP C 507 -21.64 -19.82 -14.39
C ASP C 507 -20.37 -19.95 -15.23
N VAL C 508 -19.29 -19.36 -14.73
CA VAL C 508 -17.99 -19.37 -15.40
C VAL C 508 -16.99 -20.07 -14.50
N VAL C 509 -16.13 -20.90 -15.11
CA VAL C 509 -15.05 -21.58 -14.40
C VAL C 509 -13.75 -21.36 -15.18
N ILE C 510 -12.63 -21.39 -14.45
CA ILE C 510 -11.30 -21.44 -15.04
C ILE C 510 -10.89 -22.91 -15.17
N VAL C 511 -10.35 -23.29 -16.33
CA VAL C 511 -9.98 -24.67 -16.59
C VAL C 511 -8.51 -24.70 -16.97
N LEU C 512 -7.75 -25.52 -16.27
CA LEU C 512 -6.29 -25.65 -16.44
C LEU C 512 -6.00 -27.05 -16.94
N THR C 513 -5.40 -27.13 -18.14
CA THR C 513 -5.10 -28.41 -18.77
C THR C 513 -3.72 -28.37 -19.39
N GLY C 514 -3.20 -29.55 -19.73
CA GLY C 514 -1.99 -29.64 -20.52
C GLY C 514 -2.31 -29.55 -22.01
N TRP C 515 -1.49 -28.80 -22.74
CA TRP C 515 -1.68 -28.68 -24.18
C TRP C 515 -1.56 -30.04 -24.87
N ARG C 516 -0.58 -30.84 -24.48
CA ARG C 516 -0.35 -32.18 -25.04
C ARG C 516 -0.14 -33.15 -23.91
N PRO C 517 -0.21 -34.46 -24.19
CA PRO C 517 0.01 -35.47 -23.13
C PRO C 517 1.32 -35.30 -22.37
N GLY C 518 2.37 -34.82 -23.02
CA GLY C 518 3.66 -34.64 -22.38
C GLY C 518 3.95 -33.24 -21.89
N SER C 519 2.95 -32.36 -21.84
CA SER C 519 3.18 -30.98 -21.45
C SER C 519 3.85 -30.85 -20.09
N GLY C 520 3.59 -31.77 -19.16
CA GLY C 520 4.31 -31.77 -17.89
C GLY C 520 3.67 -30.95 -16.79
N PHE C 521 2.95 -29.89 -17.13
CA PHE C 521 2.14 -29.14 -16.18
C PHE C 521 0.94 -28.59 -16.95
N THR C 522 0.00 -27.98 -16.23
CA THR C 522 -1.15 -27.37 -16.89
C THR C 522 -0.69 -26.03 -17.46
N ASN C 523 -0.32 -26.03 -18.73
CA ASN C 523 0.17 -24.83 -19.41
C ASN C 523 -0.91 -24.15 -20.22
N THR C 524 -2.16 -24.56 -20.06
CA THR C 524 -3.25 -24.02 -20.87
C THR C 524 -4.36 -23.62 -19.91
N MET C 525 -4.78 -22.35 -19.97
CA MET C 525 -5.84 -21.87 -19.13
C MET C 525 -6.97 -21.32 -20.00
N ARG C 526 -8.19 -21.67 -19.63
CA ARG C 526 -9.35 -21.17 -20.33
C ARG C 526 -10.38 -20.66 -19.33
N VAL C 527 -11.11 -19.64 -19.75
CA VAL C 527 -12.35 -19.25 -19.09
C VAL C 527 -13.48 -19.92 -19.86
N VAL C 528 -14.27 -20.74 -19.16
CA VAL C 528 -15.24 -21.63 -19.78
C VAL C 528 -16.60 -21.48 -19.09
N PRO C 529 -17.68 -21.32 -19.85
CA PRO C 529 -19.01 -21.27 -19.23
C PRO C 529 -19.44 -22.67 -18.83
N VAL C 530 -20.14 -22.76 -17.72
CA VAL C 530 -20.64 -24.06 -17.28
C VAL C 530 -21.79 -24.47 -18.20
N PRO C 531 -21.70 -25.65 -18.84
CA PRO C 531 -22.69 -26.11 -19.83
C PRO C 531 -23.94 -26.72 -19.17
N PHE D 12 21.42 -11.62 19.22
CA PHE D 12 20.45 -10.74 19.87
C PHE D 12 19.12 -10.69 19.11
N ILE D 13 18.07 -11.15 19.78
CA ILE D 13 16.71 -11.10 19.26
C ILE D 13 16.04 -9.84 19.79
N GLN D 14 15.65 -8.94 18.89
CA GLN D 14 14.95 -7.73 19.30
C GLN D 14 13.77 -8.10 20.20
N THR D 15 13.51 -7.25 21.20
CA THR D 15 12.38 -7.50 22.08
C THR D 15 11.08 -7.08 21.40
N GLN D 16 9.97 -7.45 22.02
CA GLN D 16 8.70 -6.80 21.74
C GLN D 16 8.25 -7.01 20.29
N GLN D 17 8.63 -8.16 19.70
CA GLN D 17 8.34 -8.45 18.29
C GLN D 17 8.73 -7.29 17.38
N LEU D 18 9.85 -6.63 17.70
CA LEU D 18 10.24 -5.46 16.90
C LEU D 18 10.80 -5.85 15.54
N HIS D 19 11.30 -7.07 15.36
CA HIS D 19 11.68 -7.50 14.02
C HIS D 19 10.45 -7.59 13.12
N ALA D 20 9.38 -8.22 13.61
CA ALA D 20 8.14 -8.27 12.85
C ALA D 20 7.55 -6.89 12.62
N ALA D 21 7.76 -5.96 13.55
CA ALA D 21 7.23 -4.60 13.40
C ALA D 21 7.73 -3.94 12.13
N MET D 22 8.95 -4.30 11.70
CA MET D 22 9.59 -3.71 10.52
C MET D 22 9.15 -4.37 9.22
N ALA D 23 8.28 -5.37 9.25
CA ALA D 23 7.89 -6.06 8.03
C ALA D 23 7.19 -5.11 7.08
N ASP D 24 7.18 -5.48 5.80
CA ASP D 24 6.51 -4.72 4.78
C ASP D 24 5.06 -5.17 4.55
N THR D 25 4.77 -6.44 4.78
CA THR D 25 3.44 -6.98 4.52
C THR D 25 2.93 -7.70 5.76
N PHE D 26 1.61 -7.87 5.81
CA PHE D 26 1.01 -8.65 6.90
C PHE D 26 1.57 -10.06 6.94
N LEU D 27 1.73 -10.70 5.78
CA LEU D 27 2.28 -12.05 5.75
C LEU D 27 3.68 -12.09 6.35
N GLU D 28 4.54 -11.14 5.95
CA GLU D 28 5.92 -11.13 6.45
C GLU D 28 5.95 -10.87 7.95
N HIS D 29 5.11 -9.95 8.42
CA HIS D 29 5.00 -9.69 9.84
C HIS D 29 4.67 -10.98 10.59
N MET D 30 3.69 -11.71 10.07
CA MET D 30 3.32 -13.02 10.63
C MET D 30 4.51 -13.98 10.61
N CYS D 31 5.21 -14.08 9.47
CA CYS D 31 6.34 -15.00 9.40
C CYS D 31 7.48 -14.64 10.36
N ARG D 32 7.52 -13.40 10.86
CA ARG D 32 8.60 -12.95 11.74
C ARG D 32 8.27 -13.09 13.22
N LEU D 33 7.03 -13.46 13.58
CA LEU D 33 6.69 -13.60 15.00
C LEU D 33 7.60 -14.64 15.63
N ASP D 34 8.10 -14.31 16.82
CA ASP D 34 9.25 -14.99 17.41
C ASP D 34 8.98 -15.30 18.89
N ILE D 35 8.85 -16.59 19.21
CA ILE D 35 8.62 -16.98 20.61
C ILE D 35 9.78 -16.61 21.52
N ASP D 36 10.93 -16.22 20.96
CA ASP D 36 12.07 -15.80 21.76
C ASP D 36 12.20 -14.28 21.84
N SER D 37 11.19 -13.53 21.39
CA SER D 37 11.20 -12.06 21.46
C SER D 37 10.36 -11.65 22.68
N ALA D 38 11.04 -11.24 23.75
CA ALA D 38 10.38 -11.05 25.02
C ALA D 38 9.46 -9.82 24.99
N PRO D 39 8.28 -9.91 25.58
CA PRO D 39 7.41 -8.73 25.68
C PRO D 39 7.90 -7.77 26.77
N ILE D 40 7.37 -6.54 26.71
CA ILE D 40 7.69 -5.56 27.74
C ILE D 40 6.89 -5.88 28.99
N THR D 41 7.17 -5.14 30.07
CA THR D 41 6.52 -5.42 31.35
C THR D 41 5.07 -4.94 31.38
N ALA D 42 4.77 -3.82 30.72
CA ALA D 42 3.45 -3.21 30.81
C ALA D 42 2.42 -3.95 29.96
N ARG D 43 1.23 -4.13 30.52
CA ARG D 43 0.11 -4.77 29.83
C ARG D 43 -0.95 -3.71 29.52
N ASN D 44 -1.29 -3.57 28.25
CA ASN D 44 -2.21 -2.52 27.82
C ASN D 44 -3.68 -2.92 27.87
N THR D 45 -4.00 -4.21 27.77
CA THR D 45 -5.41 -4.66 27.68
C THR D 45 -6.02 -4.78 29.08
N GLY D 46 -7.12 -4.08 29.32
CA GLY D 46 -7.77 -4.18 30.62
C GLY D 46 -8.37 -5.54 30.86
N ILE D 47 -8.34 -5.98 32.12
CA ILE D 47 -8.91 -7.26 32.54
C ILE D 47 -10.11 -6.99 33.45
N ILE D 48 -11.27 -7.50 33.04
CA ILE D 48 -12.53 -7.32 33.75
C ILE D 48 -12.87 -8.67 34.39
N CYS D 49 -13.06 -8.67 35.70
CA CYS D 49 -13.30 -9.90 36.46
C CYS D 49 -14.68 -9.87 37.10
N THR D 50 -15.46 -10.92 36.87
CA THR D 50 -16.73 -11.07 37.53
C THR D 50 -16.49 -11.59 38.93
N ILE D 51 -16.99 -10.88 39.93
CA ILE D 51 -16.77 -11.23 41.33
C ILE D 51 -17.96 -12.03 41.83
N GLY D 52 -17.67 -13.16 42.50
CA GLY D 52 -18.68 -14.05 42.98
C GLY D 52 -18.20 -14.81 44.19
N PRO D 53 -18.86 -15.93 44.52
CA PRO D 53 -18.46 -16.72 45.70
C PRO D 53 -16.98 -17.07 45.73
N ALA D 54 -16.39 -17.42 44.59
CA ALA D 54 -14.99 -17.81 44.59
C ALA D 54 -14.04 -16.62 44.83
N SER D 55 -14.52 -15.38 44.69
CA SER D 55 -13.63 -14.25 44.56
C SER D 55 -13.98 -13.03 45.40
N ARG D 56 -15.03 -13.08 46.22
CA ARG D 56 -15.56 -11.87 46.85
C ARG D 56 -14.98 -11.59 48.25
N SER D 57 -14.13 -12.46 48.78
CA SER D 57 -13.52 -12.14 50.06
C SER D 57 -12.42 -11.10 49.88
N VAL D 58 -12.26 -10.25 50.89
CA VAL D 58 -11.22 -9.20 50.84
C VAL D 58 -9.85 -9.82 50.55
N GLU D 59 -9.52 -10.93 51.20
CA GLU D 59 -8.22 -11.55 51.00
C GLU D 59 -8.05 -11.99 49.54
N THR D 60 -9.07 -12.65 48.98
CA THR D 60 -8.98 -13.05 47.58
C THR D 60 -8.92 -11.83 46.66
N LEU D 61 -9.73 -10.81 46.95
CA LEU D 61 -9.76 -9.63 46.10
C LEU D 61 -8.41 -8.94 46.06
N LYS D 62 -7.70 -8.91 47.20
CA LYS D 62 -6.36 -8.33 47.18
C LYS D 62 -5.46 -9.06 46.20
N GLU D 63 -5.54 -10.38 46.15
CA GLU D 63 -4.71 -11.14 45.23
C GLU D 63 -5.17 -10.95 43.79
N MET D 64 -6.48 -10.80 43.58
CA MET D 64 -6.99 -10.48 42.25
C MET D 64 -6.34 -9.21 41.71
N ILE D 65 -6.28 -8.17 42.54
CA ILE D 65 -5.67 -6.91 42.12
C ILE D 65 -4.20 -7.10 41.82
N LYS D 66 -3.47 -7.77 42.72
CA LYS D 66 -2.06 -8.09 42.46
C LYS D 66 -1.91 -8.80 41.12
N SER D 67 -2.83 -9.71 40.79
CA SER D 67 -2.69 -10.54 39.61
C SER D 67 -3.05 -9.82 38.32
N GLY D 68 -3.69 -8.65 38.40
CA GLY D 68 -3.99 -7.89 37.20
C GLY D 68 -5.42 -7.38 37.03
N MET D 69 -6.32 -7.72 37.94
CA MET D 69 -7.71 -7.27 37.78
C MET D 69 -7.79 -5.75 37.78
N ASN D 70 -8.44 -5.18 36.76
CA ASN D 70 -8.64 -3.74 36.63
C ASN D 70 -10.07 -3.30 36.89
N VAL D 71 -11.05 -4.16 36.64
CA VAL D 71 -12.47 -3.83 36.77
C VAL D 71 -13.17 -5.01 37.42
N ALA D 72 -13.93 -4.72 38.48
CA ALA D 72 -14.75 -5.71 39.16
C ALA D 72 -16.18 -5.62 38.62
N ARG D 73 -16.66 -6.71 38.04
CA ARG D 73 -17.99 -6.76 37.45
C ARG D 73 -18.94 -7.48 38.40
N MET D 74 -20.08 -6.84 38.67
CA MET D 74 -21.14 -7.44 39.46
C MET D 74 -22.24 -7.87 38.51
N ASN D 75 -22.50 -9.18 38.43
CA ASN D 75 -23.50 -9.71 37.53
C ASN D 75 -24.84 -9.74 38.26
N PHE D 76 -25.73 -8.85 37.88
CA PHE D 76 -27.01 -8.71 38.56
C PHE D 76 -28.08 -9.65 38.02
N SER D 77 -27.70 -10.64 37.21
CA SER D 77 -28.64 -11.71 36.86
C SER D 77 -29.04 -12.50 38.10
N HIS D 78 -28.17 -12.58 39.09
CA HIS D 78 -28.47 -13.22 40.37
C HIS D 78 -27.91 -12.36 41.48
N GLY D 79 -28.37 -12.64 42.71
CA GLY D 79 -27.94 -11.98 43.93
C GLY D 79 -28.82 -10.80 44.31
N THR D 80 -28.96 -10.60 45.62
CA THR D 80 -29.74 -9.48 46.15
C THR D 80 -28.88 -8.22 46.24
N HIS D 81 -29.56 -7.08 46.31
CA HIS D 81 -28.84 -5.82 46.49
C HIS D 81 -27.91 -5.90 47.69
N GLU D 82 -28.34 -6.55 48.77
CA GLU D 82 -27.50 -6.68 49.96
C GLU D 82 -26.24 -7.48 49.65
N TYR D 83 -26.38 -8.58 48.91
CA TYR D 83 -25.23 -9.38 48.52
C TYR D 83 -24.23 -8.57 47.72
N HIS D 84 -24.72 -7.84 46.70
CA HIS D 84 -23.83 -7.11 45.81
C HIS D 84 -23.19 -5.91 46.51
N ALA D 85 -23.94 -5.22 47.37
CA ALA D 85 -23.37 -4.11 48.15
C ALA D 85 -22.22 -4.57 49.02
N GLU D 86 -22.33 -5.76 49.61
CA GLU D 86 -21.21 -6.28 50.37
C GLU D 86 -20.02 -6.58 49.47
N THR D 87 -20.28 -7.16 48.30
CA THR D 87 -19.18 -7.45 47.39
C THR D 87 -18.48 -6.16 46.97
N ILE D 88 -19.25 -5.12 46.67
CA ILE D 88 -18.65 -3.84 46.30
C ILE D 88 -17.87 -3.29 47.47
N LYS D 89 -18.41 -3.44 48.68
CA LYS D 89 -17.70 -3.00 49.87
C LYS D 89 -16.35 -3.69 49.98
N ASN D 90 -16.32 -5.01 49.79
CA ASN D 90 -15.07 -5.76 49.87
C ASN D 90 -14.10 -5.34 48.79
N VAL D 91 -14.60 -5.14 47.56
CA VAL D 91 -13.73 -4.68 46.48
C VAL D 91 -13.02 -3.39 46.88
N ARG D 92 -13.75 -2.47 47.51
CA ARG D 92 -13.16 -1.19 47.87
C ARG D 92 -12.18 -1.33 49.03
N THR D 93 -12.48 -2.20 50.00
CA THR D 93 -11.54 -2.45 51.08
C THR D 93 -10.24 -3.01 50.54
N ALA D 94 -10.33 -4.00 49.64
CA ALA D 94 -9.12 -4.55 49.05
C ALA D 94 -8.36 -3.48 48.26
N THR D 95 -9.09 -2.71 47.44
CA THR D 95 -8.47 -1.67 46.62
C THR D 95 -7.73 -0.65 47.49
N GLU D 96 -8.38 -0.18 48.54
CA GLU D 96 -7.78 0.85 49.37
C GLU D 96 -6.71 0.30 50.30
N SER D 97 -6.64 -1.01 50.51
CA SER D 97 -5.55 -1.58 51.30
C SER D 97 -4.19 -1.25 50.69
N PHE D 98 -4.14 -0.79 49.45
CA PHE D 98 -2.90 -0.42 48.79
C PHE D 98 -2.70 1.09 48.71
N ALA D 99 -3.62 1.88 49.25
CA ALA D 99 -3.55 3.32 49.08
C ALA D 99 -2.40 3.94 49.85
N SER D 100 -1.84 3.22 50.83
CA SER D 100 -0.74 3.78 51.63
C SER D 100 0.42 4.22 50.74
N ASP D 101 0.77 3.39 49.74
CA ASP D 101 1.83 3.72 48.82
C ASP D 101 1.26 4.35 47.57
N PRO D 102 1.16 5.67 47.50
CA PRO D 102 0.59 6.32 46.31
C PRO D 102 1.37 6.07 45.04
N ILE D 103 2.59 5.53 45.12
CA ILE D 103 3.32 5.23 43.89
C ILE D 103 2.88 3.88 43.32
N LEU D 104 2.44 2.94 44.16
CA LEU D 104 2.04 1.62 43.69
C LEU D 104 0.53 1.46 43.57
N TYR D 105 -0.25 2.34 44.19
CA TYR D 105 -1.70 2.23 44.18
C TYR D 105 -2.25 2.07 42.78
N ARG D 106 -3.12 1.07 42.60
CA ARG D 106 -3.80 0.84 41.34
C ARG D 106 -5.29 1.12 41.50
N PRO D 107 -5.88 2.05 40.77
CA PRO D 107 -7.33 2.22 40.85
C PRO D 107 -8.05 1.00 40.27
N VAL D 108 -9.25 0.74 40.79
CA VAL D 108 -10.06 -0.41 40.39
C VAL D 108 -11.47 0.07 40.13
N ALA D 109 -12.01 -0.20 38.95
CA ALA D 109 -13.36 0.24 38.64
C ALA D 109 -14.40 -0.80 39.07
N VAL D 110 -15.62 -0.32 39.29
CA VAL D 110 -16.77 -1.16 39.66
C VAL D 110 -17.79 -1.08 38.52
N ALA D 111 -18.15 -2.24 37.97
CA ALA D 111 -19.11 -2.31 36.87
C ALA D 111 -20.37 -3.08 37.30
N LEU D 112 -21.54 -2.58 36.89
CA LEU D 112 -22.82 -3.24 37.13
C LEU D 112 -23.36 -3.79 35.81
N ASP D 113 -23.53 -5.11 35.75
CA ASP D 113 -24.05 -5.78 34.56
C ASP D 113 -25.50 -6.15 34.82
N THR D 114 -26.42 -5.60 34.02
CA THR D 114 -27.83 -5.74 34.32
C THR D 114 -28.36 -7.10 33.88
N LYS D 115 -29.43 -7.55 34.55
CA LYS D 115 -30.10 -8.76 34.09
C LYS D 115 -30.67 -8.57 32.69
N GLY D 116 -31.44 -7.51 32.47
CA GLY D 116 -32.05 -7.24 31.19
C GLY D 116 -33.40 -7.88 30.99
N PRO D 117 -34.12 -7.46 29.95
CA PRO D 117 -35.43 -8.07 29.65
C PRO D 117 -35.27 -9.53 29.26
N GLU D 118 -36.29 -10.34 29.58
CA GLU D 118 -36.29 -11.77 29.35
C GLU D 118 -37.63 -12.23 28.81
N ILE D 119 -37.61 -13.37 28.14
CA ILE D 119 -38.82 -14.12 27.80
C ILE D 119 -38.69 -15.50 28.44
N ARG D 120 -39.74 -15.91 29.15
CA ARG D 120 -39.76 -17.14 29.94
C ARG D 120 -41.04 -17.94 29.68
N THR D 121 -40.89 -19.26 29.54
CA THR D 121 -42.05 -20.14 29.54
C THR D 121 -42.62 -20.28 30.96
N GLY D 122 -43.77 -20.96 31.06
CA GLY D 122 -44.42 -21.21 32.32
C GLY D 122 -43.93 -22.48 32.99
N LEU D 123 -44.72 -22.95 33.96
CA LEU D 123 -44.40 -24.17 34.67
C LEU D 123 -45.05 -25.37 34.00
N ILE D 124 -44.27 -26.45 33.88
CA ILE D 124 -44.80 -27.73 33.42
C ILE D 124 -45.81 -28.25 34.42
N LYS D 125 -46.96 -28.71 33.91
CA LYS D 125 -48.09 -29.17 34.73
C LYS D 125 -47.69 -29.95 35.99
N GLY D 128 -42.18 -29.94 39.47
CA GLY D 128 -40.88 -29.63 40.03
C GLY D 128 -39.74 -30.17 39.18
N THR D 129 -39.66 -31.49 39.10
CA THR D 129 -38.80 -32.17 38.15
C THR D 129 -39.47 -32.39 36.81
N ALA D 130 -40.75 -32.05 36.70
CA ALA D 130 -41.54 -32.42 35.54
C ALA D 130 -40.97 -31.85 34.26
N GLU D 131 -41.06 -32.62 33.19
CA GLU D 131 -40.58 -32.24 31.87
C GLU D 131 -41.53 -32.73 30.80
N VAL D 132 -41.53 -32.02 29.68
CA VAL D 132 -42.21 -32.45 28.46
C VAL D 132 -41.13 -32.84 27.46
N GLU D 133 -41.26 -34.02 26.87
CA GLU D 133 -40.32 -34.43 25.84
C GLU D 133 -40.87 -34.00 24.47
N LEU D 134 -40.20 -33.05 23.84
CA LEU D 134 -40.57 -32.54 22.53
C LEU D 134 -39.74 -33.25 21.47
N LYS D 135 -40.41 -33.92 20.53
CA LYS D 135 -39.73 -34.70 19.53
C LYS D 135 -39.81 -33.99 18.18
N LYS D 136 -38.74 -34.13 17.40
CA LYS D 136 -38.70 -33.53 16.07
C LYS D 136 -39.97 -33.87 15.30
N GLY D 137 -40.54 -32.86 14.64
CA GLY D 137 -41.70 -33.06 13.82
C GLY D 137 -43.02 -32.90 14.52
N ALA D 138 -43.03 -32.90 15.85
CA ALA D 138 -44.28 -32.80 16.59
C ALA D 138 -44.79 -31.36 16.55
N THR D 139 -46.10 -31.23 16.70
CA THR D 139 -46.76 -29.93 16.76
C THR D 139 -46.75 -29.45 18.21
N LEU D 140 -46.60 -28.15 18.38
CA LEU D 140 -46.53 -27.57 19.71
C LEU D 140 -47.18 -26.20 19.65
N LYS D 141 -48.25 -26.03 20.42
CA LYS D 141 -49.02 -24.79 20.38
C LYS D 141 -48.59 -23.90 21.53
N ILE D 142 -48.27 -22.65 21.21
CA ILE D 142 -47.87 -21.65 22.20
C ILE D 142 -49.04 -20.71 22.45
N THR D 143 -49.36 -20.51 23.73
CA THR D 143 -50.46 -19.66 24.11
C THR D 143 -49.99 -18.51 24.98
N LEU D 144 -50.77 -17.43 24.99
CA LEU D 144 -50.59 -16.31 25.89
C LEU D 144 -51.59 -16.32 27.02
N ASP D 145 -52.51 -17.29 27.03
CA ASP D 145 -53.57 -17.34 28.04
C ASP D 145 -53.00 -17.75 29.38
N ASN D 146 -53.07 -16.84 30.35
CA ASN D 146 -52.48 -17.09 31.66
C ASN D 146 -53.09 -18.29 32.35
N ALA D 147 -54.30 -18.70 31.96
CA ALA D 147 -54.86 -19.93 32.51
C ALA D 147 -53.91 -21.11 32.41
N TYR D 148 -52.93 -21.06 31.51
CA TYR D 148 -52.02 -22.19 31.33
C TYR D 148 -50.61 -21.90 31.81
N MET D 149 -50.38 -20.77 32.49
CA MET D 149 -49.01 -20.41 32.85
C MET D 149 -48.38 -21.41 33.81
N GLU D 150 -49.17 -22.14 34.57
CA GLU D 150 -48.64 -23.18 35.46
C GLU D 150 -49.04 -24.58 35.02
N LYS D 151 -49.60 -24.72 33.82
CA LYS D 151 -50.16 -25.98 33.32
C LYS D 151 -49.58 -26.31 31.95
N CYS D 152 -48.29 -26.08 31.74
CA CYS D 152 -47.68 -26.38 30.45
C CYS D 152 -47.51 -27.88 30.27
N ASP D 153 -47.76 -28.35 29.05
CA ASP D 153 -47.50 -29.75 28.70
C ASP D 153 -47.28 -29.82 27.18
N GLU D 154 -47.24 -31.05 26.65
CA GLU D 154 -46.89 -31.21 25.25
C GLU D 154 -48.00 -30.75 24.31
N ASN D 155 -49.18 -30.43 24.84
CA ASN D 155 -50.28 -29.92 24.04
C ASN D 155 -50.46 -28.42 24.15
N ILE D 156 -49.61 -27.73 24.92
CA ILE D 156 -49.71 -26.27 25.04
C ILE D 156 -48.60 -25.73 25.93
N LEU D 157 -48.00 -24.63 25.48
CA LEU D 157 -46.86 -24.02 26.16
C LEU D 157 -47.13 -22.54 26.33
N TRP D 158 -47.18 -22.09 27.57
CA TRP D 158 -47.36 -20.67 27.88
C TRP D 158 -45.99 -19.99 27.94
N LEU D 159 -45.93 -18.75 27.47
CA LEU D 159 -44.75 -17.91 27.72
C LEU D 159 -45.25 -16.50 28.02
N ASP D 160 -44.36 -15.66 28.55
CA ASP D 160 -44.78 -14.43 29.21
C ASP D 160 -44.58 -13.19 28.36
N TYR D 161 -44.29 -13.34 27.06
CA TYR D 161 -44.10 -12.19 26.16
C TYR D 161 -45.39 -11.96 25.41
N LYS D 162 -46.23 -11.07 25.94
CA LYS D 162 -47.59 -10.95 25.41
C LYS D 162 -47.63 -10.42 23.98
N ASN D 163 -46.57 -9.75 23.53
CA ASN D 163 -46.52 -9.18 22.18
C ASN D 163 -45.89 -10.11 21.14
N ILE D 164 -45.67 -11.38 21.48
CA ILE D 164 -44.86 -12.24 20.63
C ILE D 164 -45.45 -12.36 19.23
N CYS D 165 -46.78 -12.42 19.13
CA CYS D 165 -47.42 -12.65 17.84
C CYS D 165 -47.24 -11.47 16.89
N LYS D 166 -46.89 -10.29 17.41
CA LYS D 166 -46.70 -9.10 16.61
C LYS D 166 -45.32 -9.01 15.98
N VAL D 167 -44.35 -9.82 16.41
CA VAL D 167 -42.97 -9.64 15.97
C VAL D 167 -42.40 -10.87 15.31
N VAL D 168 -43.15 -11.96 15.23
CA VAL D 168 -42.69 -13.13 14.48
C VAL D 168 -43.69 -13.41 13.37
N ASP D 169 -43.25 -14.22 12.41
CA ASP D 169 -44.04 -14.52 11.23
C ASP D 169 -44.04 -16.03 11.02
N VAL D 170 -44.92 -16.49 10.12
CA VAL D 170 -44.84 -17.86 9.65
C VAL D 170 -43.44 -18.12 9.11
N GLY D 171 -42.83 -19.23 9.54
CA GLY D 171 -41.49 -19.56 9.14
C GLY D 171 -40.39 -19.10 10.09
N SER D 172 -40.67 -18.16 10.98
CA SER D 172 -39.60 -17.76 11.90
C SER D 172 -39.42 -18.81 12.99
N LYS D 173 -38.32 -18.69 13.73
CA LYS D 173 -37.94 -19.66 14.74
C LYS D 173 -38.13 -19.10 16.13
N VAL D 174 -38.53 -19.98 17.04
CA VAL D 174 -38.56 -19.74 18.48
C VAL D 174 -37.59 -20.72 19.13
N TYR D 175 -36.58 -20.21 19.82
CA TYR D 175 -35.65 -21.03 20.57
C TYR D 175 -36.05 -21.07 22.04
N VAL D 176 -35.92 -22.26 22.64
CA VAL D 176 -36.28 -22.45 24.05
C VAL D 176 -35.11 -23.11 24.78
N ASP D 177 -34.88 -22.66 26.01
CA ASP D 177 -33.88 -23.18 26.94
C ASP D 177 -32.47 -23.10 26.34
N ASP D 178 -31.99 -21.86 26.24
CA ASP D 178 -30.66 -21.56 25.71
C ASP D 178 -30.45 -22.14 24.32
N GLY D 179 -31.50 -22.11 23.50
CA GLY D 179 -31.35 -22.60 22.16
C GLY D 179 -31.24 -24.10 22.04
N LEU D 180 -31.45 -24.84 23.13
CA LEU D 180 -31.39 -26.29 23.08
C LEU D 180 -32.57 -26.85 22.30
N ILE D 181 -33.73 -26.21 22.38
CA ILE D 181 -34.91 -26.61 21.65
C ILE D 181 -35.25 -25.51 20.65
N SER D 182 -35.64 -25.90 19.43
CA SER D 182 -36.05 -24.92 18.44
C SER D 182 -37.38 -25.31 17.82
N LEU D 183 -38.23 -24.30 17.63
CA LEU D 183 -39.56 -24.43 17.07
C LEU D 183 -39.65 -23.57 15.81
N GLN D 184 -40.43 -24.01 14.84
CA GLN D 184 -40.72 -23.18 13.67
C GLN D 184 -42.22 -22.89 13.63
N VAL D 185 -42.55 -21.60 13.49
CA VAL D 185 -43.93 -21.16 13.50
C VAL D 185 -44.59 -21.55 12.19
N LYS D 186 -45.69 -22.30 12.27
CA LYS D 186 -46.47 -22.73 11.11
C LYS D 186 -47.71 -21.89 10.89
N GLN D 187 -48.49 -21.65 11.95
CA GLN D 187 -49.65 -20.77 11.88
C GLN D 187 -49.56 -19.77 13.00
N LYS D 188 -49.99 -18.55 12.69
CA LYS D 188 -50.05 -17.44 13.64
C LYS D 188 -51.51 -17.07 13.87
N GLY D 189 -51.86 -16.79 15.12
CA GLY D 189 -53.18 -16.32 15.46
C GLY D 189 -53.12 -15.00 16.17
N PRO D 190 -54.28 -14.50 16.63
CA PRO D 190 -54.26 -13.25 17.41
C PRO D 190 -53.47 -13.39 18.70
N ASP D 191 -53.63 -14.52 19.41
CA ASP D 191 -53.01 -14.73 20.71
C ASP D 191 -52.43 -16.14 20.84
N PHE D 192 -52.06 -16.75 19.73
CA PHE D 192 -51.46 -18.08 19.80
C PHE D 192 -50.56 -18.28 18.60
N LEU D 193 -49.65 -19.24 18.72
CA LEU D 193 -48.77 -19.66 17.65
C LEU D 193 -48.78 -21.18 17.59
N VAL D 194 -48.90 -21.74 16.39
CA VAL D 194 -48.73 -23.17 16.17
C VAL D 194 -47.34 -23.38 15.59
N THR D 195 -46.53 -24.21 16.25
CA THR D 195 -45.16 -24.41 15.86
C THR D 195 -44.92 -25.88 15.59
N GLU D 196 -43.85 -26.16 14.86
CA GLU D 196 -43.39 -27.53 14.65
C GLU D 196 -41.98 -27.64 15.22
N VAL D 197 -41.74 -28.72 15.97
CA VAL D 197 -40.47 -28.93 16.64
C VAL D 197 -39.41 -29.29 15.61
N GLU D 198 -38.33 -28.51 15.57
CA GLU D 198 -37.16 -28.86 14.76
C GLU D 198 -36.16 -29.66 15.58
N ASN D 199 -35.50 -29.01 16.53
CA ASN D 199 -34.61 -29.69 17.47
C ASN D 199 -35.36 -29.92 18.78
N GLY D 200 -35.58 -31.19 19.11
CA GLY D 200 -36.31 -31.57 20.29
C GLY D 200 -35.42 -31.69 21.52
N GLY D 201 -36.02 -32.20 22.58
CA GLY D 201 -35.35 -32.25 23.87
C GLY D 201 -36.39 -32.27 24.98
N PHE D 202 -35.89 -32.25 26.21
CA PHE D 202 -36.75 -32.22 27.37
C PHE D 202 -36.92 -30.77 27.81
N LEU D 203 -38.18 -30.32 27.88
CA LEU D 203 -38.51 -28.95 28.27
C LEU D 203 -38.94 -28.94 29.73
N GLY D 204 -38.22 -28.16 30.55
CA GLY D 204 -38.55 -27.97 31.94
C GLY D 204 -39.34 -26.70 32.18
N SER D 205 -39.41 -26.31 33.44
CA SER D 205 -40.19 -25.14 33.83
C SER D 205 -39.36 -23.87 33.69
N LYS D 206 -40.03 -22.79 33.27
CA LYS D 206 -39.48 -21.43 33.33
C LYS D 206 -38.16 -21.31 32.58
N LYS D 207 -38.17 -21.71 31.32
CA LYS D 207 -36.97 -21.69 30.49
C LYS D 207 -36.96 -20.43 29.60
N GLY D 208 -35.74 -20.01 29.23
CA GLY D 208 -35.58 -18.79 28.46
C GLY D 208 -35.88 -18.99 26.98
N VAL D 209 -36.40 -17.93 26.37
CA VAL D 209 -36.86 -17.96 24.98
C VAL D 209 -36.09 -16.92 24.17
N ASN D 210 -35.66 -17.29 22.97
CA ASN D 210 -35.00 -16.37 22.04
C ASN D 210 -35.76 -16.39 20.73
N LEU D 211 -35.90 -15.21 20.13
CA LEU D 211 -36.57 -15.05 18.84
C LEU D 211 -35.55 -14.57 17.80
N PRO D 212 -34.79 -15.49 17.21
CA PRO D 212 -33.73 -15.09 16.26
C PRO D 212 -34.30 -14.27 15.12
N GLY D 213 -33.65 -13.15 14.82
CA GLY D 213 -34.05 -12.29 13.72
C GLY D 213 -35.25 -11.39 13.97
N ALA D 214 -35.86 -11.45 15.15
CA ALA D 214 -37.03 -10.64 15.43
C ALA D 214 -36.63 -9.27 15.97
N ALA D 215 -37.51 -8.29 15.72
CA ALA D 215 -37.41 -6.98 16.36
C ALA D 215 -38.26 -7.08 17.62
N VAL D 216 -37.64 -7.52 18.70
CA VAL D 216 -38.37 -7.70 19.96
C VAL D 216 -38.68 -6.34 20.55
N ASP D 217 -39.94 -6.12 20.93
CA ASP D 217 -40.34 -4.82 21.43
C ASP D 217 -40.45 -4.78 22.95
N LEU D 218 -39.75 -5.69 23.64
CA LEU D 218 -39.56 -5.59 25.09
C LEU D 218 -38.95 -4.24 25.41
N PRO D 219 -39.23 -3.69 26.60
CA PRO D 219 -38.64 -2.40 26.98
C PRO D 219 -37.13 -2.49 27.10
N ALA D 220 -36.48 -1.33 27.03
CA ALA D 220 -35.02 -1.29 27.12
C ALA D 220 -34.53 -1.85 28.45
N VAL D 221 -35.24 -1.57 29.52
CA VAL D 221 -34.91 -2.03 30.86
C VAL D 221 -36.16 -2.63 31.48
N SER D 222 -36.01 -3.76 32.15
CA SER D 222 -37.11 -4.34 32.91
C SER D 222 -37.31 -3.56 34.21
N GLU D 223 -38.34 -3.94 34.95
CA GLU D 223 -38.61 -3.32 36.25
C GLU D 223 -37.45 -3.55 37.22
N LYS D 224 -36.91 -4.77 37.24
CA LYS D 224 -35.75 -5.05 38.07
C LYS D 224 -34.52 -4.27 37.61
N ASP D 225 -34.33 -4.13 36.29
CA ASP D 225 -33.24 -3.31 35.79
C ASP D 225 -33.31 -1.90 36.34
N ILE D 226 -34.52 -1.32 36.37
CA ILE D 226 -34.68 0.03 36.93
C ILE D 226 -34.23 0.08 38.37
N GLN D 227 -34.64 -0.90 39.18
CA GLN D 227 -34.19 -0.94 40.58
C GLN D 227 -32.68 -1.10 40.65
N ASP D 228 -32.11 -1.92 39.76
CA ASP D 228 -30.68 -2.19 39.84
C ASP D 228 -29.87 -0.99 39.38
N LEU D 229 -30.28 -0.32 38.29
CA LEU D 229 -29.61 0.91 37.87
C LEU D 229 -29.61 1.95 38.98
N LYS D 230 -30.79 2.24 39.56
CA LYS D 230 -30.85 3.20 40.67
C LYS D 230 -29.89 2.82 41.78
N PHE D 231 -29.88 1.53 42.14
CA PHE D 231 -28.89 1.00 43.08
C PHE D 231 -27.47 1.33 42.65
N GLY D 232 -27.18 1.17 41.36
CA GLY D 232 -25.83 1.44 40.89
C GLY D 232 -25.42 2.88 41.11
N VAL D 233 -26.34 3.82 40.89
CA VAL D 233 -26.06 5.22 41.21
C VAL D 233 -25.76 5.37 42.69
N GLU D 234 -26.62 4.81 43.54
CA GLU D 234 -26.42 4.93 44.99
C GLU D 234 -25.07 4.39 45.41
N GLN D 235 -24.61 3.31 44.76
CA GLN D 235 -23.35 2.67 45.09
C GLN D 235 -22.14 3.29 44.39
N ASP D 236 -22.35 4.35 43.59
CA ASP D 236 -21.26 5.07 42.93
C ASP D 236 -20.49 4.20 41.94
N VAL D 237 -21.20 3.36 41.17
CA VAL D 237 -20.46 2.53 40.21
C VAL D 237 -19.88 3.42 39.11
N ASP D 238 -18.87 2.88 38.42
CA ASP D 238 -18.20 3.63 37.36
C ASP D 238 -18.82 3.40 35.99
N MET D 239 -19.53 2.29 35.81
CA MET D 239 -20.04 1.95 34.49
C MET D 239 -21.14 0.92 34.63
N VAL D 240 -21.96 0.84 33.59
CA VAL D 240 -23.06 -0.11 33.50
C VAL D 240 -22.89 -0.90 32.21
N PHE D 241 -23.00 -2.21 32.30
CA PHE D 241 -23.05 -3.07 31.12
C PHE D 241 -24.54 -3.33 30.88
N ALA D 242 -25.09 -2.66 29.88
CA ALA D 242 -26.54 -2.69 29.62
C ALA D 242 -26.89 -3.85 28.68
N SER D 243 -27.79 -4.71 29.13
CA SER D 243 -28.10 -5.94 28.39
C SER D 243 -29.03 -5.67 27.21
N PHE D 244 -28.87 -6.50 26.17
CA PHE D 244 -29.89 -6.67 25.13
C PHE D 244 -30.18 -5.36 24.41
N ILE D 245 -29.13 -4.58 24.14
CA ILE D 245 -29.31 -3.31 23.46
C ILE D 245 -29.59 -3.59 21.99
N ARG D 246 -30.71 -3.11 21.51
CA ARG D 246 -31.14 -3.38 20.15
C ARG D 246 -31.10 -2.15 19.25
N LYS D 247 -31.08 -0.94 19.83
CA LYS D 247 -31.23 0.28 19.05
C LYS D 247 -30.83 1.46 19.92
N ALA D 248 -30.59 2.60 19.28
CA ALA D 248 -30.15 3.78 20.03
C ALA D 248 -31.16 4.17 21.11
N ALA D 249 -32.45 4.04 20.81
CA ALA D 249 -33.46 4.40 21.81
C ALA D 249 -33.29 3.60 23.09
N ASP D 250 -32.87 2.32 23.00
CA ASP D 250 -32.61 1.56 24.21
C ASP D 250 -31.51 2.22 25.04
N VAL D 251 -30.40 2.61 24.39
CA VAL D 251 -29.33 3.32 25.10
C VAL D 251 -29.86 4.59 25.76
N HIS D 252 -30.65 5.36 25.01
CA HIS D 252 -31.16 6.62 25.55
C HIS D 252 -32.02 6.37 26.78
N GLU D 253 -32.80 5.28 26.77
CA GLU D 253 -33.62 4.96 27.94
C GLU D 253 -32.76 4.63 29.15
N VAL D 254 -31.62 3.96 28.94
CA VAL D 254 -30.73 3.66 30.05
C VAL D 254 -30.11 4.94 30.59
N ARG D 255 -29.64 5.80 29.68
CA ARG D 255 -29.09 7.10 30.09
C ARG D 255 -30.11 7.90 30.89
N LYS D 256 -31.38 7.87 30.48
CA LYS D 256 -32.39 8.67 31.18
C LYS D 256 -32.67 8.10 32.57
N ILE D 257 -32.68 6.79 32.71
CA ILE D 257 -32.88 6.21 34.03
C ILE D 257 -31.72 6.55 34.95
N LEU D 258 -30.48 6.49 34.44
CA LEU D 258 -29.35 6.92 35.25
C LEU D 258 -29.49 8.39 35.63
N GLY D 259 -30.19 9.17 34.81
CA GLY D 259 -30.51 10.54 35.13
C GLY D 259 -29.33 11.46 35.35
N GLU D 260 -29.66 12.62 35.94
CA GLU D 260 -28.67 13.65 36.22
C GLU D 260 -27.62 13.15 37.20
N LYS D 261 -28.05 12.49 38.27
CA LYS D 261 -27.13 11.96 39.26
C LYS D 261 -26.14 10.97 38.65
N GLY D 262 -26.54 10.27 37.59
CA GLY D 262 -25.69 9.27 37.01
C GLY D 262 -25.10 9.67 35.67
N LYS D 263 -25.08 10.97 35.39
CA LYS D 263 -24.67 11.41 34.06
C LYS D 263 -23.21 11.07 33.75
N ASN D 264 -22.38 10.85 34.76
CA ASN D 264 -20.97 10.53 34.54
C ASN D 264 -20.69 9.04 34.46
N ILE D 265 -21.69 8.19 34.73
CA ILE D 265 -21.52 6.74 34.63
C ILE D 265 -21.50 6.34 33.16
N LYS D 266 -20.45 5.63 32.73
CA LYS D 266 -20.32 5.19 31.34
C LYS D 266 -21.28 4.03 31.04
N ILE D 267 -21.97 4.11 29.90
CA ILE D 267 -22.88 3.06 29.45
C ILE D 267 -22.20 2.21 28.38
N ILE D 268 -22.01 0.92 28.69
CA ILE D 268 -21.46 -0.05 27.76
C ILE D 268 -22.61 -0.90 27.25
N SER D 269 -22.89 -0.82 25.95
CA SER D 269 -23.99 -1.58 25.38
C SER D 269 -23.56 -3.00 25.09
N LYS D 270 -24.38 -3.96 25.49
CA LYS D 270 -24.13 -5.37 25.19
C LYS D 270 -24.86 -5.73 23.89
N ILE D 271 -24.10 -6.12 22.89
CA ILE D 271 -24.69 -6.59 21.64
C ILE D 271 -24.94 -8.08 21.79
N GLU D 272 -26.19 -8.49 21.61
CA GLU D 272 -26.64 -9.84 21.94
C GLU D 272 -27.52 -10.49 20.90
N ASN D 273 -27.92 -9.82 19.83
CA ASN D 273 -28.83 -10.47 18.91
C ASN D 273 -28.70 -9.83 17.54
N HIS D 274 -29.47 -10.37 16.58
CA HIS D 274 -29.44 -9.90 15.19
C HIS D 274 -29.68 -8.40 15.09
N GLU D 275 -30.74 -7.91 15.74
CA GLU D 275 -31.08 -6.48 15.58
C GLU D 275 -29.94 -5.60 16.07
N GLY D 276 -29.39 -5.91 17.25
CA GLY D 276 -28.27 -5.12 17.75
C GLY D 276 -27.09 -5.12 16.79
N VAL D 277 -26.82 -6.25 16.14
CA VAL D 277 -25.75 -6.28 15.16
C VAL D 277 -26.10 -5.41 13.97
N ARG D 278 -27.34 -5.54 13.48
CA ARG D 278 -27.75 -4.81 12.29
C ARG D 278 -27.81 -3.32 12.53
N ARG D 279 -28.18 -2.90 13.72
CA ARG D 279 -28.26 -1.47 14.01
C ARG D 279 -27.06 -0.99 14.80
N PHE D 280 -25.93 -1.66 14.62
CA PHE D 280 -24.79 -1.42 15.49
C PHE D 280 -24.32 0.03 15.41
N ASP D 281 -24.35 0.63 14.22
CA ASP D 281 -23.79 1.97 14.05
C ASP D 281 -24.51 2.98 14.93
N GLU D 282 -25.85 2.96 14.93
CA GLU D 282 -26.59 3.91 15.77
C GLU D 282 -26.41 3.59 17.24
N ILE D 283 -26.16 2.32 17.58
CA ILE D 283 -25.91 1.96 18.98
C ILE D 283 -24.56 2.49 19.42
N LEU D 284 -23.53 2.30 18.58
CA LEU D 284 -22.20 2.78 18.94
C LEU D 284 -22.22 4.28 19.18
N GLU D 285 -22.88 5.02 18.27
CA GLU D 285 -22.92 6.47 18.39
C GLU D 285 -23.52 6.90 19.74
N ALA D 286 -24.57 6.21 20.19
CA ALA D 286 -25.26 6.60 21.42
C ALA D 286 -24.55 6.13 22.70
N SER D 287 -23.66 5.15 22.62
CA SER D 287 -23.08 4.53 23.80
C SER D 287 -21.70 5.08 24.10
N ASP D 288 -21.25 4.84 25.33
CA ASP D 288 -19.87 5.14 25.70
C ASP D 288 -18.92 4.00 25.37
N GLY D 289 -19.43 2.80 25.18
CA GLY D 289 -18.61 1.65 24.82
C GLY D 289 -19.49 0.47 24.50
N ILE D 290 -18.85 -0.63 24.13
CA ILE D 290 -19.54 -1.81 23.63
C ILE D 290 -18.98 -3.05 24.32
N MET D 291 -19.85 -4.00 24.59
CA MET D 291 -19.44 -5.36 24.94
C MET D 291 -19.95 -6.32 23.88
N VAL D 292 -19.04 -7.12 23.31
CA VAL D 292 -19.42 -8.26 22.49
C VAL D 292 -19.80 -9.38 23.44
N ALA D 293 -21.11 -9.54 23.67
CA ALA D 293 -21.62 -10.56 24.61
C ALA D 293 -21.82 -11.85 23.85
N ARG D 294 -20.69 -12.53 23.59
CA ARG D 294 -20.65 -13.68 22.67
C ARG D 294 -21.57 -14.82 23.11
N GLY D 295 -21.74 -15.02 24.42
CA GLY D 295 -22.57 -16.13 24.87
C GLY D 295 -23.99 -16.04 24.36
N ASP D 296 -24.69 -14.98 24.78
CA ASP D 296 -26.05 -14.79 24.32
C ASP D 296 -26.11 -14.56 22.81
N LEU D 297 -25.09 -13.89 22.25
CA LEU D 297 -25.08 -13.65 20.81
C LEU D 297 -25.10 -14.96 20.04
N GLY D 298 -24.36 -15.96 20.51
CA GLY D 298 -24.34 -17.26 19.86
C GLY D 298 -25.51 -18.16 20.19
N ILE D 299 -26.43 -17.72 21.05
CA ILE D 299 -27.71 -18.40 21.16
C ILE D 299 -28.68 -17.85 20.11
N GLU D 300 -28.54 -16.57 19.76
CA GLU D 300 -29.47 -15.86 18.87
C GLU D 300 -29.11 -16.05 17.41
N ILE D 301 -27.83 -15.89 17.08
CA ILE D 301 -27.35 -16.06 15.71
C ILE D 301 -26.59 -17.39 15.63
N PRO D 302 -26.33 -17.91 14.44
CA PRO D 302 -25.54 -19.15 14.34
C PRO D 302 -24.17 -18.98 14.98
N ALA D 303 -23.82 -19.91 15.87
CA ALA D 303 -22.57 -19.81 16.60
C ALA D 303 -21.37 -19.66 15.69
N GLU D 304 -21.38 -20.33 14.53
CA GLU D 304 -20.26 -20.21 13.61
C GLU D 304 -20.11 -18.82 13.01
N LYS D 305 -21.03 -17.90 13.30
CA LYS D 305 -20.91 -16.53 12.81
C LYS D 305 -20.46 -15.55 13.89
N VAL D 306 -20.34 -16.00 15.15
CA VAL D 306 -20.05 -15.05 16.21
C VAL D 306 -18.75 -14.31 15.94
N PHE D 307 -17.75 -14.98 15.32
CA PHE D 307 -16.47 -14.31 15.12
C PHE D 307 -16.59 -13.18 14.08
N LEU D 308 -17.51 -13.30 13.13
CA LEU D 308 -17.75 -12.19 12.20
C LEU D 308 -18.19 -10.95 12.95
N ALA D 309 -19.19 -11.09 13.82
CA ALA D 309 -19.71 -9.94 14.56
C ALA D 309 -18.67 -9.41 15.52
N GLN D 310 -17.90 -10.30 16.15
CA GLN D 310 -16.82 -9.85 17.01
C GLN D 310 -15.83 -8.97 16.25
N LYS D 311 -15.36 -9.42 15.08
CA LYS D 311 -14.34 -8.65 14.40
C LYS D 311 -14.92 -7.37 13.81
N MET D 312 -16.18 -7.39 13.36
CA MET D 312 -16.81 -6.18 12.86
C MET D 312 -17.01 -5.17 13.99
N ILE D 313 -17.40 -5.64 15.16
CA ILE D 313 -17.69 -4.71 16.25
C ILE D 313 -16.39 -4.13 16.81
N ILE D 314 -15.36 -4.95 16.98
CA ILE D 314 -14.10 -4.41 17.49
C ILE D 314 -13.52 -3.40 16.49
N GLY D 315 -13.55 -3.74 15.20
CA GLY D 315 -13.04 -2.81 14.19
C GLY D 315 -13.76 -1.48 14.21
N ARG D 316 -15.10 -1.50 14.26
CA ARG D 316 -15.85 -0.25 14.22
C ARG D 316 -15.69 0.56 15.51
N CYS D 317 -15.60 -0.09 16.66
CA CYS D 317 -15.29 0.64 17.90
C CYS D 317 -13.90 1.26 17.85
N ASN D 318 -12.89 0.50 17.39
CA ASN D 318 -11.55 1.04 17.23
C ASN D 318 -11.55 2.28 16.35
N ARG D 319 -12.26 2.19 15.21
CA ARG D 319 -12.43 3.33 14.32
C ARG D 319 -12.93 4.57 15.06
N ALA D 320 -13.93 4.40 15.91
CA ALA D 320 -14.53 5.52 16.63
C ALA D 320 -13.75 5.97 17.86
N GLY D 321 -12.79 5.15 18.33
CA GLY D 321 -12.19 5.41 19.62
C GLY D 321 -13.07 5.07 20.81
N LYS D 322 -14.04 4.25 20.63
CA LYS D 322 -14.80 3.94 21.82
C LYS D 322 -14.43 2.55 22.34
N PRO D 323 -14.44 2.38 23.66
CA PRO D 323 -14.00 1.10 24.26
C PRO D 323 -14.87 -0.08 23.84
N VAL D 324 -14.23 -1.22 23.62
CA VAL D 324 -14.94 -2.45 23.30
C VAL D 324 -14.39 -3.59 24.15
N ILE D 325 -15.28 -4.38 24.71
CA ILE D 325 -14.97 -5.51 25.59
C ILE D 325 -15.30 -6.81 24.88
N CYS D 326 -14.39 -7.77 24.92
CA CYS D 326 -14.68 -9.12 24.42
C CYS D 326 -15.00 -10.02 25.61
N ALA D 327 -16.17 -10.64 25.60
CA ALA D 327 -16.63 -11.37 26.77
C ALA D 327 -16.99 -12.81 26.44
N THR D 328 -16.88 -13.66 27.48
CA THR D 328 -17.59 -14.93 27.59
C THR D 328 -16.79 -16.15 27.17
N GLN D 329 -16.50 -17.02 28.14
CA GLN D 329 -15.87 -18.33 27.94
C GLN D 329 -14.48 -18.23 27.36
N MET D 330 -13.80 -17.11 27.58
CA MET D 330 -12.43 -16.97 27.08
C MET D 330 -11.50 -17.99 27.70
N LEU D 331 -11.66 -18.29 28.99
CA LEU D 331 -10.83 -19.29 29.67
C LEU D 331 -11.71 -20.30 30.41
N GLU D 332 -12.80 -20.70 29.75
CA GLU D 332 -13.88 -21.43 30.41
C GLU D 332 -13.38 -22.66 31.17
N SER D 333 -12.50 -23.46 30.56
CA SER D 333 -12.04 -24.68 31.22
C SER D 333 -11.27 -24.41 32.51
N MET D 334 -10.82 -23.19 32.75
CA MET D 334 -10.12 -22.93 34.00
C MET D 334 -11.06 -22.85 35.20
N ILE D 335 -12.38 -22.93 34.97
CA ILE D 335 -13.31 -23.06 36.08
C ILE D 335 -12.95 -24.29 36.91
N LYS D 336 -12.55 -25.37 36.25
CA LYS D 336 -12.20 -26.61 36.93
C LYS D 336 -10.73 -27.02 36.79
N LYS D 337 -9.94 -26.31 35.99
CA LYS D 337 -8.55 -26.71 35.78
C LYS D 337 -7.62 -25.51 35.88
N PRO D 338 -6.41 -25.71 36.39
CA PRO D 338 -5.47 -24.58 36.60
C PRO D 338 -4.76 -24.12 35.34
N ARG D 339 -4.95 -24.78 34.20
CA ARG D 339 -4.39 -24.34 32.93
C ARG D 339 -5.46 -24.35 31.87
N PRO D 340 -5.41 -23.43 30.91
CA PRO D 340 -6.43 -23.37 29.87
C PRO D 340 -6.10 -24.31 28.71
N THR D 341 -7.07 -24.48 27.82
CA THR D 341 -6.81 -25.22 26.60
C THR D 341 -6.09 -24.34 25.57
N ARG D 342 -5.63 -24.98 24.49
CA ARG D 342 -4.97 -24.24 23.43
C ARG D 342 -5.94 -23.31 22.73
N ALA D 343 -7.18 -23.76 22.50
CA ALA D 343 -8.18 -22.88 21.91
C ALA D 343 -8.40 -21.65 22.76
N GLU D 344 -8.39 -21.81 24.09
CA GLU D 344 -8.64 -20.66 24.96
C GLU D 344 -7.50 -19.67 24.92
N GLY D 345 -6.24 -20.14 25.00
CA GLY D 345 -5.12 -19.23 24.79
C GLY D 345 -5.20 -18.51 23.46
N SER D 346 -5.55 -19.23 22.40
CA SER D 346 -5.72 -18.63 21.09
C SER D 346 -6.82 -17.57 21.09
N ASP D 347 -7.96 -17.86 21.72
CA ASP D 347 -9.08 -16.92 21.71
C ASP D 347 -8.68 -15.61 22.37
N VAL D 348 -7.98 -15.67 23.50
CA VAL D 348 -7.56 -14.46 24.19
C VAL D 348 -6.58 -13.68 23.32
N ALA D 349 -5.60 -14.37 22.74
CA ALA D 349 -4.61 -13.67 21.91
C ALA D 349 -5.27 -13.01 20.71
N ASN D 350 -6.19 -13.72 20.06
CA ASN D 350 -6.83 -13.13 18.89
C ASN D 350 -7.77 -11.98 19.28
N ALA D 351 -8.35 -11.99 20.48
CA ALA D 351 -9.17 -10.85 20.89
C ALA D 351 -8.31 -9.60 21.00
N VAL D 352 -7.10 -9.75 21.56
CA VAL D 352 -6.18 -8.61 21.67
C VAL D 352 -5.69 -8.19 20.30
N LEU D 353 -5.35 -9.14 19.42
CA LEU D 353 -4.94 -8.80 18.07
C LEU D 353 -6.05 -8.12 17.29
N ASP D 354 -7.30 -8.57 17.47
CA ASP D 354 -8.42 -7.91 16.78
C ASP D 354 -8.52 -6.44 17.16
N GLY D 355 -8.18 -6.09 18.41
CA GLY D 355 -8.18 -4.72 18.88
C GLY D 355 -9.00 -4.47 20.14
N ALA D 356 -9.39 -5.53 20.85
CA ALA D 356 -10.23 -5.34 22.03
C ALA D 356 -9.53 -4.46 23.07
N ASP D 357 -10.28 -3.53 23.65
CA ASP D 357 -9.72 -2.71 24.73
C ASP D 357 -9.62 -3.52 26.02
N CYS D 358 -10.63 -4.31 26.32
CA CYS D 358 -10.67 -5.10 27.53
C CYS D 358 -11.10 -6.52 27.20
N ILE D 359 -10.64 -7.46 28.01
CA ILE D 359 -11.10 -8.83 27.95
C ILE D 359 -11.71 -9.15 29.31
N MET D 360 -12.61 -10.13 29.32
CA MET D 360 -13.43 -10.38 30.49
C MET D 360 -13.36 -11.85 30.91
N LEU D 361 -13.53 -12.06 32.22
CA LEU D 361 -13.70 -13.37 32.84
C LEU D 361 -15.04 -13.40 33.58
N SER D 362 -15.81 -14.49 33.41
CA SER D 362 -17.12 -14.60 34.01
C SER D 362 -17.07 -15.70 35.06
N GLY D 363 -17.54 -16.91 34.77
CA GLY D 363 -17.47 -17.97 35.76
C GLY D 363 -16.05 -18.28 36.20
N GLU D 364 -15.07 -18.02 35.34
CA GLU D 364 -13.67 -18.27 35.68
C GLU D 364 -13.27 -17.60 37.00
N THR D 365 -13.81 -16.42 37.28
CA THR D 365 -13.50 -15.74 38.53
C THR D 365 -14.68 -15.66 39.50
N ALA D 366 -15.92 -15.75 39.01
CA ALA D 366 -17.06 -15.64 39.91
C ALA D 366 -17.20 -16.88 40.78
N LYS D 367 -16.99 -18.07 40.19
CA LYS D 367 -17.29 -19.31 40.91
C LYS D 367 -16.28 -20.43 40.72
N GLY D 368 -15.24 -20.25 39.88
CA GLY D 368 -14.35 -21.35 39.56
C GLY D 368 -13.37 -21.67 40.66
N ASP D 369 -12.65 -22.78 40.47
CA ASP D 369 -11.65 -23.19 41.46
C ASP D 369 -10.32 -22.45 41.34
N TYR D 370 -10.07 -21.70 40.26
CA TYR D 370 -8.75 -21.11 40.01
C TYR D 370 -8.91 -19.68 39.52
N PRO D 371 -9.53 -18.81 40.33
CA PRO D 371 -9.73 -17.43 39.88
C PRO D 371 -8.43 -16.68 39.70
N LEU D 372 -7.46 -16.87 40.60
CA LEU D 372 -6.19 -16.15 40.48
C LEU D 372 -5.45 -16.59 39.21
N GLU D 373 -5.35 -17.89 38.99
CA GLU D 373 -4.68 -18.40 37.80
C GLU D 373 -5.32 -17.86 36.52
N ALA D 374 -6.65 -17.75 36.49
CA ALA D 374 -7.31 -17.28 35.27
C ALA D 374 -6.95 -15.82 35.00
N VAL D 375 -6.93 -14.99 36.05
CA VAL D 375 -6.50 -13.60 35.90
C VAL D 375 -5.06 -13.55 35.42
N ARG D 376 -4.17 -14.30 36.08
CA ARG D 376 -2.76 -14.32 35.71
C ARG D 376 -2.56 -14.75 34.27
N MET D 377 -3.39 -15.69 33.79
CA MET D 377 -3.20 -16.17 32.41
C MET D 377 -3.62 -15.11 31.39
N GLN D 378 -4.70 -14.37 31.68
CA GLN D 378 -5.07 -13.30 30.76
C GLN D 378 -3.99 -12.23 30.71
N HIS D 379 -3.38 -11.96 31.87
CA HIS D 379 -2.28 -11.01 31.91
C HIS D 379 -1.13 -11.44 31.00
N LEU D 380 -0.67 -12.69 31.15
CA LEU D 380 0.45 -13.20 30.36
C LEU D 380 0.12 -13.17 28.87
N ILE D 381 -1.07 -13.64 28.50
CA ILE D 381 -1.41 -13.72 27.09
C ILE D 381 -1.52 -12.32 26.50
N ALA D 382 -2.22 -11.44 27.19
CA ALA D 382 -2.44 -10.08 26.67
C ALA D 382 -1.11 -9.44 26.29
N ARG D 383 -0.11 -9.57 27.17
CA ARG D 383 1.18 -8.91 26.97
C ARG D 383 1.86 -9.43 25.70
N GLU D 384 1.82 -10.75 25.47
CA GLU D 384 2.40 -11.35 24.27
C GLU D 384 1.69 -10.84 23.01
N ALA D 385 0.37 -10.81 23.04
CA ALA D 385 -0.40 -10.43 21.86
C ALA D 385 -0.24 -8.94 21.56
N GLU D 386 -0.15 -8.10 22.60
CA GLU D 386 0.04 -6.68 22.37
C GLU D 386 1.29 -6.41 21.54
N ALA D 387 2.38 -7.13 21.81
CA ALA D 387 3.59 -6.95 21.01
C ALA D 387 3.37 -7.39 19.57
N ALA D 388 2.54 -8.41 19.35
CA ALA D 388 2.35 -9.04 18.05
C ALA D 388 1.46 -8.24 17.12
N MET D 389 0.85 -7.16 17.59
CA MET D 389 0.10 -6.32 16.67
C MET D 389 1.03 -5.70 15.64
N PHE D 390 0.45 -5.32 14.50
CA PHE D 390 1.20 -4.68 13.41
C PHE D 390 0.93 -3.18 13.49
N HIS D 391 1.61 -2.52 14.44
CA HIS D 391 1.28 -1.16 14.82
C HIS D 391 1.39 -0.18 13.64
N ARG D 392 2.46 -0.27 12.86
CA ARG D 392 2.61 0.69 11.75
C ARG D 392 1.37 0.66 10.87
N LYS D 393 0.93 -0.54 10.48
CA LYS D 393 -0.21 -0.66 9.60
C LYS D 393 -1.51 -0.28 10.31
N LEU D 394 -1.66 -0.69 11.58
CA LEU D 394 -2.85 -0.32 12.34
C LEU D 394 -2.97 1.19 12.44
N PHE D 395 -1.86 1.87 12.74
CA PHE D 395 -1.89 3.33 12.84
C PHE D 395 -2.33 3.96 11.52
N GLU D 396 -1.71 3.56 10.40
CA GLU D 396 -2.06 4.12 9.10
C GLU D 396 -3.55 3.94 8.81
N GLU D 397 -4.10 2.77 9.14
CA GLU D 397 -5.48 2.50 8.78
C GLU D 397 -6.44 3.25 9.67
N LEU D 398 -6.11 3.36 10.97
CA LEU D 398 -6.92 4.19 11.88
C LEU D 398 -6.91 5.64 11.44
N ALA D 399 -5.73 6.14 11.03
CA ALA D 399 -5.64 7.51 10.53
C ALA D 399 -6.43 7.69 9.24
N ARG D 400 -6.41 6.68 8.39
CA ARG D 400 -7.20 6.74 7.16
C ARG D 400 -8.69 6.74 7.46
N ALA D 401 -9.13 5.89 8.39
CA ALA D 401 -10.56 5.81 8.70
C ALA D 401 -11.11 7.09 9.31
N SER D 402 -10.28 7.92 9.94
CA SER D 402 -10.79 9.11 10.61
C SER D 402 -10.40 10.40 9.91
N SER D 403 -9.83 10.30 8.71
CA SER D 403 -9.25 11.48 8.05
C SER D 403 -10.27 12.58 7.81
N HIS D 404 -11.55 12.24 7.79
CA HIS D 404 -12.60 13.25 7.70
C HIS D 404 -12.50 14.28 8.83
N SER D 405 -11.99 13.87 9.99
CA SER D 405 -11.91 14.74 11.15
C SER D 405 -10.60 15.50 11.16
N THR D 406 -10.67 16.79 11.49
CA THR D 406 -9.50 17.64 11.67
C THR D 406 -9.31 18.05 13.11
N ASP D 407 -9.93 17.32 14.04
CA ASP D 407 -9.94 17.68 15.46
C ASP D 407 -8.53 17.89 15.99
N LEU D 408 -8.37 18.92 16.83
CA LEU D 408 -7.03 19.31 17.29
C LEU D 408 -6.44 18.30 18.26
N MET D 409 -7.26 17.74 19.17
CA MET D 409 -6.72 16.76 20.09
C MET D 409 -6.32 15.48 19.38
N GLU D 410 -7.11 15.06 18.37
CA GLU D 410 -6.71 13.94 17.53
C GLU D 410 -5.35 14.20 16.87
N ALA D 411 -5.12 15.43 16.42
CA ALA D 411 -3.84 15.75 15.78
C ALA D 411 -2.69 15.64 16.77
N MET D 412 -2.91 16.10 18.01
CA MET D 412 -1.90 15.94 19.04
C MET D 412 -1.66 14.47 19.34
N ALA D 413 -2.74 13.68 19.39
CA ALA D 413 -2.59 12.26 19.65
C ALA D 413 -1.81 11.57 18.54
N MET D 414 -2.26 11.75 17.30
CA MET D 414 -1.54 11.15 16.18
C MET D 414 -0.08 11.59 16.15
N GLY D 415 0.17 12.88 16.36
CA GLY D 415 1.56 13.35 16.37
C GLY D 415 2.38 12.73 17.48
N SER D 416 1.77 12.59 18.67
CA SER D 416 2.49 12.00 19.80
C SER D 416 2.72 10.51 19.60
N VAL D 417 1.70 9.78 19.11
CA VAL D 417 1.88 8.35 18.87
C VAL D 417 2.91 8.14 17.77
N GLU D 418 2.84 8.95 16.71
CA GLU D 418 3.84 8.89 15.64
C GLU D 418 5.24 9.12 16.18
N ALA D 419 5.40 10.11 17.07
CA ALA D 419 6.72 10.35 17.64
C ALA D 419 7.17 9.20 18.55
N SER D 420 6.22 8.59 19.28
CA SER D 420 6.58 7.47 20.14
C SER D 420 7.06 6.27 19.32
N TYR D 421 6.50 6.06 18.13
CA TYR D 421 6.99 5.01 17.25
C TYR D 421 8.40 5.32 16.78
N LYS D 422 8.64 6.57 16.34
CA LYS D 422 9.90 6.91 15.71
C LYS D 422 11.07 6.74 16.66
N CYS D 423 10.93 7.18 17.91
CA CYS D 423 12.04 7.13 18.86
C CYS D 423 11.87 6.01 19.87
N LEU D 424 10.89 5.13 19.69
CA LEU D 424 10.72 3.99 20.59
C LEU D 424 10.62 4.46 22.04
N ALA D 425 9.83 5.50 22.26
CA ALA D 425 9.65 6.02 23.60
C ALA D 425 9.18 4.91 24.55
N ALA D 426 9.64 4.97 25.81
CA ALA D 426 9.20 3.97 26.77
C ALA D 426 7.76 4.18 27.22
N ALA D 427 7.17 5.34 26.98
CA ALA D 427 5.80 5.59 27.43
C ALA D 427 5.38 6.99 26.98
N LEU D 428 4.07 7.22 27.01
CA LEU D 428 3.48 8.55 26.88
C LEU D 428 2.85 8.92 28.20
N ILE D 429 3.13 10.13 28.68
CA ILE D 429 2.54 10.66 29.90
C ILE D 429 1.54 11.71 29.52
N VAL D 430 0.32 11.61 30.06
CA VAL D 430 -0.76 12.50 29.71
C VAL D 430 -1.37 13.05 30.99
N LEU D 431 -1.37 14.37 31.12
CA LEU D 431 -2.07 15.05 32.20
C LEU D 431 -3.47 15.39 31.74
N THR D 432 -4.47 14.86 32.43
CA THR D 432 -5.83 15.01 31.97
C THR D 432 -6.77 14.91 33.17
N GLU D 433 -7.81 15.73 33.18
CA GLU D 433 -8.80 15.66 34.25
C GLU D 433 -10.05 14.90 33.85
N SER D 434 -10.58 15.12 32.64
CA SER D 434 -11.69 14.33 32.11
C SER D 434 -11.25 13.01 31.48
N GLY D 435 -9.95 12.85 31.20
CA GLY D 435 -9.43 11.71 30.48
C GLY D 435 -9.46 11.88 28.97
N ARG D 436 -10.16 12.90 28.47
CA ARG D 436 -10.38 13.07 27.04
C ARG D 436 -9.08 12.92 26.25
N SER D 437 -8.03 13.63 26.67
CA SER D 437 -6.79 13.64 25.89
C SER D 437 -6.15 12.25 25.89
N ALA D 438 -6.20 11.55 27.01
CA ALA D 438 -5.65 10.20 27.08
C ALA D 438 -6.45 9.25 26.21
N HIS D 439 -7.78 9.40 26.17
CA HIS D 439 -8.60 8.55 25.32
C HIS D 439 -8.20 8.70 23.85
N GLN D 440 -7.85 9.91 23.42
CA GLN D 440 -7.51 10.10 22.01
C GLN D 440 -6.13 9.50 21.70
N VAL D 441 -5.19 9.58 22.64
CA VAL D 441 -3.91 8.89 22.47
C VAL D 441 -4.14 7.38 22.35
N ALA D 442 -4.93 6.81 23.26
CA ALA D 442 -5.18 5.38 23.22
C ALA D 442 -5.82 4.96 21.91
N ARG D 443 -6.71 5.81 21.38
CA ARG D 443 -7.41 5.51 20.14
C ARG D 443 -6.43 5.22 19.00
N TYR D 444 -5.28 5.88 18.97
CA TYR D 444 -4.34 5.67 17.88
C TYR D 444 -3.27 4.64 18.20
N ARG D 445 -3.43 3.91 19.31
CA ARG D 445 -2.80 2.62 19.55
C ARG D 445 -1.27 2.68 19.56
N PRO D 446 -0.68 3.43 20.50
CA PRO D 446 0.77 3.32 20.68
C PRO D 446 1.14 1.93 21.17
N ARG D 447 2.40 1.58 20.95
CA ARG D 447 2.97 0.38 21.53
C ARG D 447 3.27 0.59 23.02
N ALA D 448 3.71 1.78 23.41
CA ALA D 448 4.14 2.06 24.77
C ALA D 448 2.95 2.39 25.68
N PRO D 449 3.07 2.11 26.97
CA PRO D 449 1.97 2.43 27.88
C PRO D 449 1.72 3.93 27.95
N ILE D 450 0.47 4.29 28.21
CA ILE D 450 0.04 5.66 28.42
C ILE D 450 -0.18 5.86 29.92
N ILE D 451 0.67 6.64 30.56
CA ILE D 451 0.50 6.94 31.98
C ILE D 451 -0.31 8.23 32.07
N ALA D 452 -1.57 8.10 32.48
CA ALA D 452 -2.48 9.23 32.59
C ALA D 452 -2.59 9.65 34.05
N VAL D 453 -2.16 10.87 34.34
CA VAL D 453 -2.19 11.43 35.69
C VAL D 453 -3.37 12.37 35.78
N THR D 454 -4.24 12.12 36.75
CA THR D 454 -5.47 12.88 36.92
C THR D 454 -5.72 13.08 38.41
N ARG D 455 -6.38 14.18 38.76
CA ARG D 455 -6.87 14.39 40.11
C ARG D 455 -8.31 13.93 40.26
N ASN D 456 -8.94 13.46 39.18
CA ASN D 456 -10.33 13.02 39.19
C ASN D 456 -10.35 11.51 39.35
N HIS D 457 -10.80 11.03 40.52
CA HIS D 457 -10.69 9.62 40.84
C HIS D 457 -11.56 8.77 39.92
N GLN D 458 -12.74 9.28 39.57
CA GLN D 458 -13.61 8.52 38.67
C GLN D 458 -13.00 8.42 37.28
N THR D 459 -12.41 9.52 36.79
CA THR D 459 -11.66 9.48 35.54
C THR D 459 -10.60 8.38 35.58
N ALA D 460 -9.87 8.28 36.70
CA ALA D 460 -8.86 7.24 36.81
C ALA D 460 -9.47 5.85 36.72
N ARG D 461 -10.62 5.64 37.38
CA ARG D 461 -11.21 4.30 37.38
C ARG D 461 -11.77 3.93 36.02
N GLN D 462 -12.39 4.89 35.33
CA GLN D 462 -12.98 4.62 34.03
C GLN D 462 -11.93 4.48 32.94
N ALA D 463 -10.71 4.99 33.17
CA ALA D 463 -9.65 4.88 32.17
C ALA D 463 -9.28 3.43 31.85
N HIS D 464 -9.56 2.49 32.75
CA HIS D 464 -9.26 1.09 32.46
C HIS D 464 -10.01 0.57 31.23
N LEU D 465 -11.06 1.25 30.78
CA LEU D 465 -11.77 0.79 29.59
C LEU D 465 -10.98 0.98 28.31
N TYR D 466 -9.91 1.77 28.32
CA TYR D 466 -9.20 2.17 27.11
C TYR D 466 -7.86 1.45 27.06
N ARG D 467 -7.63 0.74 25.96
CA ARG D 467 -6.35 0.08 25.69
C ARG D 467 -5.17 0.97 26.06
N GLY D 468 -4.34 0.50 26.99
CA GLY D 468 -3.05 1.11 27.22
C GLY D 468 -2.99 2.25 28.20
N ILE D 469 -4.11 2.69 28.76
CA ILE D 469 -4.08 3.80 29.71
C ILE D 469 -3.90 3.23 31.11
N PHE D 470 -2.74 3.51 31.69
CA PHE D 470 -2.40 3.15 33.06
C PHE D 470 -2.71 4.37 33.93
N PRO D 471 -3.82 4.41 34.66
CA PRO D 471 -4.20 5.61 35.39
C PRO D 471 -3.45 5.78 36.71
N VAL D 472 -3.19 7.04 37.03
CA VAL D 472 -2.48 7.39 38.26
C VAL D 472 -3.23 8.54 38.91
N VAL D 473 -3.64 8.35 40.14
CA VAL D 473 -4.38 9.39 40.86
C VAL D 473 -3.37 10.28 41.57
N CYS D 474 -3.42 11.57 41.28
CA CYS D 474 -2.63 12.58 41.96
C CYS D 474 -3.45 13.17 43.10
N LYS D 475 -2.95 13.02 44.33
CA LYS D 475 -3.64 13.50 45.52
C LYS D 475 -3.02 14.76 46.09
N ASP D 476 -1.94 15.25 45.49
CA ASP D 476 -1.29 16.46 45.95
C ASP D 476 -2.18 17.67 45.69
N PRO D 477 -2.09 18.70 46.52
CA PRO D 477 -2.87 19.92 46.26
C PRO D 477 -2.36 20.67 45.04
N VAL D 478 -3.23 21.49 44.47
CA VAL D 478 -2.91 22.24 43.27
C VAL D 478 -1.83 23.28 43.60
N GLN D 479 -0.79 23.34 42.76
CA GLN D 479 0.25 24.34 42.93
C GLN D 479 -0.19 25.65 42.29
N GLU D 480 0.13 26.77 42.94
CA GLU D 480 -0.33 28.05 42.43
C GLU D 480 0.28 28.36 41.07
N ALA D 481 1.56 28.01 40.88
CA ALA D 481 2.25 28.22 39.62
C ALA D 481 1.97 27.03 38.68
N TRP D 482 1.24 27.29 37.59
CA TRP D 482 0.86 26.21 36.68
C TRP D 482 2.05 25.39 36.24
N ALA D 483 3.17 26.04 35.92
CA ALA D 483 4.39 25.31 35.55
C ALA D 483 4.77 24.30 36.62
N GLU D 484 4.66 24.68 37.89
CA GLU D 484 5.04 23.78 38.97
C GLU D 484 3.99 22.68 39.20
N ASP D 485 2.71 23.00 39.03
CA ASP D 485 1.71 21.94 39.15
C ASP D 485 1.91 20.90 38.04
N VAL D 486 2.24 21.37 36.84
CA VAL D 486 2.50 20.43 35.73
C VAL D 486 3.68 19.53 36.06
N ASP D 487 4.81 20.14 36.45
CA ASP D 487 6.00 19.34 36.75
C ASP D 487 5.74 18.36 37.88
N LEU D 488 4.99 18.78 38.90
CA LEU D 488 4.68 17.87 40.00
C LEU D 488 3.97 16.63 39.48
N ARG D 489 3.00 16.81 38.59
CA ARG D 489 2.26 15.66 38.09
C ARG D 489 3.09 14.84 37.11
N VAL D 490 3.91 15.50 36.29
CA VAL D 490 4.76 14.74 35.37
C VAL D 490 5.77 13.92 36.16
N ASN D 491 6.32 14.49 37.23
CA ASN D 491 7.26 13.74 38.05
C ASN D 491 6.59 12.55 38.73
N LEU D 492 5.36 12.74 39.19
CA LEU D 492 4.59 11.61 39.70
C LEU D 492 4.58 10.48 38.68
N ALA D 493 4.27 10.80 37.43
CA ALA D 493 4.28 9.80 36.36
C ALA D 493 5.66 9.17 36.23
N MET D 494 6.70 10.00 36.30
CA MET D 494 8.06 9.48 36.19
C MET D 494 8.34 8.44 37.27
N ASN D 495 8.01 8.75 38.53
CA ASN D 495 8.27 7.84 39.65
C ASN D 495 7.45 6.56 39.56
N VAL D 496 6.16 6.68 39.26
CA VAL D 496 5.34 5.49 39.07
C VAL D 496 5.96 4.58 38.01
N GLY D 497 6.42 5.17 36.90
CA GLY D 497 6.94 4.37 35.81
C GLY D 497 8.22 3.64 36.17
N LYS D 498 9.11 4.29 36.94
CA LYS D 498 10.34 3.62 37.34
C LYS D 498 10.07 2.54 38.38
N ALA D 499 9.11 2.78 39.28
CA ALA D 499 8.78 1.77 40.29
C ALA D 499 8.10 0.56 39.65
N ARG D 500 7.26 0.79 38.64
CA ARG D 500 6.58 -0.29 37.95
C ARG D 500 7.46 -0.99 36.93
N GLY D 501 8.68 -0.49 36.72
CA GLY D 501 9.56 -1.10 35.74
C GLY D 501 9.25 -0.78 34.30
N PHE D 502 8.49 0.28 34.04
CA PHE D 502 8.18 0.63 32.66
C PHE D 502 9.36 1.32 31.99
N PHE D 503 10.18 2.04 32.75
CA PHE D 503 11.36 2.69 32.20
C PHE D 503 12.32 3.01 33.33
N LYS D 504 13.53 3.42 32.96
CA LYS D 504 14.55 3.82 33.92
C LYS D 504 15.23 5.07 33.40
N LYS D 505 16.08 5.64 34.25
CA LYS D 505 16.77 6.89 33.93
C LYS D 505 17.43 6.79 32.56
N GLY D 506 17.25 7.83 31.76
CA GLY D 506 17.84 7.88 30.45
C GLY D 506 16.98 7.32 29.34
N ASP D 507 15.90 6.62 29.68
CA ASP D 507 14.93 6.32 28.63
C ASP D 507 14.24 7.61 28.21
N VAL D 508 13.44 7.51 27.16
CA VAL D 508 12.78 8.68 26.59
C VAL D 508 11.28 8.46 26.65
N VAL D 509 10.54 9.50 27.05
CA VAL D 509 9.09 9.43 27.10
C VAL D 509 8.51 10.63 26.37
N ILE D 510 7.30 10.47 25.84
CA ILE D 510 6.53 11.55 25.28
C ILE D 510 5.63 12.10 26.36
N VAL D 511 5.54 13.42 26.48
CA VAL D 511 4.80 14.05 27.57
C VAL D 511 3.77 15.02 27.00
N LEU D 512 2.50 14.82 27.35
CA LEU D 512 1.37 15.62 26.86
C LEU D 512 0.77 16.42 28.00
N THR D 513 0.79 17.75 27.88
CA THR D 513 0.31 18.66 28.90
C THR D 513 -0.42 19.82 28.23
N GLY D 514 -1.21 20.54 29.04
CA GLY D 514 -1.82 21.78 28.58
C GLY D 514 -0.85 22.95 28.78
N TRP D 515 -0.74 23.79 27.76
CA TRP D 515 0.19 24.93 27.83
C TRP D 515 -0.17 25.84 28.99
N ARG D 516 -1.43 26.21 29.12
CA ARG D 516 -1.92 27.08 30.16
C ARG D 516 -3.01 26.39 30.97
N PRO D 517 -3.31 26.87 32.17
CA PRO D 517 -4.39 26.24 32.95
C PRO D 517 -5.70 26.15 32.17
N GLY D 518 -5.90 27.03 31.20
CA GLY D 518 -7.14 27.10 30.46
C GLY D 518 -7.17 26.36 29.14
N SER D 519 -6.05 25.80 28.69
CA SER D 519 -6.06 24.93 27.52
C SER D 519 -7.11 23.84 27.71
N GLY D 520 -8.01 23.70 26.75
CA GLY D 520 -9.04 22.68 26.92
C GLY D 520 -8.61 21.26 26.68
N PHE D 521 -7.33 21.02 26.41
CA PHE D 521 -6.81 19.70 26.08
C PHE D 521 -5.30 19.81 26.08
N THR D 522 -4.62 18.67 25.96
CA THR D 522 -3.16 18.65 25.95
C THR D 522 -2.66 19.14 24.59
N ASN D 523 -2.35 20.44 24.51
CA ASN D 523 -1.88 21.06 23.28
C ASN D 523 -0.36 21.16 23.22
N THR D 524 0.33 20.61 24.21
CA THR D 524 1.79 20.65 24.28
C THR D 524 2.31 19.22 24.30
N MET D 525 3.25 18.92 23.41
CA MET D 525 3.95 17.64 23.41
C MET D 525 5.46 17.86 23.53
N ARG D 526 6.09 17.02 24.35
CA ARG D 526 7.53 17.03 24.55
C ARG D 526 8.08 15.61 24.49
N VAL D 527 9.29 15.48 23.95
CA VAL D 527 10.11 14.29 24.16
C VAL D 527 11.06 14.61 25.29
N VAL D 528 11.07 13.79 26.33
CA VAL D 528 11.69 14.11 27.61
C VAL D 528 12.53 12.92 28.04
N PRO D 529 13.77 13.12 28.48
CA PRO D 529 14.52 12.01 29.07
C PRO D 529 14.00 11.73 30.48
N VAL D 530 13.88 10.45 30.80
CA VAL D 530 13.49 10.06 32.15
C VAL D 530 14.63 10.46 33.09
N PRO D 531 14.37 11.28 34.13
CA PRO D 531 15.44 11.75 35.01
C PRO D 531 15.91 10.65 35.98
C1 GOL E . 32.98 22.62 -21.20
O1 GOL E . 33.73 23.49 -20.43
C2 GOL E . 32.30 21.62 -20.27
O2 GOL E . 31.38 22.25 -19.45
C3 GOL E . 33.46 20.96 -19.47
O3 GOL E . 34.54 20.81 -20.34
C1 EDO F . 27.65 15.36 6.04
O1 EDO F . 27.12 16.68 6.19
C2 EDO F . 29.03 15.44 5.38
O2 EDO F . 29.87 16.32 6.14
C1 GOL G . 34.48 16.87 -19.26
O1 GOL G . 34.36 16.10 -20.42
C2 GOL G . 35.48 16.15 -18.33
O2 GOL G . 35.11 14.83 -18.10
C3 GOL G . 35.49 16.97 -17.03
O3 GOL G . 35.91 18.23 -17.38
C1 EDO H . 4.59 29.04 -25.74
O1 EDO H . 5.40 29.14 -26.94
C2 EDO H . 3.16 29.42 -26.09
O2 EDO H . 2.78 28.84 -27.35
K K I . 17.89 23.75 16.08
K K J . 30.48 26.91 -13.49
MG MG K . 28.10 21.98 -16.18
C PYR L . 25.45 22.07 -16.00
O PYR L . 24.16 21.88 -16.14
OXT PYR L . 26.27 21.40 -16.76
CA PYR L . 25.96 22.94 -15.03
O3 PYR L . 27.26 22.96 -14.83
CB PYR L . 25.06 23.84 -14.22
C TRS M . 11.40 29.89 0.26
C1 TRS M . 11.13 31.37 0.48
C2 TRS M . 11.46 29.55 -1.22
C3 TRS M . 10.31 29.09 0.96
N TRS M . 12.69 29.54 0.85
O1 TRS M . 11.47 31.70 1.81
O2 TRS M . 10.25 29.94 -1.82
O3 TRS M . 10.60 27.72 0.84
C1 GOL N . -11.08 29.21 -30.44
O1 GOL N . -12.05 28.46 -31.15
C2 GOL N . -11.29 28.90 -28.93
O2 GOL N . -12.61 28.67 -28.66
C3 GOL N . -10.76 30.14 -28.15
O3 GOL N . -9.77 30.73 -28.91
K K O . -5.63 21.19 -36.72
K K P . -10.63 -10.17 -30.27
MG MG Q . -4.88 23.10 -31.32
C PYR R . -2.56 21.76 -30.09
O PYR R . -1.58 21.38 -29.31
OXT PYR R . -3.19 22.89 -29.88
CA PYR R . -2.94 20.95 -31.15
O3 PYR R . -3.81 21.42 -32.02
CB PYR R . -2.37 19.57 -31.33
C1 GOL S . -14.39 -2.75 -21.47
O1 GOL S . -14.17 -2.11 -20.25
C2 GOL S . -14.02 -4.24 -21.24
O2 GOL S . -14.65 -4.73 -20.11
C3 GOL S . -14.45 -4.98 -22.54
O3 GOL S . -13.55 -6.06 -22.71
C1 GOL T . -5.21 29.15 -33.85
O1 GOL T . -5.96 29.42 -35.00
C2 GOL T . -6.18 28.47 -32.85
O2 GOL T . -5.50 27.82 -31.84
C3 GOL T . -7.03 29.61 -32.28
O3 GOL T . -8.27 29.58 -32.92
K K U . 0.89 -39.55 18.44
K K V . 0.36 -31.67 -12.89
MG MG W . 4.78 -35.28 21.81
C TRS X . -11.17 -30.28 0.59
C1 TRS X . -9.75 -30.85 0.55
C2 TRS X . -11.48 -29.86 2.01
C3 TRS X . -12.23 -31.36 0.30
N TRS X . -11.29 -29.05 -0.25
O1 TRS X . -8.80 -29.88 1.00
O2 TRS X . -12.88 -29.73 2.05
O3 TRS X . -12.34 -31.80 -1.04
C1 GOL Y . 6.50 -25.28 -7.82
O1 GOL Y . 6.14 -25.17 -9.20
C2 GOL Y . 7.83 -24.52 -7.61
O2 GOL Y . 7.70 -23.17 -7.94
C3 GOL Y . 8.19 -24.66 -6.10
O3 GOL Y . 7.54 -23.60 -5.45
H11 GOL Y . 6.62 -26.20 -7.54
H12 GOL Y . 5.83 -24.91 -7.23
HO1 GOL Y . 6.80 -24.79 -9.60
H2 GOL Y . 8.50 -24.91 -8.18
HO2 GOL Y . 6.87 -22.99 -8.00
H31 GOL Y . 9.16 -24.64 -6.01
H32 GOL Y . 7.92 -25.54 -5.79
HO3 GOL Y . 7.76 -23.64 -4.62
C1 GOL Z . -0.21 -5.80 37.07
O1 GOL Z . -0.78 -6.48 36.00
C2 GOL Z . 0.65 -6.82 37.84
O2 GOL Z . 1.96 -6.41 37.95
C3 GOL Z . 0.51 -8.15 37.05
O3 GOL Z . 1.57 -8.97 37.45
K K AA . -26.16 -9.95 33.42
K K BA . -8.06 16.40 28.72
MG MG CA . -29.24 -11.95 27.23
C1 GOL DA . -32.83 -5.42 12.86
O1 GOL DA . -32.69 -4.55 11.77
C2 GOL DA . -33.49 -6.78 12.36
O2 GOL DA . -32.94 -7.86 12.99
C3 GOL DA . -34.98 -6.59 12.69
O3 GOL DA . -35.71 -7.45 11.86
H11 GOL DA . -33.38 -5.04 13.56
H12 GOL DA . -31.97 -5.63 13.28
HO1 GOL DA . -33.40 -4.66 11.29
H2 GOL DA . -33.36 -6.93 11.41
HO2 GOL DA . -33.56 -8.31 13.33
H31 GOL DA . -35.21 -5.65 12.56
H32 GOL DA . -35.11 -6.77 13.63
HO3 GOL DA . -35.48 -8.24 12.08
#